data_6VGB
#
_entry.id   6VGB
#
_cell.length_a   1.000
_cell.length_b   1.000
_cell.length_c   1.000
_cell.angle_alpha   90.00
_cell.angle_beta   90.00
_cell.angle_gamma   90.00
#
_symmetry.space_group_name_H-M   'P 1'
#
_entity_poly.entity_id   1
_entity_poly.type   'polypeptide(L)'
_entity_poly.pdbx_seq_one_letter_code
;MGSSHHHHHHSSGLVPRGSHMGLLVLIWSNDKKLIEEARKMAEKANLYLLTLETDDKKIEDILKSLGPPVKILVLLEDTK
DADKVKKEIEKKARKKNLPVRIRKVTSPDEAKRWIKEFSEE
;
_entity_poly.pdbx_strand_id   A
#
# COMPACT_ATOMS: atom_id res chain seq x y z
N GLY A 22 10.55 8.60 -1.57
CA GLY A 22 10.11 7.30 -2.13
C GLY A 22 9.05 6.66 -1.29
N LEU A 23 7.79 6.89 -1.65
CA LEU A 23 6.67 6.35 -0.90
C LEU A 23 5.74 5.57 -1.81
N LEU A 24 5.48 4.32 -1.46
CA LEU A 24 4.57 3.48 -2.23
C LEU A 24 3.41 3.05 -1.34
N VAL A 25 2.22 3.01 -1.91
CA VAL A 25 1.03 2.63 -1.15
C VAL A 25 0.45 1.33 -1.68
N LEU A 26 0.14 0.42 -0.78
CA LEU A 26 -0.52 -0.82 -1.15
C LEU A 26 -1.79 -0.97 -0.34
N ILE A 27 -2.84 -1.48 -0.98
CA ILE A 27 -4.12 -1.62 -0.31
C ILE A 27 -4.84 -2.88 -0.76
N TRP A 28 -5.35 -3.64 0.20
CA TRP A 28 -6.21 -4.75 -0.14
C TRP A 28 -7.46 -4.70 0.74
N SER A 29 -8.48 -4.08 0.20
CA SER A 29 -9.80 -4.10 0.77
C SER A 29 -10.81 -4.07 -0.37
N ASN A 30 -11.64 -5.09 -0.52
CA ASN A 30 -12.59 -5.05 -1.62
C ASN A 30 -13.81 -4.25 -1.24
N ASP A 31 -13.59 -2.95 -1.15
CA ASP A 31 -14.65 -1.97 -0.96
C ASP A 31 -14.65 -1.01 -2.14
N LYS A 32 -15.83 -0.59 -2.59
CA LYS A 32 -15.91 0.28 -3.76
C LYS A 32 -15.34 1.68 -3.49
N LYS A 33 -15.53 2.20 -2.28
CA LYS A 33 -15.13 3.58 -2.00
C LYS A 33 -13.71 3.66 -1.47
N LEU A 34 -13.30 2.67 -0.67
CA LEU A 34 -11.95 2.66 -0.10
C LEU A 34 -10.89 2.72 -1.18
N ILE A 35 -11.04 1.85 -2.19
CA ILE A 35 -10.09 1.79 -3.28
C ILE A 35 -10.08 3.10 -4.06
N GLU A 36 -11.26 3.58 -4.42
CA GLU A 36 -11.39 4.77 -5.26
C GLU A 36 -10.86 6.01 -4.55
N GLU A 37 -11.14 6.11 -3.26
CA GLU A 37 -10.73 7.26 -2.47
C GLU A 37 -9.22 7.32 -2.35
N ALA A 38 -8.61 6.16 -2.08
CA ALA A 38 -7.17 6.06 -1.93
C ALA A 38 -6.44 6.44 -3.21
N ARG A 39 -7.03 6.06 -4.34
CA ARG A 39 -6.44 6.36 -5.66
C ARG A 39 -6.24 7.86 -5.83
N LYS A 40 -7.32 8.61 -5.59
CA LYS A 40 -7.30 10.05 -5.79
C LYS A 40 -6.34 10.74 -4.84
N MET A 41 -6.39 10.36 -3.57
CA MET A 41 -5.60 11.05 -2.55
C MET A 41 -4.11 10.81 -2.75
N ALA A 42 -3.75 9.57 -3.08
CA ALA A 42 -2.36 9.23 -3.35
C ALA A 42 -1.88 9.93 -4.61
N GLU A 43 -2.73 9.93 -5.62
CA GLU A 43 -2.43 10.60 -6.88
C GLU A 43 -2.22 12.09 -6.66
N LYS A 44 -2.97 12.66 -5.71
CA LYS A 44 -2.87 14.07 -5.38
C LYS A 44 -1.46 14.40 -4.87
N ALA A 45 -0.87 13.47 -4.15
CA ALA A 45 0.47 13.67 -3.59
C ALA A 45 1.53 13.02 -4.47
N ASN A 46 1.12 12.69 -5.71
CA ASN A 46 2.01 12.09 -6.70
C ASN A 46 2.57 10.76 -6.19
N LEU A 47 1.71 9.95 -5.62
CA LEU A 47 2.09 8.62 -5.17
C LEU A 47 1.52 7.57 -6.09
N TYR A 48 1.86 6.32 -5.83
CA TYR A 48 1.31 5.20 -6.57
C TYR A 48 0.81 4.14 -5.61
N LEU A 49 -0.40 3.65 -5.85
CA LEU A 49 -0.97 2.61 -5.01
C LEU A 49 -1.34 1.41 -5.87
N LEU A 50 -1.26 0.22 -5.27
CA LEU A 50 -1.64 -0.99 -5.97
C LEU A 50 -2.54 -1.84 -5.09
N THR A 51 -3.43 -2.58 -5.72
CA THR A 51 -4.22 -3.58 -5.04
C THR A 51 -3.43 -4.88 -5.03
N LEU A 52 -3.60 -5.71 -4.02
CA LEU A 52 -2.76 -6.86 -3.88
C LEU A 52 -3.37 -8.08 -4.56
N GLU A 53 -2.77 -8.44 -5.69
CA GLU A 53 -3.18 -9.60 -6.47
C GLU A 53 -1.95 -10.20 -7.13
N THR A 54 -1.29 -9.39 -7.94
CA THR A 54 0.01 -9.74 -8.48
C THR A 54 1.09 -8.82 -7.87
N ASP A 55 1.91 -9.39 -7.01
CA ASP A 55 2.89 -8.60 -6.25
C ASP A 55 4.18 -8.42 -7.03
N ASP A 56 4.83 -9.52 -7.33
CA ASP A 56 6.17 -9.53 -7.90
C ASP A 56 6.27 -8.67 -9.17
N LYS A 57 5.32 -8.83 -10.08
CA LYS A 57 5.42 -8.19 -11.39
C LYS A 57 5.02 -6.72 -11.34
N LYS A 58 3.89 -6.42 -10.74
CA LYS A 58 3.38 -5.05 -10.72
C LYS A 58 4.13 -4.18 -9.71
N ILE A 59 4.24 -4.66 -8.48
CA ILE A 59 4.79 -3.86 -7.39
C ILE A 59 6.26 -3.52 -7.63
N GLU A 60 7.07 -4.51 -8.00
CA GLU A 60 8.50 -4.28 -8.18
C GLU A 60 8.77 -3.32 -9.32
N ASP A 61 8.00 -3.46 -10.41
CA ASP A 61 8.16 -2.60 -11.58
C ASP A 61 7.98 -1.14 -11.20
N ILE A 62 6.87 -0.85 -10.53
CA ILE A 62 6.54 0.51 -10.15
C ILE A 62 7.50 1.05 -9.09
N LEU A 63 7.81 0.23 -8.08
CA LEU A 63 8.65 0.68 -6.98
C LEU A 63 10.06 1.00 -7.49
N LYS A 64 10.51 0.25 -8.50
CA LYS A 64 11.82 0.48 -9.11
C LYS A 64 11.83 1.80 -9.88
N SER A 65 10.65 2.26 -10.26
CA SER A 65 10.53 3.50 -11.00
C SER A 65 10.59 4.72 -10.07
N LEU A 66 10.34 4.48 -8.78
CA LEU A 66 10.36 5.56 -7.79
C LEU A 66 11.80 6.08 -7.58
N GLY A 67 12.75 5.16 -7.54
CA GLY A 67 14.15 5.56 -7.42
C GLY A 67 14.79 5.11 -6.13
N PRO A 68 14.81 5.97 -5.10
CA PRO A 68 15.47 5.67 -3.80
C PRO A 68 14.81 4.51 -3.07
N PRO A 69 15.40 4.06 -1.93
CA PRO A 69 14.77 3.07 -1.06
C PRO A 69 13.34 3.47 -0.71
N VAL A 70 12.39 2.69 -1.16
CA VAL A 70 10.99 3.08 -1.07
C VAL A 70 10.34 2.51 0.19
N LYS A 71 9.60 3.34 0.89
CA LYS A 71 8.83 2.91 2.05
C LYS A 71 7.40 2.62 1.62
N ILE A 72 6.90 1.46 1.99
CA ILE A 72 5.58 1.05 1.58
C ILE A 72 4.57 1.16 2.72
N LEU A 73 3.49 1.87 2.45
CA LEU A 73 2.39 2.01 3.41
C LEU A 73 1.24 1.13 2.92
N VAL A 74 0.89 0.12 3.72
CA VAL A 74 -0.10 -0.86 3.30
C VAL A 74 -1.37 -0.78 4.14
N LEU A 75 -2.51 -0.76 3.47
CA LEU A 75 -3.81 -0.82 4.15
C LEU A 75 -4.42 -2.19 3.96
N LEU A 76 -4.62 -2.91 5.06
CA LEU A 76 -5.22 -4.23 4.98
C LEU A 76 -6.46 -4.29 5.87
N GLU A 77 -7.63 -4.33 5.24
CA GLU A 77 -8.88 -4.46 5.96
C GLU A 77 -8.99 -5.86 6.56
N ASP A 78 -9.55 -5.97 7.76
CA ASP A 78 -9.65 -7.26 8.43
C ASP A 78 -10.67 -8.15 7.74
N THR A 79 -10.20 -8.88 6.74
CA THR A 79 -11.02 -9.84 6.03
C THR A 79 -10.50 -11.26 6.31
N LYS A 80 -11.26 -12.28 5.94
CA LYS A 80 -10.84 -13.67 6.14
C LYS A 80 -9.46 -13.93 5.54
N ASP A 81 -9.32 -13.63 4.25
CA ASP A 81 -8.09 -13.90 3.51
C ASP A 81 -6.94 -13.00 3.94
N ALA A 82 -7.26 -11.85 4.52
CA ALA A 82 -6.27 -10.81 4.84
C ALA A 82 -5.01 -11.33 5.53
N ASP A 83 -5.11 -12.45 6.24
CA ASP A 83 -3.97 -12.96 7.01
C ASP A 83 -2.93 -13.55 6.07
N LYS A 84 -3.39 -14.09 4.95
CA LYS A 84 -2.50 -14.71 3.98
C LYS A 84 -1.80 -13.64 3.19
N VAL A 85 -2.48 -12.51 2.99
CA VAL A 85 -1.91 -11.40 2.24
C VAL A 85 -0.93 -10.64 3.14
N LYS A 86 -1.26 -10.53 4.42
CA LYS A 86 -0.37 -9.94 5.40
C LYS A 86 0.91 -10.75 5.48
N LYS A 87 0.75 -12.08 5.49
CA LYS A 87 1.85 -13.00 5.51
C LYS A 87 2.76 -12.77 4.30
N GLU A 88 2.17 -12.82 3.11
CA GLU A 88 2.92 -12.68 1.87
C GLU A 88 3.60 -11.32 1.75
N ILE A 89 2.89 -10.27 2.16
CA ILE A 89 3.45 -8.93 2.14
C ILE A 89 4.72 -8.85 2.99
N GLU A 90 4.62 -9.27 4.24
CA GLU A 90 5.72 -9.14 5.17
C GLU A 90 6.86 -10.10 4.84
N LYS A 91 6.54 -11.29 4.33
CA LYS A 91 7.56 -12.22 3.89
C LYS A 91 8.37 -11.62 2.75
N LYS A 92 7.66 -11.02 1.79
CA LYS A 92 8.31 -10.34 0.67
C LYS A 92 9.00 -9.07 1.13
N ALA A 93 8.47 -8.44 2.18
CA ALA A 93 9.06 -7.24 2.73
C ALA A 93 10.45 -7.52 3.28
N ARG A 94 10.60 -8.63 3.97
CA ARG A 94 11.88 -9.03 4.53
C ARG A 94 12.80 -9.48 3.41
N LYS A 95 12.25 -10.28 2.50
CA LYS A 95 12.99 -10.82 1.37
C LYS A 95 13.54 -9.70 0.49
N LYS A 96 12.70 -8.74 0.15
CA LYS A 96 13.08 -7.68 -0.77
C LYS A 96 13.63 -6.47 -0.02
N ASN A 97 13.87 -6.67 1.29
CA ASN A 97 14.45 -5.66 2.20
C ASN A 97 13.83 -4.28 2.01
N LEU A 98 12.52 -4.22 1.94
CA LEU A 98 11.81 -2.96 1.78
C LEU A 98 11.05 -2.59 3.04
N PRO A 99 11.27 -1.37 3.59
CA PRO A 99 10.48 -0.87 4.71
C PRO A 99 8.99 -0.88 4.40
N VAL A 100 8.23 -1.63 5.19
CA VAL A 100 6.79 -1.74 4.99
C VAL A 100 6.06 -1.52 6.31
N ARG A 101 5.01 -0.71 6.27
CA ARG A 101 4.19 -0.48 7.45
C ARG A 101 2.73 -0.75 7.13
N ILE A 102 2.15 -1.72 7.83
CA ILE A 102 0.78 -2.15 7.56
C ILE A 102 -0.19 -1.59 8.59
N ARG A 103 -1.31 -1.05 8.11
CA ARG A 103 -2.38 -0.59 8.98
C ARG A 103 -3.69 -1.25 8.59
N LYS A 104 -4.38 -1.83 9.57
CA LYS A 104 -5.68 -2.43 9.34
C LYS A 104 -6.77 -1.39 9.53
N VAL A 105 -7.26 -0.83 8.43
CA VAL A 105 -8.22 0.26 8.52
C VAL A 105 -9.41 0.04 7.58
N THR A 106 -10.58 0.46 8.05
CA THR A 106 -11.74 0.57 7.18
C THR A 106 -12.33 1.97 7.33
N SER A 107 -11.93 2.86 6.44
CA SER A 107 -12.39 4.23 6.44
C SER A 107 -11.68 5.01 5.34
N PRO A 108 -12.45 5.67 4.45
CA PRO A 108 -11.87 6.49 3.39
C PRO A 108 -11.12 7.68 3.96
N ASP A 109 -11.59 8.17 5.10
CA ASP A 109 -10.97 9.31 5.77
C ASP A 109 -9.64 8.92 6.39
N GLU A 110 -9.62 7.80 7.11
CA GLU A 110 -8.39 7.30 7.74
C GLU A 110 -7.35 7.00 6.67
N ALA A 111 -7.78 6.40 5.56
CA ALA A 111 -6.89 6.10 4.44
C ALA A 111 -6.21 7.36 3.94
N LYS A 112 -7.00 8.39 3.70
CA LYS A 112 -6.49 9.67 3.22
C LYS A 112 -5.45 10.24 4.17
N ARG A 113 -5.65 10.03 5.47
CA ARG A 113 -4.73 10.55 6.47
C ARG A 113 -3.41 9.80 6.42
N TRP A 114 -3.46 8.48 6.59
CA TRP A 114 -2.24 7.66 6.62
C TRP A 114 -1.42 7.86 5.36
N ILE A 115 -2.09 7.92 4.23
CA ILE A 115 -1.41 8.13 2.95
C ILE A 115 -0.66 9.47 2.96
N LYS A 116 -1.36 10.54 3.33
CA LYS A 116 -0.79 11.89 3.26
C LYS A 116 0.30 12.12 4.30
N GLU A 117 0.19 11.46 5.45
CA GLU A 117 1.20 11.59 6.49
C GLU A 117 2.50 10.90 6.08
N PHE A 118 2.38 9.94 5.17
CA PHE A 118 3.55 9.28 4.61
C PHE A 118 4.05 10.00 3.35
N SER A 119 3.18 10.83 2.78
CA SER A 119 3.50 11.55 1.55
C SER A 119 4.51 12.66 1.79
N GLU A 120 4.65 13.07 3.04
CA GLU A 120 5.45 14.25 3.36
C GLU A 120 6.89 13.86 3.71
N GLU A 121 7.37 12.78 3.13
CA GLU A 121 8.75 12.37 3.33
C GLU A 121 9.55 12.59 2.05
N GLY A 22 10.50 9.41 -1.35
CA GLY A 22 9.52 8.72 -2.23
C GLY A 22 8.58 7.85 -1.42
N LEU A 23 7.38 7.63 -1.94
CA LEU A 23 6.37 6.92 -1.20
C LEU A 23 5.56 5.99 -2.10
N LEU A 24 5.49 4.73 -1.69
CA LEU A 24 4.66 3.74 -2.37
C LEU A 24 3.68 3.17 -1.35
N VAL A 25 2.45 2.90 -1.78
CA VAL A 25 1.44 2.39 -0.86
C VAL A 25 0.79 1.10 -1.39
N LEU A 26 0.94 0.03 -0.62
CA LEU A 26 0.30 -1.24 -0.93
C LEU A 26 -1.01 -1.32 -0.16
N ILE A 27 -2.13 -1.34 -0.87
CA ILE A 27 -3.42 -1.34 -0.21
C ILE A 27 -4.29 -2.48 -0.73
N TRP A 28 -4.60 -3.43 0.15
CA TRP A 28 -5.45 -4.53 -0.23
C TRP A 28 -6.72 -4.51 0.61
N SER A 29 -7.77 -3.97 0.03
CA SER A 29 -9.08 -3.94 0.65
C SER A 29 -10.14 -4.18 -0.40
N ASN A 30 -11.23 -4.84 -0.04
CA ASN A 30 -12.33 -5.00 -0.98
C ASN A 30 -13.50 -4.15 -0.52
N ASP A 31 -13.34 -2.84 -0.65
CA ASP A 31 -14.41 -1.89 -0.40
C ASP A 31 -14.72 -1.15 -1.69
N LYS A 32 -15.85 -0.46 -1.76
CA LYS A 32 -16.14 0.33 -2.94
C LYS A 32 -15.43 1.69 -2.88
N LYS A 33 -15.84 2.52 -1.93
CA LYS A 33 -15.38 3.90 -1.87
C LYS A 33 -13.98 4.03 -1.30
N LEU A 34 -13.57 3.10 -0.44
CA LEU A 34 -12.25 3.16 0.16
C LEU A 34 -11.17 3.21 -0.92
N ILE A 35 -11.33 2.38 -1.94
CA ILE A 35 -10.40 2.34 -3.06
C ILE A 35 -10.42 3.66 -3.83
N GLU A 36 -11.63 4.17 -4.08
CA GLU A 36 -11.80 5.41 -4.84
C GLU A 36 -11.25 6.60 -4.08
N GLU A 37 -11.42 6.58 -2.76
CA GLU A 37 -10.94 7.67 -1.91
C GLU A 37 -9.41 7.65 -1.81
N ALA A 38 -8.85 6.46 -1.63
CA ALA A 38 -7.41 6.31 -1.57
C ALA A 38 -6.79 6.69 -2.92
N ARG A 39 -7.43 6.25 -3.99
CA ARG A 39 -6.95 6.50 -5.35
C ARG A 39 -6.83 7.99 -5.63
N LYS A 40 -7.91 8.74 -5.41
CA LYS A 40 -7.92 10.17 -5.73
C LYS A 40 -6.92 10.94 -4.88
N MET A 41 -6.82 10.58 -3.60
CA MET A 41 -5.93 11.30 -2.69
C MET A 41 -4.48 11.03 -3.04
N ALA A 42 -4.18 9.78 -3.36
CA ALA A 42 -2.84 9.38 -3.73
C ALA A 42 -2.44 10.01 -5.06
N GLU A 43 -3.39 10.07 -5.99
CA GLU A 43 -3.13 10.64 -7.31
C GLU A 43 -2.77 12.13 -7.18
N LYS A 44 -3.49 12.83 -6.30
CA LYS A 44 -3.22 14.25 -6.08
C LYS A 44 -1.88 14.44 -5.38
N ALA A 45 -1.49 13.48 -4.57
CA ALA A 45 -0.24 13.54 -3.84
C ALA A 45 0.90 12.86 -4.60
N ASN A 46 0.61 12.49 -5.86
CA ASN A 46 1.60 11.88 -6.74
C ASN A 46 2.14 10.57 -6.17
N LEU A 47 1.26 9.78 -5.59
CA LEU A 47 1.64 8.51 -4.98
C LEU A 47 1.16 7.34 -5.83
N TYR A 48 1.72 6.17 -5.58
CA TYR A 48 1.34 4.98 -6.31
C TYR A 48 0.82 3.91 -5.36
N LEU A 49 -0.47 3.61 -5.45
CA LEU A 49 -1.07 2.55 -4.65
C LEU A 49 -1.18 1.28 -5.46
N LEU A 50 -0.96 0.18 -4.79
CA LEU A 50 -0.95 -1.13 -5.44
C LEU A 50 -1.90 -2.09 -4.74
N THR A 51 -2.68 -2.82 -5.52
CA THR A 51 -3.56 -3.86 -5.00
C THR A 51 -3.35 -5.14 -5.81
N LEU A 52 -2.61 -6.08 -5.26
CA LEU A 52 -2.19 -7.27 -6.00
C LEU A 52 -1.84 -8.41 -5.05
N GLU A 53 -1.99 -9.64 -5.52
CA GLU A 53 -1.50 -10.81 -4.81
C GLU A 53 -0.11 -11.22 -5.32
N THR A 54 0.20 -10.82 -6.55
CA THR A 54 1.47 -11.17 -7.18
C THR A 54 2.47 -10.00 -7.10
N ASP A 55 3.48 -10.21 -6.28
CA ASP A 55 4.45 -9.17 -5.92
C ASP A 55 5.23 -8.66 -7.13
N ASP A 56 5.80 -9.60 -7.85
CA ASP A 56 6.70 -9.29 -8.96
C ASP A 56 6.08 -8.33 -9.96
N LYS A 57 4.86 -8.63 -10.37
CA LYS A 57 4.22 -7.86 -11.44
C LYS A 57 4.10 -6.39 -11.09
N LYS A 58 3.27 -6.06 -10.11
CA LYS A 58 2.95 -4.67 -9.84
C LYS A 58 3.99 -4.01 -8.94
N ILE A 59 4.36 -4.70 -7.86
CA ILE A 59 5.25 -4.10 -6.86
C ILE A 59 6.63 -3.84 -7.43
N GLU A 60 7.23 -4.86 -8.04
CA GLU A 60 8.59 -4.74 -8.54
C GLU A 60 8.67 -3.78 -9.71
N ASP A 61 7.60 -3.71 -10.50
CA ASP A 61 7.53 -2.78 -11.61
C ASP A 61 7.67 -1.33 -11.12
N ILE A 62 6.81 -0.94 -10.18
CA ILE A 62 6.82 0.43 -9.68
C ILE A 62 8.07 0.71 -8.85
N LEU A 63 8.44 -0.22 -7.98
CA LEU A 63 9.67 -0.08 -7.18
C LEU A 63 10.92 -0.08 -8.05
N LYS A 64 10.78 -0.48 -9.31
CA LYS A 64 11.88 -0.36 -10.26
C LYS A 64 12.14 1.11 -10.55
N SER A 65 11.06 1.88 -10.66
CA SER A 65 11.16 3.32 -10.87
C SER A 65 11.39 4.02 -9.53
N LEU A 66 10.78 3.49 -8.48
CA LEU A 66 10.94 4.02 -7.13
C LEU A 66 12.06 3.29 -6.40
N GLY A 67 13.10 2.93 -7.16
CA GLY A 67 14.25 2.22 -6.62
C GLY A 67 14.92 2.90 -5.44
N PRO A 68 15.28 4.22 -5.55
CA PRO A 68 15.79 5.03 -4.43
C PRO A 68 15.06 4.79 -3.10
N PRO A 69 15.65 5.20 -1.97
CA PRO A 69 15.05 5.04 -0.64
C PRO A 69 13.60 5.50 -0.61
N VAL A 70 12.68 4.55 -0.55
CA VAL A 70 11.27 4.84 -0.62
C VAL A 70 10.52 4.15 0.52
N LYS A 71 9.57 4.87 1.09
CA LYS A 71 8.77 4.36 2.19
C LYS A 71 7.59 3.57 1.65
N ILE A 72 7.35 2.40 2.21
CA ILE A 72 6.25 1.57 1.76
C ILE A 72 5.14 1.52 2.80
N LEU A 73 4.06 2.22 2.52
CA LEU A 73 2.88 2.21 3.38
C LEU A 73 1.95 1.09 2.95
N VAL A 74 1.54 0.24 3.89
CA VAL A 74 0.69 -0.87 3.56
C VAL A 74 -0.64 -0.79 4.31
N LEU A 75 -1.72 -0.67 3.56
CA LEU A 75 -3.07 -0.65 4.13
C LEU A 75 -3.76 -1.97 3.88
N LEU A 76 -4.17 -2.64 4.95
CA LEU A 76 -4.82 -3.92 4.83
C LEU A 76 -6.19 -3.90 5.47
N GLU A 77 -7.13 -4.55 4.81
CA GLU A 77 -8.48 -4.70 5.34
C GLU A 77 -8.57 -6.05 6.06
N ASP A 78 -9.39 -6.15 7.10
CA ASP A 78 -9.48 -7.41 7.82
C ASP A 78 -10.60 -8.28 7.30
N THR A 79 -10.29 -9.06 6.27
CA THR A 79 -11.20 -10.07 5.77
C THR A 79 -10.64 -11.47 6.04
N LYS A 80 -11.27 -12.48 5.45
CA LYS A 80 -10.81 -13.85 5.61
C LYS A 80 -9.49 -14.09 4.87
N ASP A 81 -9.46 -13.74 3.60
CA ASP A 81 -8.31 -14.02 2.74
C ASP A 81 -7.19 -13.00 2.95
N ALA A 82 -7.57 -11.81 3.40
CA ALA A 82 -6.62 -10.72 3.61
C ALA A 82 -5.52 -11.09 4.60
N ASP A 83 -5.81 -12.03 5.49
CA ASP A 83 -4.81 -12.48 6.47
C ASP A 83 -3.71 -13.23 5.76
N LYS A 84 -4.10 -13.90 4.68
CA LYS A 84 -3.16 -14.63 3.85
C LYS A 84 -2.34 -13.66 3.03
N VAL A 85 -2.98 -12.59 2.55
CA VAL A 85 -2.28 -11.55 1.80
C VAL A 85 -1.24 -10.90 2.70
N LYS A 86 -1.58 -10.71 3.98
CA LYS A 86 -0.63 -10.18 4.93
C LYS A 86 0.57 -11.09 5.05
N LYS A 87 0.32 -12.34 5.41
CA LYS A 87 1.40 -13.31 5.62
C LYS A 87 2.30 -13.44 4.40
N GLU A 88 1.70 -13.57 3.23
CA GLU A 88 2.46 -13.74 2.01
C GLU A 88 3.26 -12.49 1.68
N ILE A 89 2.59 -11.35 1.60
CA ILE A 89 3.24 -10.09 1.26
C ILE A 89 4.29 -9.71 2.31
N GLU A 90 3.97 -9.94 3.57
CA GLU A 90 4.85 -9.50 4.67
C GLU A 90 6.14 -10.31 4.67
N LYS A 91 6.01 -11.62 4.52
CA LYS A 91 7.18 -12.50 4.49
C LYS A 91 8.03 -12.23 3.26
N LYS A 92 7.37 -12.07 2.11
CA LYS A 92 8.08 -11.86 0.86
C LYS A 92 8.73 -10.48 0.79
N ALA A 93 8.05 -9.47 1.30
CA ALA A 93 8.59 -8.12 1.31
C ALA A 93 9.82 -8.04 2.21
N ARG A 94 9.71 -8.59 3.41
CA ARG A 94 10.83 -8.61 4.35
C ARG A 94 11.97 -9.44 3.79
N LYS A 95 11.63 -10.50 3.07
CA LYS A 95 12.61 -11.39 2.46
C LYS A 95 13.34 -10.69 1.32
N LYS A 96 12.81 -9.56 0.89
CA LYS A 96 13.38 -8.82 -0.22
C LYS A 96 13.85 -7.46 0.27
N ASN A 97 14.04 -7.38 1.59
CA ASN A 97 14.56 -6.18 2.25
C ASN A 97 13.69 -4.96 1.98
N LEU A 98 12.40 -5.12 2.14
CA LEU A 98 11.47 -4.02 1.91
C LEU A 98 10.74 -3.69 3.22
N PRO A 99 11.02 -2.51 3.79
CA PRO A 99 10.32 -2.03 4.98
C PRO A 99 8.87 -1.69 4.67
N VAL A 100 7.95 -2.39 5.33
CA VAL A 100 6.55 -2.19 5.07
C VAL A 100 5.81 -1.77 6.35
N ARG A 101 5.24 -0.58 6.32
CA ARG A 101 4.49 -0.08 7.47
C ARG A 101 3.02 -0.43 7.30
N ILE A 102 2.60 -1.48 7.98
CA ILE A 102 1.27 -2.02 7.78
C ILE A 102 0.26 -1.44 8.76
N ARG A 103 -0.82 -0.90 8.21
CA ARG A 103 -1.90 -0.37 9.00
C ARG A 103 -3.22 -0.95 8.51
N LYS A 104 -3.85 -1.78 9.34
CA LYS A 104 -5.14 -2.37 8.99
C LYS A 104 -6.25 -1.36 9.18
N VAL A 105 -6.92 -0.99 8.09
CA VAL A 105 -7.96 0.03 8.14
C VAL A 105 -9.05 -0.27 7.13
N THR A 106 -10.27 0.10 7.50
CA THR A 106 -11.34 0.24 6.53
C THR A 106 -12.17 1.45 6.90
N SER A 107 -11.81 2.57 6.29
CA SER A 107 -12.38 3.89 6.59
C SER A 107 -11.70 4.90 5.68
N PRO A 108 -12.50 5.57 4.81
CA PRO A 108 -12.00 6.47 3.77
C PRO A 108 -11.16 7.62 4.32
N ASP A 109 -11.65 8.29 5.37
CA ASP A 109 -10.94 9.42 5.95
C ASP A 109 -9.62 8.98 6.55
N GLU A 110 -9.66 7.89 7.30
CA GLU A 110 -8.48 7.34 7.96
C GLU A 110 -7.41 6.97 6.94
N ALA A 111 -7.84 6.49 5.77
CA ALA A 111 -6.91 6.01 4.76
C ALA A 111 -6.23 7.20 4.09
N LYS A 112 -7.05 8.18 3.73
CA LYS A 112 -6.55 9.39 3.10
C LYS A 112 -5.64 10.16 4.05
N ARG A 113 -5.88 10.00 5.34
CA ARG A 113 -5.06 10.64 6.36
C ARG A 113 -3.65 10.06 6.35
N TRP A 114 -3.55 8.74 6.35
CA TRP A 114 -2.25 8.08 6.29
C TRP A 114 -1.56 8.39 4.97
N ILE A 115 -2.35 8.54 3.92
CA ILE A 115 -1.81 8.89 2.61
C ILE A 115 -1.20 10.29 2.61
N LYS A 116 -1.81 11.20 3.35
CA LYS A 116 -1.30 12.57 3.44
C LYS A 116 -0.12 12.63 4.40
N GLU A 117 -0.13 11.72 5.36
CA GLU A 117 0.95 11.61 6.33
C GLU A 117 2.24 11.16 5.63
N PHE A 118 2.12 10.26 4.67
CA PHE A 118 3.27 9.70 3.98
C PHE A 118 3.68 10.51 2.75
N SER A 119 2.73 11.21 2.14
CA SER A 119 3.06 12.10 1.03
C SER A 119 3.91 13.26 1.53
N GLU A 120 3.63 13.67 2.75
CA GLU A 120 4.43 14.67 3.44
C GLU A 120 5.42 13.98 4.37
N GLU A 121 6.23 13.09 3.80
CA GLU A 121 7.21 12.34 4.55
C GLU A 121 8.21 13.27 5.26
N GLY A 22 10.19 9.38 -0.22
CA GLY A 22 9.49 8.57 -1.24
C GLY A 22 8.58 7.53 -0.62
N LEU A 23 7.35 7.46 -1.08
CA LEU A 23 6.38 6.53 -0.54
C LEU A 23 5.64 5.78 -1.64
N LEU A 24 5.49 4.49 -1.46
CA LEU A 24 4.65 3.67 -2.34
C LEU A 24 3.49 3.13 -1.51
N VAL A 25 2.35 2.91 -2.14
CA VAL A 25 1.18 2.47 -1.41
C VAL A 25 0.65 1.15 -1.97
N LEU A 26 0.44 0.18 -1.08
CA LEU A 26 -0.14 -1.09 -1.46
C LEU A 26 -1.42 -1.30 -0.67
N ILE A 27 -2.50 -1.63 -1.35
CA ILE A 27 -3.79 -1.72 -0.68
C ILE A 27 -4.55 -2.97 -1.12
N TRP A 28 -5.27 -3.56 -0.19
CA TRP A 28 -6.13 -4.70 -0.51
C TRP A 28 -7.44 -4.56 0.25
N SER A 29 -8.44 -4.07 -0.45
CA SER A 29 -9.76 -3.85 0.12
C SER A 29 -10.81 -4.20 -0.92
N ASN A 30 -12.05 -4.36 -0.49
CA ASN A 30 -13.17 -4.42 -1.43
C ASN A 30 -14.31 -3.57 -0.90
N ASP A 31 -14.07 -2.27 -0.89
CA ASP A 31 -15.08 -1.29 -0.60
C ASP A 31 -15.30 -0.42 -1.81
N LYS A 32 -16.53 -0.02 -2.08
CA LYS A 32 -16.81 0.82 -3.23
C LYS A 32 -16.23 2.21 -3.03
N LYS A 33 -16.36 2.74 -1.82
CA LYS A 33 -15.96 4.11 -1.52
C LYS A 33 -14.46 4.18 -1.24
N LEU A 34 -13.98 3.27 -0.40
CA LEU A 34 -12.59 3.27 0.04
C LEU A 34 -11.64 3.25 -1.16
N ILE A 35 -11.89 2.34 -2.09
CA ILE A 35 -11.04 2.19 -3.27
C ILE A 35 -11.02 3.49 -4.09
N GLU A 36 -12.18 4.12 -4.25
CA GLU A 36 -12.25 5.38 -4.97
C GLU A 36 -11.48 6.48 -4.24
N GLU A 37 -11.78 6.63 -2.96
CA GLU A 37 -11.18 7.68 -2.14
C GLU A 37 -9.67 7.53 -2.06
N ALA A 38 -9.20 6.31 -1.86
CA ALA A 38 -7.78 6.03 -1.74
C ALA A 38 -7.04 6.36 -3.04
N ARG A 39 -7.66 6.02 -4.17
CA ARG A 39 -7.05 6.23 -5.48
C ARG A 39 -6.84 7.71 -5.76
N LYS A 40 -7.90 8.50 -5.57
CA LYS A 40 -7.84 9.93 -5.86
C LYS A 40 -6.97 10.66 -4.85
N MET A 41 -6.89 10.12 -3.64
CA MET A 41 -6.07 10.72 -2.59
C MET A 41 -4.60 10.43 -2.84
N ALA A 42 -4.32 9.23 -3.30
CA ALA A 42 -2.96 8.83 -3.64
C ALA A 42 -2.41 9.72 -4.74
N GLU A 43 -3.21 9.95 -5.78
CA GLU A 43 -2.79 10.76 -6.90
C GLU A 43 -2.54 12.20 -6.44
N LYS A 44 -3.30 12.64 -5.44
CA LYS A 44 -3.19 13.98 -4.91
C LYS A 44 -1.79 14.29 -4.37
N ALA A 45 -1.22 13.35 -3.63
CA ALA A 45 0.09 13.55 -3.02
C ALA A 45 1.18 12.78 -3.78
N ASN A 46 0.84 12.34 -4.99
CA ASN A 46 1.80 11.71 -5.90
C ASN A 46 2.19 10.33 -5.43
N LEU A 47 1.20 9.51 -5.16
CA LEU A 47 1.44 8.13 -4.75
C LEU A 47 1.02 7.17 -5.84
N TYR A 48 1.52 5.95 -5.74
CA TYR A 48 1.10 4.87 -6.61
C TYR A 48 0.55 3.74 -5.75
N LEU A 49 -0.73 3.45 -5.87
CA LEU A 49 -1.32 2.40 -5.06
C LEU A 49 -1.57 1.15 -5.90
N LEU A 50 -0.98 0.06 -5.45
CA LEU A 50 -1.12 -1.22 -6.11
C LEU A 50 -1.98 -2.15 -5.27
N THR A 51 -2.76 -2.97 -5.94
CA THR A 51 -3.52 -4.00 -5.25
C THR A 51 -2.65 -5.25 -5.17
N LEU A 52 -2.83 -6.05 -4.13
CA LEU A 52 -1.96 -7.19 -3.93
C LEU A 52 -2.53 -8.43 -4.60
N GLU A 53 -1.91 -8.79 -5.72
CA GLU A 53 -2.25 -9.98 -6.48
C GLU A 53 -1.00 -10.45 -7.21
N THR A 54 -0.46 -9.57 -8.04
CA THR A 54 0.83 -9.80 -8.67
C THR A 54 1.87 -8.85 -8.08
N ASP A 55 2.78 -9.41 -7.31
CA ASP A 55 3.70 -8.59 -6.52
C ASP A 55 4.98 -8.28 -7.28
N ASP A 56 5.65 -9.33 -7.74
CA ASP A 56 7.04 -9.21 -8.20
C ASP A 56 7.18 -8.28 -9.40
N LYS A 57 6.41 -8.54 -10.44
CA LYS A 57 6.53 -7.77 -11.67
C LYS A 57 5.95 -6.36 -11.53
N LYS A 58 4.88 -6.24 -10.74
CA LYS A 58 4.14 -4.99 -10.64
C LYS A 58 4.81 -4.01 -9.67
N ILE A 59 5.12 -4.50 -8.47
CA ILE A 59 5.65 -3.64 -7.41
C ILE A 59 7.06 -3.16 -7.73
N GLU A 60 7.92 -4.05 -8.22
CA GLU A 60 9.29 -3.69 -8.55
C GLU A 60 9.34 -2.65 -9.65
N ASP A 61 8.46 -2.78 -10.64
CA ASP A 61 8.46 -1.90 -11.79
C ASP A 61 8.33 -0.44 -11.36
N ILE A 62 7.47 -0.19 -10.38
CA ILE A 62 7.27 1.16 -9.88
C ILE A 62 8.41 1.59 -8.97
N LEU A 63 8.79 0.74 -8.02
CA LEU A 63 9.87 1.07 -7.08
C LEU A 63 11.17 1.38 -7.83
N LYS A 64 11.45 0.59 -8.86
CA LYS A 64 12.66 0.75 -9.65
C LYS A 64 12.58 2.03 -10.46
N SER A 65 11.38 2.53 -10.69
CA SER A 65 11.18 3.77 -11.43
C SER A 65 11.42 4.98 -10.53
N LEU A 66 11.09 4.86 -9.25
CA LEU A 66 11.29 5.97 -8.30
C LEU A 66 12.77 6.23 -8.07
N GLY A 67 13.55 5.17 -7.94
CA GLY A 67 14.98 5.33 -7.73
C GLY A 67 15.41 5.10 -6.29
N PRO A 68 15.59 6.19 -5.51
CA PRO A 68 15.97 6.10 -4.09
C PRO A 68 15.06 5.15 -3.30
N PRO A 69 15.61 4.52 -2.24
CA PRO A 69 14.87 3.59 -1.39
C PRO A 69 13.53 4.14 -0.93
N VAL A 70 12.47 3.60 -1.51
CA VAL A 70 11.11 4.07 -1.25
C VAL A 70 10.49 3.29 -0.10
N LYS A 71 9.81 4.01 0.78
CA LYS A 71 9.09 3.41 1.88
C LYS A 71 7.70 3.00 1.41
N ILE A 72 7.27 1.81 1.77
CA ILE A 72 5.97 1.34 1.34
C ILE A 72 4.98 1.33 2.50
N LEU A 73 3.86 2.00 2.32
CA LEU A 73 2.77 1.93 3.28
C LEU A 73 1.68 1.02 2.74
N VAL A 74 1.28 0.05 3.53
CA VAL A 74 0.32 -0.95 3.09
C VAL A 74 -0.99 -0.76 3.85
N LEU A 75 -2.10 -0.78 3.12
CA LEU A 75 -3.40 -0.57 3.72
C LEU A 75 -4.27 -1.80 3.50
N LEU A 76 -4.53 -2.53 4.58
CA LEU A 76 -5.31 -3.75 4.50
C LEU A 76 -6.64 -3.60 5.20
N GLU A 77 -7.72 -3.85 4.49
CA GLU A 77 -9.05 -3.80 5.06
C GLU A 77 -9.28 -5.02 5.94
N ASP A 78 -9.89 -4.83 7.10
CA ASP A 78 -10.09 -5.93 8.05
C ASP A 78 -11.06 -6.97 7.50
N THR A 79 -10.52 -7.92 6.76
CA THR A 79 -11.27 -9.07 6.33
C THR A 79 -10.71 -10.32 7.01
N LYS A 80 -11.13 -11.49 6.57
CA LYS A 80 -10.58 -12.73 7.08
C LYS A 80 -9.31 -13.09 6.29
N ASP A 81 -9.27 -12.69 5.03
CA ASP A 81 -8.16 -13.06 4.17
C ASP A 81 -7.04 -12.02 4.18
N ALA A 82 -7.37 -10.77 4.49
CA ALA A 82 -6.36 -9.71 4.52
C ALA A 82 -5.28 -10.00 5.55
N ASP A 83 -5.64 -10.74 6.59
CA ASP A 83 -4.70 -11.07 7.65
C ASP A 83 -3.75 -12.14 7.16
N LYS A 84 -4.22 -12.94 6.21
CA LYS A 84 -3.39 -13.94 5.56
C LYS A 84 -2.37 -13.25 4.67
N VAL A 85 -2.86 -12.28 3.88
CA VAL A 85 -2.00 -11.52 2.97
C VAL A 85 -0.95 -10.77 3.77
N LYS A 86 -1.31 -10.32 4.96
CA LYS A 86 -0.38 -9.62 5.85
C LYS A 86 0.85 -10.48 6.07
N LYS A 87 0.60 -11.75 6.39
CA LYS A 87 1.67 -12.70 6.67
C LYS A 87 2.48 -13.00 5.41
N GLU A 88 1.78 -13.18 4.30
CA GLU A 88 2.42 -13.52 3.04
C GLU A 88 3.31 -12.38 2.56
N ILE A 89 2.79 -11.16 2.65
CA ILE A 89 3.56 -9.98 2.27
C ILE A 89 4.74 -9.79 3.22
N GLU A 90 4.50 -10.01 4.50
CA GLU A 90 5.53 -9.85 5.52
C GLU A 90 6.69 -10.80 5.25
N LYS A 91 6.37 -12.07 5.07
CA LYS A 91 7.37 -13.11 4.85
C LYS A 91 8.21 -12.81 3.61
N LYS A 92 7.57 -12.36 2.55
CA LYS A 92 8.25 -12.12 1.29
C LYS A 92 9.02 -10.79 1.35
N ALA A 93 8.56 -9.86 2.18
CA ALA A 93 9.22 -8.57 2.32
C ALA A 93 10.50 -8.71 3.13
N ARG A 94 10.47 -9.58 4.12
CA ARG A 94 11.63 -9.84 4.95
C ARG A 94 12.75 -10.49 4.13
N LYS A 95 12.35 -11.34 3.19
CA LYS A 95 13.30 -12.01 2.31
C LYS A 95 13.73 -11.09 1.18
N LYS A 96 13.14 -9.92 1.11
CA LYS A 96 13.42 -8.98 0.02
C LYS A 96 14.06 -7.70 0.56
N ASN A 97 14.27 -7.66 1.88
CA ASN A 97 14.84 -6.49 2.56
C ASN A 97 14.07 -5.21 2.21
N LEU A 98 12.77 -5.35 2.06
CA LEU A 98 11.93 -4.24 1.62
C LEU A 98 11.10 -3.72 2.79
N PRO A 99 11.40 -2.49 3.26
CA PRO A 99 10.69 -1.87 4.38
C PRO A 99 9.22 -1.61 4.05
N VAL A 100 8.33 -2.21 4.82
CA VAL A 100 6.91 -2.05 4.62
C VAL A 100 6.23 -1.66 5.93
N ARG A 101 5.37 -0.65 5.85
CA ARG A 101 4.58 -0.22 7.00
C ARG A 101 3.14 -0.63 6.80
N ILE A 102 2.76 -1.74 7.42
CA ILE A 102 1.43 -2.28 7.24
C ILE A 102 0.44 -1.64 8.22
N ARG A 103 -0.71 -1.24 7.69
CA ARG A 103 -1.78 -0.67 8.49
C ARG A 103 -3.10 -1.35 8.14
N LYS A 104 -3.77 -1.90 9.13
CA LYS A 104 -5.10 -2.45 8.93
C LYS A 104 -6.14 -1.34 9.09
N VAL A 105 -6.68 -0.88 7.98
CA VAL A 105 -7.60 0.24 7.98
C VAL A 105 -8.78 -0.03 7.07
N THR A 106 -9.95 0.46 7.47
CA THR A 106 -11.09 0.48 6.58
C THR A 106 -11.96 1.71 6.87
N SER A 107 -11.68 2.77 6.12
CA SER A 107 -12.47 3.99 6.15
C SER A 107 -11.82 5.02 5.23
N PRO A 108 -12.61 5.85 4.52
CA PRO A 108 -12.06 6.91 3.67
C PRO A 108 -11.06 7.79 4.41
N ASP A 109 -11.49 8.35 5.54
CA ASP A 109 -10.65 9.25 6.33
C ASP A 109 -9.37 8.57 6.79
N GLU A 110 -9.46 7.31 7.19
CA GLU A 110 -8.29 6.56 7.64
C GLU A 110 -7.31 6.32 6.49
N ALA A 111 -7.82 5.85 5.36
CA ALA A 111 -7.00 5.61 4.19
C ALA A 111 -6.26 6.87 3.79
N LYS A 112 -7.02 7.96 3.63
CA LYS A 112 -6.45 9.23 3.23
C LYS A 112 -5.44 9.73 4.26
N ARG A 113 -5.77 9.53 5.53
CA ARG A 113 -4.92 9.96 6.64
C ARG A 113 -3.52 9.38 6.51
N TRP A 114 -3.42 8.06 6.57
CA TRP A 114 -2.12 7.40 6.57
C TRP A 114 -1.38 7.65 5.25
N ILE A 115 -2.13 7.71 4.16
CA ILE A 115 -1.53 7.96 2.85
C ILE A 115 -0.91 9.36 2.78
N LYS A 116 -1.62 10.35 3.30
CA LYS A 116 -1.18 11.74 3.21
C LYS A 116 -0.09 12.00 4.25
N GLU A 117 -0.24 11.35 5.39
CA GLU A 117 0.72 11.46 6.47
C GLU A 117 2.10 10.98 6.02
N PHE A 118 2.15 9.79 5.42
CA PHE A 118 3.41 9.18 5.04
C PHE A 118 3.97 9.76 3.75
N SER A 119 3.14 10.45 2.98
CA SER A 119 3.59 11.05 1.73
C SER A 119 4.09 12.47 1.97
N GLU A 120 3.73 13.02 3.13
CA GLU A 120 4.15 14.36 3.48
C GLU A 120 5.56 14.34 4.06
N GLU A 121 5.98 13.17 4.52
CA GLU A 121 7.33 12.98 5.01
C GLU A 121 8.15 12.19 3.99
N GLY A 22 9.84 9.17 -1.94
CA GLY A 22 9.86 7.69 -2.09
C GLY A 22 8.76 7.02 -1.30
N LEU A 23 7.56 7.00 -1.87
CA LEU A 23 6.41 6.41 -1.20
C LEU A 23 5.67 5.45 -2.12
N LEU A 24 5.53 4.21 -1.67
CA LEU A 24 4.71 3.23 -2.37
C LEU A 24 3.51 2.89 -1.50
N VAL A 25 2.32 3.13 -2.01
CA VAL A 25 1.11 2.90 -1.25
C VAL A 25 0.37 1.67 -1.75
N LEU A 26 0.50 0.58 -1.02
CA LEU A 26 -0.19 -0.65 -1.37
C LEU A 26 -1.46 -0.76 -0.56
N ILE A 27 -2.52 -1.27 -1.17
CA ILE A 27 -3.80 -1.35 -0.49
C ILE A 27 -4.58 -2.59 -0.91
N TRP A 28 -5.22 -3.22 0.05
CA TRP A 28 -6.13 -4.31 -0.24
C TRP A 28 -7.34 -4.21 0.68
N SER A 29 -8.38 -3.59 0.16
CA SER A 29 -9.66 -3.50 0.85
C SER A 29 -10.76 -3.54 -0.20
N ASN A 30 -11.60 -4.57 -0.20
CA ASN A 30 -12.64 -4.61 -1.22
C ASN A 30 -13.83 -3.80 -0.75
N ASP A 31 -13.63 -2.49 -0.74
CA ASP A 31 -14.71 -1.52 -0.57
C ASP A 31 -14.75 -0.65 -1.81
N LYS A 32 -15.95 -0.33 -2.27
CA LYS A 32 -16.09 0.41 -3.52
C LYS A 32 -15.75 1.89 -3.32
N LYS A 33 -16.02 2.42 -2.14
CA LYS A 33 -15.77 3.82 -1.87
C LYS A 33 -14.37 4.03 -1.32
N LEU A 34 -13.94 3.11 -0.45
CA LEU A 34 -12.63 3.22 0.20
C LEU A 34 -11.54 3.38 -0.86
N ILE A 35 -11.57 2.52 -1.87
CA ILE A 35 -10.59 2.57 -2.95
C ILE A 35 -10.72 3.88 -3.73
N GLU A 36 -11.95 4.26 -4.05
CA GLU A 36 -12.21 5.49 -4.79
C GLU A 36 -11.71 6.72 -4.05
N GLU A 37 -11.83 6.71 -2.73
CA GLU A 37 -11.39 7.85 -1.93
C GLU A 37 -9.88 7.83 -1.74
N ALA A 38 -9.32 6.64 -1.59
CA ALA A 38 -7.88 6.48 -1.40
C ALA A 38 -7.11 6.87 -2.66
N ARG A 39 -7.63 6.46 -3.82
CA ARG A 39 -6.98 6.77 -5.09
C ARG A 39 -6.95 8.29 -5.32
N LYS A 40 -7.93 8.99 -4.74
CA LYS A 40 -7.97 10.45 -4.83
C LYS A 40 -6.72 11.06 -4.19
N MET A 41 -6.42 10.64 -2.97
CA MET A 41 -5.27 11.17 -2.25
C MET A 41 -3.96 10.70 -2.87
N ALA A 42 -3.94 9.45 -3.31
CA ALA A 42 -2.75 8.89 -3.94
C ALA A 42 -2.41 9.64 -5.23
N GLU A 43 -3.42 9.88 -6.06
CA GLU A 43 -3.23 10.60 -7.31
C GLU A 43 -2.91 12.06 -7.03
N LYS A 44 -3.56 12.61 -6.01
CA LYS A 44 -3.37 14.00 -5.58
C LYS A 44 -1.93 14.25 -5.18
N ALA A 45 -1.38 13.36 -4.36
CA ALA A 45 -0.01 13.51 -3.87
C ALA A 45 0.99 12.92 -4.85
N ASN A 46 0.47 12.33 -5.93
CA ASN A 46 1.29 11.73 -6.99
C ASN A 46 2.08 10.54 -6.46
N LEU A 47 1.42 9.73 -5.65
CA LEU A 47 2.03 8.53 -5.08
C LEU A 47 1.58 7.31 -5.86
N TYR A 48 2.42 6.29 -5.91
CA TYR A 48 2.08 5.07 -6.61
C TYR A 48 1.32 4.12 -5.71
N LEU A 49 0.06 3.88 -6.06
CA LEU A 49 -0.81 3.01 -5.29
C LEU A 49 -1.09 1.74 -6.08
N LEU A 50 -0.96 0.60 -5.41
CA LEU A 50 -1.11 -0.68 -6.07
C LEU A 50 -2.00 -1.62 -5.25
N THR A 51 -2.80 -2.41 -5.96
CA THR A 51 -3.61 -3.44 -5.32
C THR A 51 -2.82 -4.74 -5.23
N LEU A 52 -3.10 -5.55 -4.23
CA LEU A 52 -2.30 -6.75 -3.97
C LEU A 52 -2.88 -7.96 -4.67
N GLU A 53 -2.20 -8.37 -5.73
CA GLU A 53 -2.53 -9.55 -6.53
C GLU A 53 -1.26 -10.01 -7.23
N THR A 54 -0.69 -9.09 -8.01
CA THR A 54 0.63 -9.26 -8.58
C THR A 54 1.64 -8.47 -7.76
N ASP A 55 2.51 -9.18 -7.05
CA ASP A 55 3.44 -8.51 -6.13
C ASP A 55 4.73 -8.13 -6.84
N ASP A 56 5.54 -9.13 -7.15
CA ASP A 56 6.89 -8.91 -7.65
C ASP A 56 6.88 -8.31 -9.04
N LYS A 57 5.81 -8.55 -9.78
CA LYS A 57 5.71 -8.07 -11.14
C LYS A 57 5.69 -6.54 -11.19
N LYS A 58 4.59 -5.95 -10.75
CA LYS A 58 4.39 -4.52 -10.94
C LYS A 58 4.99 -3.68 -9.81
N ILE A 59 5.15 -4.28 -8.62
CA ILE A 59 5.71 -3.54 -7.50
C ILE A 59 7.21 -3.32 -7.68
N GLU A 60 7.92 -4.35 -8.14
CA GLU A 60 9.36 -4.28 -8.29
C GLU A 60 9.74 -3.28 -9.38
N ASP A 61 9.03 -3.33 -10.51
CA ASP A 61 9.30 -2.44 -11.63
C ASP A 61 9.23 -0.98 -11.21
N ILE A 62 8.18 -0.62 -10.50
CA ILE A 62 7.99 0.77 -10.07
C ILE A 62 9.06 1.18 -9.06
N LEU A 63 9.32 0.32 -8.07
CA LEU A 63 10.31 0.62 -7.03
C LEU A 63 11.70 0.85 -7.64
N LYS A 64 12.06 0.02 -8.60
CA LYS A 64 13.37 0.14 -9.25
C LYS A 64 13.43 1.37 -10.14
N SER A 65 12.28 1.80 -10.65
CA SER A 65 12.22 2.98 -11.49
C SER A 65 12.21 4.26 -10.64
N LEU A 66 11.87 4.10 -9.36
CA LEU A 66 11.84 5.24 -8.45
C LEU A 66 13.24 5.65 -8.02
N GLY A 67 14.11 4.67 -7.77
CA GLY A 67 15.49 4.98 -7.45
C GLY A 67 15.82 4.78 -5.98
N PRO A 68 15.86 5.87 -5.19
CA PRO A 68 16.14 5.81 -3.75
C PRO A 68 15.26 4.81 -3.01
N PRO A 69 15.74 4.30 -1.87
CA PRO A 69 14.98 3.34 -1.04
C PRO A 69 13.60 3.86 -0.66
N VAL A 70 12.60 3.34 -1.34
CA VAL A 70 11.22 3.80 -1.17
C VAL A 70 10.56 3.12 0.02
N LYS A 71 9.81 3.90 0.79
CA LYS A 71 9.07 3.38 1.93
C LYS A 71 7.74 2.82 1.45
N ILE A 72 7.43 1.60 1.87
CA ILE A 72 6.23 0.91 1.41
C ILE A 72 5.16 0.90 2.48
N LEU A 73 4.10 1.66 2.23
CA LEU A 73 2.96 1.72 3.12
C LEU A 73 1.86 0.80 2.61
N VAL A 74 1.34 -0.05 3.47
CA VAL A 74 0.27 -0.96 3.09
C VAL A 74 -0.98 -0.69 3.93
N LEU A 75 -2.07 -0.37 3.24
CA LEU A 75 -3.35 -0.19 3.90
C LEU A 75 -4.18 -1.44 3.73
N LEU A 76 -4.34 -2.19 4.82
CA LEU A 76 -4.98 -3.48 4.74
C LEU A 76 -6.22 -3.53 5.60
N GLU A 77 -7.34 -3.91 4.99
CA GLU A 77 -8.59 -4.07 5.71
C GLU A 77 -8.62 -5.46 6.36
N ASP A 78 -8.86 -5.49 7.66
CA ASP A 78 -8.85 -6.76 8.40
C ASP A 78 -10.01 -7.64 7.96
N THR A 79 -9.74 -8.45 6.95
CA THR A 79 -10.70 -9.39 6.42
C THR A 79 -10.24 -10.81 6.75
N LYS A 80 -11.13 -11.79 6.64
CA LYS A 80 -10.75 -13.19 6.85
C LYS A 80 -9.67 -13.59 5.82
N ASP A 81 -9.91 -13.21 4.56
CA ASP A 81 -8.95 -13.44 3.49
C ASP A 81 -7.65 -12.71 3.75
N ALA A 82 -7.73 -11.63 4.52
CA ALA A 82 -6.59 -10.77 4.76
C ALA A 82 -5.58 -11.42 5.69
N ASP A 83 -5.97 -12.53 6.33
CA ASP A 83 -5.11 -13.17 7.31
C ASP A 83 -3.95 -13.84 6.60
N LYS A 84 -4.24 -14.43 5.45
CA LYS A 84 -3.23 -15.12 4.68
C LYS A 84 -2.39 -14.13 3.89
N VAL A 85 -3.02 -13.08 3.36
CA VAL A 85 -2.31 -12.10 2.55
C VAL A 85 -1.40 -11.25 3.43
N LYS A 86 -1.83 -10.97 4.65
CA LYS A 86 -1.02 -10.19 5.58
C LYS A 86 0.27 -10.92 5.91
N LYS A 87 0.19 -12.25 5.96
CA LYS A 87 1.36 -13.07 6.20
C LYS A 87 2.22 -13.16 4.94
N GLU A 88 1.58 -13.24 3.79
CA GLU A 88 2.29 -13.34 2.53
C GLU A 88 3.12 -12.09 2.27
N ILE A 89 2.47 -10.94 2.33
CA ILE A 89 3.12 -9.67 2.10
C ILE A 89 4.24 -9.44 3.11
N GLU A 90 4.01 -9.89 4.34
CA GLU A 90 4.98 -9.69 5.42
C GLU A 90 6.21 -10.57 5.21
N LYS A 91 5.97 -11.83 4.85
CA LYS A 91 7.06 -12.78 4.60
C LYS A 91 7.84 -12.41 3.34
N LYS A 92 7.11 -12.17 2.25
CA LYS A 92 7.74 -11.85 0.97
C LYS A 92 8.58 -10.59 1.06
N ALA A 93 8.09 -9.61 1.81
CA ALA A 93 8.84 -8.36 1.98
C ALA A 93 10.15 -8.61 2.70
N ARG A 94 10.10 -9.41 3.75
CA ARG A 94 11.30 -9.71 4.53
C ARG A 94 12.25 -10.59 3.75
N LYS A 95 11.70 -11.54 3.00
CA LYS A 95 12.50 -12.45 2.19
C LYS A 95 13.04 -11.75 0.95
N LYS A 96 12.61 -10.51 0.74
CA LYS A 96 13.10 -9.74 -0.40
C LYS A 96 13.82 -8.49 0.11
N ASN A 97 14.11 -8.49 1.41
CA ASN A 97 14.86 -7.44 2.08
C ASN A 97 14.26 -6.05 1.83
N LEU A 98 12.94 -5.96 1.92
CA LEU A 98 12.24 -4.69 1.76
C LEU A 98 11.42 -4.39 3.00
N PRO A 99 11.74 -3.30 3.73
CA PRO A 99 10.97 -2.90 4.90
C PRO A 99 9.57 -2.43 4.53
N VAL A 100 8.56 -2.97 5.20
CA VAL A 100 7.17 -2.66 4.88
C VAL A 100 6.43 -2.10 6.08
N ARG A 101 5.56 -1.14 5.84
CA ARG A 101 4.75 -0.55 6.89
C ARG A 101 3.28 -0.88 6.66
N ILE A 102 2.77 -1.87 7.38
CA ILE A 102 1.40 -2.32 7.19
C ILE A 102 0.49 -1.74 8.26
N ARG A 103 -0.54 -1.04 7.81
CA ARG A 103 -1.52 -0.44 8.71
C ARG A 103 -2.88 -1.08 8.50
N LYS A 104 -3.38 -1.73 9.54
CA LYS A 104 -4.70 -2.34 9.50
C LYS A 104 -5.77 -1.26 9.62
N VAL A 105 -6.44 -0.96 8.52
CA VAL A 105 -7.45 0.08 8.51
C VAL A 105 -8.66 -0.33 7.69
N THR A 106 -9.84 -0.02 8.20
CA THR A 106 -11.04 -0.14 7.41
C THR A 106 -11.87 1.14 7.57
N SER A 107 -11.63 2.06 6.63
CA SER A 107 -12.26 3.37 6.63
C SER A 107 -11.68 4.19 5.49
N PRO A 108 -12.53 4.69 4.58
CA PRO A 108 -12.09 5.59 3.51
C PRO A 108 -11.46 6.86 4.07
N ASP A 109 -11.96 7.28 5.23
CA ASP A 109 -11.44 8.47 5.89
C ASP A 109 -10.02 8.25 6.39
N GLU A 110 -9.80 7.10 7.04
CA GLU A 110 -8.48 6.77 7.57
C GLU A 110 -7.50 6.53 6.44
N ALA A 111 -7.96 5.91 5.36
CA ALA A 111 -7.12 5.69 4.20
C ALA A 111 -6.66 7.03 3.62
N LYS A 112 -7.59 7.97 3.50
CA LYS A 112 -7.26 9.33 3.07
C LYS A 112 -6.28 9.99 4.03
N ARG A 113 -6.43 9.69 5.32
CA ARG A 113 -5.55 10.25 6.34
C ARG A 113 -4.11 9.81 6.15
N TRP A 114 -3.88 8.50 6.25
CA TRP A 114 -2.52 7.95 6.26
C TRP A 114 -1.75 8.33 4.99
N ILE A 115 -2.41 8.29 3.85
CA ILE A 115 -1.77 8.64 2.59
C ILE A 115 -1.33 10.10 2.61
N LYS A 116 -2.20 10.96 3.11
CA LYS A 116 -1.93 12.40 3.16
C LYS A 116 -0.96 12.74 4.28
N GLU A 117 -0.76 11.82 5.22
CA GLU A 117 0.24 12.02 6.26
C GLU A 117 1.64 11.82 5.69
N PHE A 118 1.81 10.75 4.91
CA PHE A 118 3.11 10.41 4.36
C PHE A 118 3.53 11.41 3.29
N SER A 119 2.56 11.99 2.59
CA SER A 119 2.87 12.95 1.54
C SER A 119 3.45 14.23 2.11
N GLU A 120 3.11 14.54 3.36
CA GLU A 120 3.55 15.77 3.99
C GLU A 120 4.85 15.56 4.76
N GLU A 121 5.41 14.35 4.64
CA GLU A 121 6.69 14.05 5.24
C GLU A 121 7.81 14.50 4.29
N GLY A 22 9.54 9.62 -1.38
CA GLY A 22 9.48 8.22 -1.85
C GLY A 22 8.54 7.38 -1.01
N LEU A 23 7.26 7.39 -1.38
CA LEU A 23 6.25 6.64 -0.64
C LEU A 23 5.38 5.85 -1.62
N LEU A 24 5.43 4.54 -1.51
CA LEU A 24 4.61 3.67 -2.34
C LEU A 24 3.51 3.04 -1.49
N VAL A 25 2.31 2.98 -2.02
CA VAL A 25 1.18 2.46 -1.25
C VAL A 25 0.71 1.11 -1.80
N LEU A 26 0.56 0.14 -0.91
CA LEU A 26 -0.03 -1.14 -1.26
C LEU A 26 -1.34 -1.27 -0.51
N ILE A 27 -2.32 -1.93 -1.11
CA ILE A 27 -3.62 -2.03 -0.49
C ILE A 27 -4.31 -3.34 -0.87
N TRP A 28 -4.94 -3.97 0.11
CA TRP A 28 -5.83 -5.09 -0.16
C TRP A 28 -7.12 -4.88 0.61
N SER A 29 -8.11 -4.35 -0.08
CA SER A 29 -9.44 -4.20 0.46
C SER A 29 -10.45 -4.44 -0.65
N ASN A 30 -11.71 -4.62 -0.31
CA ASN A 30 -12.74 -4.64 -1.34
C ASN A 30 -13.99 -3.91 -0.88
N ASP A 31 -13.82 -2.60 -0.78
CA ASP A 31 -14.92 -1.67 -0.64
C ASP A 31 -14.93 -0.73 -1.86
N LYS A 32 -16.08 -0.16 -2.17
CA LYS A 32 -16.20 0.72 -3.31
C LYS A 32 -15.69 2.13 -3.00
N LYS A 33 -15.87 2.56 -1.76
CA LYS A 33 -15.56 3.93 -1.37
C LYS A 33 -14.13 4.05 -0.88
N LEU A 34 -13.63 2.99 -0.24
CA LEU A 34 -12.33 3.01 0.37
C LEU A 34 -11.24 3.05 -0.69
N ILE A 35 -11.40 2.22 -1.71
CA ILE A 35 -10.43 2.13 -2.79
C ILE A 35 -10.47 3.40 -3.62
N GLU A 36 -11.67 3.93 -3.83
CA GLU A 36 -11.85 5.13 -4.61
C GLU A 36 -11.13 6.31 -3.94
N GLU A 37 -11.44 6.55 -2.67
CA GLU A 37 -10.86 7.68 -1.95
C GLU A 37 -9.37 7.52 -1.73
N ALA A 38 -8.93 6.29 -1.52
CA ALA A 38 -7.50 6.02 -1.36
C ALA A 38 -6.75 6.41 -2.63
N ARG A 39 -7.31 6.04 -3.77
CA ARG A 39 -6.68 6.35 -5.04
C ARG A 39 -6.80 7.84 -5.36
N LYS A 40 -7.95 8.42 -5.03
CA LYS A 40 -8.15 9.86 -5.23
C LYS A 40 -7.12 10.67 -4.46
N MET A 41 -6.84 10.25 -3.24
CA MET A 41 -5.87 10.95 -2.39
C MET A 41 -4.48 10.77 -2.95
N ALA A 42 -4.15 9.54 -3.34
CA ALA A 42 -2.85 9.24 -3.94
C ALA A 42 -2.69 9.97 -5.26
N GLU A 43 -3.78 10.05 -6.02
CA GLU A 43 -3.79 10.73 -7.30
C GLU A 43 -3.42 12.20 -7.15
N LYS A 44 -4.02 12.85 -6.16
CA LYS A 44 -3.78 14.27 -5.91
C LYS A 44 -2.38 14.49 -5.32
N ALA A 45 -1.88 13.51 -4.59
CA ALA A 45 -0.57 13.62 -3.96
C ALA A 45 0.53 13.06 -4.87
N ASN A 46 0.15 12.69 -6.10
CA ASN A 46 1.08 12.15 -7.10
C ASN A 46 1.78 10.89 -6.60
N LEU A 47 1.02 10.05 -5.91
CA LEU A 47 1.56 8.79 -5.42
C LEU A 47 1.11 7.65 -6.32
N TYR A 48 1.57 6.44 -6.00
CA TYR A 48 1.16 5.25 -6.73
C TYR A 48 0.71 4.20 -5.73
N LEU A 49 -0.36 3.48 -6.05
CA LEU A 49 -0.83 2.41 -5.19
C LEU A 49 -1.02 1.11 -5.96
N LEU A 50 -0.69 0.02 -5.30
CA LEU A 50 -0.76 -1.30 -5.90
C LEU A 50 -1.59 -2.22 -5.04
N THR A 51 -2.39 -3.05 -5.67
CA THR A 51 -3.18 -4.03 -4.96
C THR A 51 -2.36 -5.31 -4.81
N LEU A 52 -2.64 -6.07 -3.77
CA LEU A 52 -1.82 -7.23 -3.47
C LEU A 52 -2.36 -8.47 -4.18
N GLU A 53 -1.62 -8.87 -5.19
CA GLU A 53 -1.94 -10.04 -6.00
C GLU A 53 -0.64 -10.56 -6.58
N THR A 54 -0.11 -9.81 -7.54
CA THR A 54 1.27 -9.98 -7.95
C THR A 54 2.06 -8.77 -7.49
N ASP A 55 2.84 -8.96 -6.44
CA ASP A 55 3.55 -7.84 -5.82
C ASP A 55 4.96 -7.67 -6.37
N ASP A 56 5.64 -8.80 -6.58
CA ASP A 56 7.06 -8.77 -6.98
C ASP A 56 7.29 -7.94 -8.23
N LYS A 57 6.76 -8.40 -9.35
CA LYS A 57 6.97 -7.74 -10.64
C LYS A 57 6.47 -6.30 -10.62
N LYS A 58 5.29 -6.11 -10.04
CA LYS A 58 4.63 -4.81 -10.07
C LYS A 58 5.41 -3.78 -9.25
N ILE A 59 5.84 -4.19 -8.07
CA ILE A 59 6.60 -3.30 -7.19
C ILE A 59 8.01 -3.08 -7.74
N GLU A 60 8.64 -4.14 -8.23
CA GLU A 60 9.97 -4.05 -8.82
C GLU A 60 9.99 -3.07 -9.99
N ASP A 61 8.90 -3.04 -10.75
CA ASP A 61 8.80 -2.13 -11.89
C ASP A 61 8.73 -0.68 -11.43
N ILE A 62 7.75 -0.38 -10.59
CA ILE A 62 7.51 0.99 -10.15
C ILE A 62 8.57 1.48 -9.17
N LEU A 63 8.69 0.79 -8.03
CA LEU A 63 9.56 1.22 -6.94
C LEU A 63 10.99 1.47 -7.43
N LYS A 64 11.48 0.60 -8.29
CA LYS A 64 12.85 0.67 -8.76
C LYS A 64 13.07 1.89 -9.66
N SER A 65 12.03 2.27 -10.41
CA SER A 65 12.16 3.35 -11.38
C SER A 65 12.22 4.73 -10.72
N LEU A 66 11.90 4.82 -9.43
CA LEU A 66 11.99 6.12 -8.75
C LEU A 66 13.44 6.51 -8.51
N GLY A 67 14.26 5.56 -8.07
CA GLY A 67 15.65 5.84 -7.78
C GLY A 67 15.95 5.82 -6.29
N PRO A 68 15.68 6.93 -5.57
CA PRO A 68 15.88 7.02 -4.11
C PRO A 68 15.09 5.95 -3.36
N PRO A 69 15.53 5.61 -2.13
CA PRO A 69 14.87 4.61 -1.29
C PRO A 69 13.41 4.97 -1.01
N VAL A 70 12.51 4.11 -1.46
CA VAL A 70 11.08 4.36 -1.31
C VAL A 70 10.51 3.53 -0.17
N LYS A 71 9.67 4.15 0.65
CA LYS A 71 9.04 3.45 1.76
C LYS A 71 7.67 2.97 1.34
N ILE A 72 7.29 1.79 1.81
CA ILE A 72 6.01 1.20 1.41
C ILE A 72 4.99 1.24 2.53
N LEU A 73 3.86 1.87 2.27
CA LEU A 73 2.74 1.88 3.18
C LEU A 73 1.68 0.91 2.70
N VAL A 74 1.28 -0.02 3.55
CA VAL A 74 0.31 -1.02 3.16
C VAL A 74 -0.99 -0.86 3.95
N LEU A 75 -2.10 -0.74 3.23
CA LEU A 75 -3.40 -0.61 3.85
C LEU A 75 -4.09 -1.96 3.83
N LEU A 76 -4.26 -2.52 5.01
CA LEU A 76 -4.84 -3.85 5.14
C LEU A 76 -6.23 -3.77 5.74
N GLU A 77 -7.23 -4.13 4.93
CA GLU A 77 -8.60 -4.21 5.42
C GLU A 77 -8.71 -5.43 6.32
N ASP A 78 -9.62 -5.41 7.28
CA ASP A 78 -9.82 -6.58 8.11
C ASP A 78 -10.76 -7.54 7.39
N THR A 79 -10.19 -8.34 6.52
CA THR A 79 -10.91 -9.36 5.79
C THR A 79 -10.44 -10.73 6.21
N LYS A 80 -11.31 -11.73 6.12
CA LYS A 80 -10.92 -13.11 6.41
C LYS A 80 -9.82 -13.56 5.46
N ASP A 81 -9.82 -13.01 4.25
CA ASP A 81 -8.82 -13.34 3.25
C ASP A 81 -7.58 -12.48 3.44
N ALA A 82 -7.79 -11.23 3.86
CA ALA A 82 -6.72 -10.26 3.98
C ALA A 82 -5.71 -10.67 5.05
N ASP A 83 -6.19 -11.36 6.08
CA ASP A 83 -5.33 -11.81 7.16
C ASP A 83 -4.38 -12.87 6.64
N LYS A 84 -4.86 -13.62 5.67
CA LYS A 84 -4.08 -14.65 5.02
C LYS A 84 -3.06 -14.03 4.07
N VAL A 85 -3.45 -12.91 3.45
CA VAL A 85 -2.53 -12.19 2.56
C VAL A 85 -1.40 -11.58 3.38
N LYS A 86 -1.73 -11.04 4.56
CA LYS A 86 -0.71 -10.43 5.40
C LYS A 86 0.34 -11.46 5.80
N LYS A 87 -0.14 -12.65 6.15
CA LYS A 87 0.73 -13.74 6.56
C LYS A 87 1.81 -14.01 5.50
N GLU A 88 1.40 -14.00 4.24
CA GLU A 88 2.32 -14.28 3.14
C GLU A 88 3.20 -13.06 2.86
N ILE A 89 2.60 -11.88 2.81
CA ILE A 89 3.33 -10.65 2.50
C ILE A 89 4.43 -10.41 3.53
N GLU A 90 4.10 -10.56 4.81
CA GLU A 90 5.09 -10.38 5.89
C GLU A 90 6.35 -11.18 5.61
N LYS A 91 6.18 -12.44 5.22
CA LYS A 91 7.30 -13.33 5.01
C LYS A 91 8.05 -12.98 3.72
N LYS A 92 7.30 -12.77 2.65
CA LYS A 92 7.92 -12.59 1.33
C LYS A 92 8.54 -11.19 1.20
N ALA A 93 7.99 -10.22 1.93
CA ALA A 93 8.50 -8.85 1.87
C ALA A 93 9.91 -8.77 2.43
N ARG A 94 10.16 -9.50 3.51
CA ARG A 94 11.48 -9.50 4.13
C ARG A 94 12.46 -10.33 3.30
N LYS A 95 11.94 -11.27 2.53
CA LYS A 95 12.77 -12.10 1.65
C LYS A 95 13.25 -11.28 0.46
N LYS A 96 12.56 -10.20 0.18
CA LYS A 96 12.97 -9.28 -0.88
C LYS A 96 13.58 -8.02 -0.25
N ASN A 97 13.66 -8.06 1.09
CA ASN A 97 14.21 -6.98 1.90
C ASN A 97 13.53 -5.65 1.58
N LEU A 98 12.20 -5.66 1.58
CA LEU A 98 11.44 -4.44 1.33
C LEU A 98 10.85 -3.92 2.63
N PRO A 99 11.16 -2.67 2.99
CA PRO A 99 10.56 -2.04 4.16
C PRO A 99 9.09 -1.74 3.93
N VAL A 100 8.24 -2.39 4.71
CA VAL A 100 6.79 -2.24 4.57
C VAL A 100 6.15 -2.01 5.92
N ARG A 101 5.22 -1.07 5.97
CA ARG A 101 4.46 -0.82 7.19
C ARG A 101 2.99 -1.10 6.90
N ILE A 102 2.54 -2.27 7.37
CA ILE A 102 1.18 -2.71 7.12
C ILE A 102 0.28 -2.32 8.27
N ARG A 103 -0.76 -1.55 7.98
CA ARG A 103 -1.67 -1.09 9.01
C ARG A 103 -3.11 -1.44 8.64
N LYS A 104 -3.86 -1.89 9.64
CA LYS A 104 -5.24 -2.28 9.44
C LYS A 104 -6.17 -1.08 9.46
N VAL A 105 -6.74 -0.77 8.30
CA VAL A 105 -7.66 0.36 8.18
C VAL A 105 -8.82 0.00 7.28
N THR A 106 -10.00 0.47 7.64
CA THR A 106 -11.13 0.42 6.73
C THR A 106 -12.04 1.61 7.00
N SER A 107 -11.78 2.70 6.29
CA SER A 107 -12.58 3.91 6.35
C SER A 107 -11.94 4.99 5.48
N PRO A 108 -12.70 5.56 4.52
CA PRO A 108 -12.17 6.55 3.57
C PRO A 108 -11.29 7.63 4.22
N ASP A 109 -11.85 8.31 5.22
CA ASP A 109 -11.17 9.45 5.85
C ASP A 109 -9.81 9.05 6.42
N GLU A 110 -9.77 7.95 7.16
CA GLU A 110 -8.53 7.46 7.75
C GLU A 110 -7.50 7.17 6.66
N ALA A 111 -7.93 6.48 5.61
CA ALA A 111 -7.06 6.13 4.50
C ALA A 111 -6.45 7.38 3.89
N LYS A 112 -7.30 8.35 3.57
CA LYS A 112 -6.86 9.61 2.98
C LYS A 112 -5.89 10.33 3.91
N ARG A 113 -6.09 10.16 5.21
CA ARG A 113 -5.30 10.85 6.21
C ARG A 113 -3.90 10.23 6.34
N TRP A 114 -3.85 8.91 6.42
CA TRP A 114 -2.58 8.20 6.48
C TRP A 114 -1.73 8.52 5.25
N ILE A 115 -2.38 8.53 4.10
CA ILE A 115 -1.71 8.79 2.83
C ILE A 115 -1.09 10.20 2.82
N LYS A 116 -1.77 11.12 3.48
CA LYS A 116 -1.34 12.51 3.51
C LYS A 116 -0.06 12.69 4.31
N GLU A 117 0.00 12.09 5.49
CA GLU A 117 1.13 12.30 6.38
C GLU A 117 2.33 11.45 5.99
N PHE A 118 2.12 10.40 5.22
CA PHE A 118 3.22 9.53 4.80
C PHE A 118 3.93 10.09 3.57
N SER A 119 3.27 10.95 2.83
CA SER A 119 3.83 11.49 1.61
C SER A 119 4.63 12.77 1.87
N GLU A 120 4.52 13.29 3.08
CA GLU A 120 5.21 14.54 3.44
C GLU A 120 6.48 14.25 4.22
N GLU A 121 6.82 12.98 4.36
CA GLU A 121 8.04 12.60 5.07
C GLU A 121 8.99 11.83 4.15
N GLY A 22 10.29 9.68 -2.81
CA GLY A 22 9.54 8.61 -3.51
C GLY A 22 8.79 7.72 -2.54
N LEU A 23 7.52 7.50 -2.81
CA LEU A 23 6.68 6.69 -1.94
C LEU A 23 5.87 5.69 -2.74
N LEU A 24 5.69 4.49 -2.18
CA LEU A 24 4.87 3.47 -2.78
C LEU A 24 3.73 3.11 -1.83
N VAL A 25 2.51 3.06 -2.35
CA VAL A 25 1.36 2.73 -1.54
C VAL A 25 0.66 1.49 -2.09
N LEU A 26 0.62 0.43 -1.30
CA LEU A 26 -0.04 -0.80 -1.70
C LEU A 26 -1.34 -0.96 -0.91
N ILE A 27 -2.40 -1.39 -1.56
CA ILE A 27 -3.67 -1.56 -0.89
C ILE A 27 -4.40 -2.78 -1.42
N TRP A 28 -4.93 -3.58 -0.51
CA TRP A 28 -5.71 -4.75 -0.91
C TRP A 28 -6.99 -4.84 -0.08
N SER A 29 -8.06 -4.37 -0.66
CA SER A 29 -9.38 -4.51 -0.08
C SER A 29 -10.38 -4.73 -1.21
N ASN A 30 -11.62 -5.06 -0.88
CA ASN A 30 -12.67 -4.97 -1.88
C ASN A 30 -13.77 -4.08 -1.32
N ASP A 31 -13.46 -2.79 -1.28
CA ASP A 31 -14.42 -1.78 -0.91
C ASP A 31 -14.64 -0.87 -2.10
N LYS A 32 -15.83 -0.34 -2.24
CA LYS A 32 -16.13 0.52 -3.39
C LYS A 32 -15.60 1.92 -3.17
N LYS A 33 -15.84 2.48 -1.98
CA LYS A 33 -15.50 3.86 -1.71
C LYS A 33 -14.09 4.00 -1.12
N LEU A 34 -13.69 3.06 -0.27
CA LEU A 34 -12.40 3.13 0.40
C LEU A 34 -11.27 3.11 -0.62
N ILE A 35 -11.36 2.20 -1.59
CA ILE A 35 -10.36 2.12 -2.64
C ILE A 35 -10.37 3.39 -3.49
N GLU A 36 -11.57 3.85 -3.80
CA GLU A 36 -11.72 5.05 -4.65
C GLU A 36 -11.15 6.27 -3.96
N GLU A 37 -11.59 6.54 -2.73
CA GLU A 37 -11.15 7.71 -1.99
C GLU A 37 -9.66 7.66 -1.68
N ALA A 38 -9.15 6.46 -1.43
CA ALA A 38 -7.73 6.29 -1.18
C ALA A 38 -6.93 6.54 -2.45
N ARG A 39 -7.44 6.04 -3.57
CA ARG A 39 -6.77 6.22 -4.86
C ARG A 39 -6.68 7.71 -5.20
N LYS A 40 -7.82 8.39 -5.17
CA LYS A 40 -7.89 9.81 -5.50
C LYS A 40 -6.95 10.62 -4.62
N MET A 41 -6.85 10.23 -3.35
CA MET A 41 -6.00 10.93 -2.40
C MET A 41 -4.53 10.74 -2.75
N ALA A 42 -4.17 9.51 -3.09
CA ALA A 42 -2.80 9.19 -3.46
C ALA A 42 -2.42 9.80 -4.80
N GLU A 43 -3.39 9.85 -5.71
CA GLU A 43 -3.19 10.47 -7.02
C GLU A 43 -2.84 11.95 -6.87
N LYS A 44 -3.52 12.61 -5.95
CA LYS A 44 -3.31 14.02 -5.70
C LYS A 44 -1.94 14.27 -5.08
N ALA A 45 -1.47 13.30 -4.30
CA ALA A 45 -0.18 13.41 -3.65
C ALA A 45 0.94 12.87 -4.55
N ASN A 46 0.54 12.39 -5.73
CA ASN A 46 1.47 11.85 -6.72
C ASN A 46 2.21 10.63 -6.17
N LEU A 47 1.48 9.78 -5.47
CA LEU A 47 2.06 8.57 -4.90
C LEU A 47 1.73 7.38 -5.80
N TYR A 48 2.66 6.46 -5.94
CA TYR A 48 2.45 5.28 -6.78
C TYR A 48 1.67 4.23 -5.99
N LEU A 49 0.39 4.10 -6.32
CA LEU A 49 -0.48 3.18 -5.61
C LEU A 49 -0.72 1.92 -6.46
N LEU A 50 -0.52 0.77 -5.84
CA LEU A 50 -0.74 -0.50 -6.51
C LEU A 50 -1.70 -1.37 -5.71
N THR A 51 -2.63 -1.99 -6.42
CA THR A 51 -3.51 -2.97 -5.81
C THR A 51 -2.88 -4.34 -5.99
N LEU A 52 -3.17 -5.27 -5.10
CA LEU A 52 -2.46 -6.53 -5.09
C LEU A 52 -3.20 -7.56 -5.95
N GLU A 53 -2.58 -7.85 -7.09
CA GLU A 53 -3.09 -8.84 -8.03
C GLU A 53 -1.89 -9.39 -8.79
N THR A 54 -1.11 -8.49 -9.34
CA THR A 54 0.21 -8.83 -9.87
C THR A 54 1.27 -8.41 -8.85
N ASP A 55 1.89 -9.40 -8.22
CA ASP A 55 2.73 -9.14 -7.04
C ASP A 55 4.18 -8.86 -7.40
N ASP A 56 4.88 -9.91 -7.84
CA ASP A 56 6.33 -9.84 -8.01
C ASP A 56 6.75 -8.84 -9.07
N LYS A 57 6.00 -8.78 -10.16
CA LYS A 57 6.38 -7.99 -11.31
C LYS A 57 6.22 -6.48 -11.05
N LYS A 58 4.99 -6.02 -10.95
CA LYS A 58 4.71 -4.58 -10.94
C LYS A 58 5.31 -3.87 -9.74
N ILE A 59 5.17 -4.48 -8.56
CA ILE A 59 5.66 -3.87 -7.33
C ILE A 59 7.18 -3.68 -7.38
N GLU A 60 7.88 -4.71 -7.82
CA GLU A 60 9.34 -4.68 -7.87
C GLU A 60 9.81 -3.79 -9.02
N ASP A 61 9.13 -3.89 -10.16
CA ASP A 61 9.50 -3.14 -11.36
C ASP A 61 9.44 -1.64 -11.13
N ILE A 62 8.33 -1.17 -10.60
CA ILE A 62 8.12 0.25 -10.38
C ILE A 62 9.10 0.81 -9.36
N LEU A 63 9.32 0.08 -8.27
CA LEU A 63 10.26 0.51 -7.24
C LEU A 63 11.66 0.73 -7.79
N LYS A 64 12.06 -0.08 -8.76
CA LYS A 64 13.38 0.07 -9.38
C LYS A 64 13.42 1.32 -10.26
N SER A 65 12.25 1.75 -10.69
CA SER A 65 12.14 2.94 -11.52
C SER A 65 12.15 4.20 -10.66
N LEU A 66 11.72 4.05 -9.40
CA LEU A 66 11.69 5.18 -8.47
C LEU A 66 13.10 5.73 -8.24
N GLY A 67 14.07 4.82 -8.11
CA GLY A 67 15.45 5.24 -7.96
C GLY A 67 15.99 5.00 -6.56
N PRO A 68 15.92 6.01 -5.69
CA PRO A 68 16.38 5.90 -4.29
C PRO A 68 15.58 4.85 -3.49
N PRO A 69 16.08 4.46 -2.30
CA PRO A 69 15.33 3.59 -1.40
C PRO A 69 13.95 4.18 -1.10
N VAL A 70 12.92 3.44 -1.43
CA VAL A 70 11.56 3.96 -1.33
C VAL A 70 10.86 3.44 -0.08
N LYS A 71 9.99 4.26 0.50
CA LYS A 71 9.24 3.88 1.68
C LYS A 71 7.89 3.30 1.27
N ILE A 72 7.53 2.18 1.89
CA ILE A 72 6.36 1.43 1.47
C ILE A 72 5.23 1.53 2.47
N LEU A 73 4.15 2.19 2.06
CA LEU A 73 2.95 2.25 2.86
C LEU A 73 1.94 1.24 2.32
N VAL A 74 1.36 0.44 3.18
CA VAL A 74 0.39 -0.55 2.73
C VAL A 74 -0.84 -0.56 3.63
N LEU A 75 -2.01 -0.64 3.01
CA LEU A 75 -3.26 -0.62 3.74
C LEU A 75 -4.07 -1.87 3.43
N LEU A 76 -4.51 -2.55 4.47
CA LEU A 76 -5.32 -3.75 4.33
C LEU A 76 -6.60 -3.57 5.12
N GLU A 77 -7.73 -3.86 4.49
CA GLU A 77 -9.01 -3.81 5.18
C GLU A 77 -9.06 -4.92 6.21
N ASP A 78 -9.57 -4.63 7.41
CA ASP A 78 -9.61 -5.65 8.45
C ASP A 78 -10.72 -6.64 8.17
N THR A 79 -10.40 -7.60 7.33
CA THR A 79 -11.24 -8.76 7.11
C THR A 79 -10.53 -10.03 7.58
N LYS A 80 -11.11 -11.18 7.31
CA LYS A 80 -10.47 -12.44 7.69
C LYS A 80 -9.34 -12.79 6.70
N ASP A 81 -9.70 -12.83 5.42
CA ASP A 81 -8.76 -13.22 4.38
C ASP A 81 -7.67 -12.17 4.17
N ALA A 82 -7.96 -10.93 4.55
CA ALA A 82 -6.98 -9.86 4.44
C ALA A 82 -5.98 -9.87 5.60
N ASP A 83 -6.26 -10.64 6.64
CA ASP A 83 -5.33 -10.73 7.76
C ASP A 83 -4.30 -11.82 7.50
N LYS A 84 -4.72 -12.86 6.81
CA LYS A 84 -3.81 -13.94 6.43
C LYS A 84 -2.88 -13.48 5.31
N VAL A 85 -3.36 -12.59 4.44
CA VAL A 85 -2.52 -12.06 3.38
C VAL A 85 -1.43 -11.17 3.98
N LYS A 86 -1.74 -10.56 5.11
CA LYS A 86 -0.76 -9.78 5.85
C LYS A 86 0.44 -10.64 6.25
N LYS A 87 0.16 -11.90 6.58
CA LYS A 87 1.23 -12.85 6.91
C LYS A 87 2.12 -13.07 5.69
N GLU A 88 1.47 -13.21 4.53
CA GLU A 88 2.17 -13.47 3.28
C GLU A 88 2.99 -12.26 2.83
N ILE A 89 2.42 -11.07 3.01
CA ILE A 89 3.11 -9.83 2.70
C ILE A 89 4.38 -9.69 3.53
N GLU A 90 4.32 -10.15 4.78
CA GLU A 90 5.48 -10.14 5.66
C GLU A 90 6.58 -11.01 5.08
N LYS A 91 6.20 -12.20 4.61
CA LYS A 91 7.15 -13.13 4.02
C LYS A 91 7.79 -12.52 2.78
N LYS A 92 6.96 -11.94 1.94
CA LYS A 92 7.42 -11.27 0.72
C LYS A 92 8.38 -10.13 1.05
N ALA A 93 7.99 -9.30 2.01
CA ALA A 93 8.78 -8.14 2.41
C ALA A 93 10.16 -8.56 2.88
N ARG A 94 10.23 -9.61 3.68
CA ARG A 94 11.51 -10.10 4.20
C ARG A 94 12.39 -10.63 3.07
N LYS A 95 11.77 -11.33 2.12
CA LYS A 95 12.51 -11.87 0.98
C LYS A 95 13.06 -10.75 0.10
N LYS A 96 12.28 -9.71 -0.08
CA LYS A 96 12.69 -8.58 -0.92
C LYS A 96 13.58 -7.63 -0.16
N ASN A 97 13.75 -7.88 1.13
CA ASN A 97 14.52 -7.02 2.03
C ASN A 97 13.93 -5.61 2.06
N LEU A 98 12.62 -5.55 1.96
CA LEU A 98 11.92 -4.29 1.81
C LEU A 98 11.05 -4.00 3.04
N PRO A 99 11.45 -3.02 3.88
CA PRO A 99 10.63 -2.59 5.01
C PRO A 99 9.26 -2.07 4.56
N VAL A 100 8.21 -2.62 5.14
CA VAL A 100 6.84 -2.22 4.78
C VAL A 100 6.04 -1.88 6.03
N ARG A 101 5.19 -0.87 5.93
CA ARG A 101 4.35 -0.49 7.06
C ARG A 101 2.90 -0.88 6.80
N ILE A 102 2.51 -2.03 7.34
CA ILE A 102 1.16 -2.54 7.20
C ILE A 102 0.23 -1.98 8.28
N ARG A 103 -0.91 -1.46 7.87
CA ARG A 103 -1.91 -1.00 8.82
C ARG A 103 -3.28 -1.56 8.45
N LYS A 104 -3.95 -2.15 9.43
CA LYS A 104 -5.26 -2.74 9.24
C LYS A 104 -6.34 -1.69 9.49
N VAL A 105 -7.05 -1.29 8.44
CA VAL A 105 -8.09 -0.28 8.55
C VAL A 105 -9.31 -0.65 7.71
N THR A 106 -10.49 -0.30 8.20
CA THR A 106 -11.66 -0.30 7.36
C THR A 106 -12.46 0.98 7.60
N SER A 107 -12.15 1.98 6.79
CA SER A 107 -12.72 3.33 6.89
C SER A 107 -12.08 4.22 5.82
N PRO A 108 -12.90 4.86 4.98
CA PRO A 108 -12.40 5.72 3.90
C PRO A 108 -11.64 6.94 4.42
N ASP A 109 -12.16 7.56 5.47
CA ASP A 109 -11.55 8.76 6.04
C ASP A 109 -10.18 8.44 6.63
N GLU A 110 -10.11 7.33 7.34
CA GLU A 110 -8.89 6.88 8.00
C GLU A 110 -7.79 6.60 6.97
N ALA A 111 -8.19 6.12 5.80
CA ALA A 111 -7.23 5.70 4.79
C ALA A 111 -6.54 6.91 4.19
N LYS A 112 -7.33 7.94 3.94
CA LYS A 112 -6.83 9.19 3.40
C LYS A 112 -5.82 9.83 4.35
N ARG A 113 -6.06 9.68 5.66
CA ARG A 113 -5.20 10.29 6.66
C ARG A 113 -3.79 9.70 6.61
N TRP A 114 -3.71 8.37 6.59
CA TRP A 114 -2.42 7.69 6.60
C TRP A 114 -1.63 7.99 5.33
N ILE A 115 -2.35 8.28 4.25
CA ILE A 115 -1.73 8.70 3.01
C ILE A 115 -1.14 10.11 3.19
N LYS A 116 -1.91 10.98 3.83
CA LYS A 116 -1.46 12.35 4.10
C LYS A 116 -0.28 12.37 5.06
N GLU A 117 -0.25 11.41 5.97
CA GLU A 117 0.84 11.30 6.92
C GLU A 117 2.17 11.09 6.19
N PHE A 118 2.13 10.39 5.08
CA PHE A 118 3.33 10.08 4.32
C PHE A 118 3.60 11.13 3.24
N SER A 119 2.55 11.69 2.65
CA SER A 119 2.69 12.60 1.52
C SER A 119 3.49 13.83 1.88
N GLU A 120 3.07 14.52 2.94
CA GLU A 120 3.74 15.74 3.38
C GLU A 120 4.66 15.46 4.56
N GLU A 121 4.64 14.21 5.03
CA GLU A 121 5.45 13.78 6.17
C GLU A 121 5.18 14.65 7.40
N GLY A 22 9.91 9.67 -4.02
CA GLY A 22 9.49 8.26 -4.24
C GLY A 22 8.78 7.69 -3.05
N LEU A 23 7.46 7.54 -3.17
CA LEU A 23 6.66 6.98 -2.09
C LEU A 23 5.56 6.09 -2.68
N LEU A 24 5.48 4.85 -2.20
CA LEU A 24 4.60 3.86 -2.80
C LEU A 24 3.55 3.39 -1.79
N VAL A 25 2.36 3.08 -2.29
CA VAL A 25 1.26 2.64 -1.44
C VAL A 25 0.58 1.40 -2.00
N LEU A 26 0.29 0.45 -1.13
CA LEU A 26 -0.41 -0.75 -1.51
C LEU A 26 -1.68 -0.89 -0.71
N ILE A 27 -2.73 -1.39 -1.33
CA ILE A 27 -4.00 -1.56 -0.65
C ILE A 27 -4.73 -2.79 -1.17
N TRP A 28 -4.80 -3.83 -0.34
CA TRP A 28 -5.53 -5.02 -0.71
C TRP A 28 -6.91 -4.96 -0.10
N SER A 29 -7.87 -4.49 -0.87
CA SER A 29 -9.26 -4.54 -0.49
C SER A 29 -10.11 -4.70 -1.73
N ASN A 30 -11.32 -5.20 -1.56
CA ASN A 30 -12.33 -5.01 -2.58
C ASN A 30 -13.48 -4.25 -1.95
N ASP A 31 -13.22 -2.98 -1.70
CA ASP A 31 -14.18 -2.10 -1.08
C ASP A 31 -14.55 -0.98 -2.03
N LYS A 32 -15.71 -0.39 -1.82
CA LYS A 32 -16.16 0.71 -2.65
C LYS A 32 -15.52 2.03 -2.22
N LYS A 33 -15.47 2.27 -0.91
CA LYS A 33 -15.03 3.55 -0.38
C LYS A 33 -13.53 3.56 -0.13
N LEU A 34 -13.01 2.49 0.49
CA LEU A 34 -11.59 2.41 0.81
C LEU A 34 -10.73 2.64 -0.43
N ILE A 35 -11.04 1.92 -1.51
CA ILE A 35 -10.25 2.03 -2.72
C ILE A 35 -10.44 3.39 -3.38
N GLU A 36 -11.68 3.86 -3.43
CA GLU A 36 -12.01 5.11 -4.09
C GLU A 36 -11.27 6.29 -3.46
N GLU A 37 -11.41 6.45 -2.15
CA GLU A 37 -10.81 7.58 -1.46
C GLU A 37 -9.30 7.45 -1.37
N ALA A 38 -8.80 6.22 -1.44
CA ALA A 38 -7.36 5.99 -1.39
C ALA A 38 -6.69 6.42 -2.68
N ARG A 39 -7.20 5.95 -3.82
CA ARG A 39 -6.58 6.21 -5.11
C ARG A 39 -6.55 7.71 -5.44
N LYS A 40 -7.60 8.43 -5.05
CA LYS A 40 -7.68 9.85 -5.33
C LYS A 40 -6.75 10.64 -4.40
N MET A 41 -6.60 10.17 -3.16
CA MET A 41 -5.71 10.81 -2.20
C MET A 41 -4.27 10.54 -2.58
N ALA A 42 -4.02 9.33 -3.08
CA ALA A 42 -2.71 8.95 -3.58
C ALA A 42 -2.34 9.82 -4.78
N GLU A 43 -3.29 10.03 -5.67
CA GLU A 43 -3.09 10.86 -6.85
C GLU A 43 -2.76 12.29 -6.44
N LYS A 44 -3.32 12.71 -5.31
CA LYS A 44 -3.15 14.05 -4.81
C LYS A 44 -1.73 14.31 -4.31
N ALA A 45 -1.24 13.43 -3.45
CA ALA A 45 0.07 13.64 -2.82
C ALA A 45 1.18 12.91 -3.57
N ASN A 46 0.83 12.33 -4.70
CA ASN A 46 1.78 11.66 -5.61
C ASN A 46 2.29 10.37 -4.98
N LEU A 47 1.41 9.40 -4.88
CA LEU A 47 1.75 8.09 -4.35
C LEU A 47 1.64 7.04 -5.44
N TYR A 48 2.55 6.07 -5.43
CA TYR A 48 2.43 4.94 -6.33
C TYR A 48 1.53 3.89 -5.68
N LEU A 49 0.24 4.00 -5.93
CA LEU A 49 -0.72 3.13 -5.27
C LEU A 49 -1.15 2.01 -6.20
N LEU A 50 -1.01 0.78 -5.71
CA LEU A 50 -1.40 -0.39 -6.46
C LEU A 50 -2.52 -1.16 -5.76
N THR A 51 -3.58 -1.44 -6.50
CA THR A 51 -4.62 -2.32 -6.02
C THR A 51 -4.51 -3.65 -6.75
N LEU A 52 -3.97 -4.65 -6.08
CA LEU A 52 -3.56 -5.89 -6.72
C LEU A 52 -3.66 -7.06 -5.76
N GLU A 53 -3.58 -8.26 -6.31
CA GLU A 53 -3.45 -9.46 -5.49
C GLU A 53 -2.23 -10.28 -5.93
N THR A 54 -1.64 -9.90 -7.07
CA THR A 54 -0.35 -10.45 -7.47
C THR A 54 0.75 -9.43 -7.17
N ASP A 55 1.55 -9.74 -6.17
CA ASP A 55 2.46 -8.77 -5.55
C ASP A 55 3.74 -8.55 -6.35
N ASP A 56 4.56 -9.59 -6.45
CA ASP A 56 5.91 -9.47 -7.01
C ASP A 56 5.91 -8.86 -8.40
N LYS A 57 4.96 -9.24 -9.24
CA LYS A 57 4.94 -8.79 -10.62
C LYS A 57 4.74 -7.28 -10.71
N LYS A 58 3.66 -6.79 -10.11
CA LYS A 58 3.27 -5.40 -10.29
C LYS A 58 4.05 -4.46 -9.37
N ILE A 59 4.07 -4.81 -8.08
CA ILE A 59 4.66 -3.95 -7.06
C ILE A 59 6.14 -3.74 -7.29
N GLU A 60 6.86 -4.84 -7.49
CA GLU A 60 8.31 -4.79 -7.64
C GLU A 60 8.69 -4.10 -8.94
N ASP A 61 7.87 -4.26 -9.98
CA ASP A 61 8.15 -3.65 -11.28
C ASP A 61 8.19 -2.14 -11.16
N ILE A 62 7.15 -1.56 -10.58
CA ILE A 62 7.06 -0.11 -10.44
C ILE A 62 8.11 0.44 -9.49
N LEU A 63 8.39 -0.31 -8.43
CA LEU A 63 9.28 0.17 -7.38
C LEU A 63 10.75 0.04 -7.81
N LYS A 64 11.11 -1.12 -8.36
CA LYS A 64 12.49 -1.38 -8.75
C LYS A 64 12.93 -0.42 -9.85
N SER A 65 12.00 -0.04 -10.69
CA SER A 65 12.29 0.86 -11.80
C SER A 65 12.34 2.32 -11.34
N LEU A 66 11.98 2.58 -10.08
CA LEU A 66 12.07 3.94 -9.57
C LEU A 66 13.49 4.25 -9.09
N GLY A 67 14.13 3.30 -8.41
CA GLY A 67 15.54 3.44 -8.08
C GLY A 67 15.85 3.10 -6.64
N PRO A 68 15.82 4.09 -5.74
CA PRO A 68 16.13 3.90 -4.32
C PRO A 68 15.11 2.99 -3.63
N PRO A 69 15.47 2.44 -2.45
CA PRO A 69 14.54 1.64 -1.65
C PRO A 69 13.37 2.50 -1.18
N VAL A 70 12.27 2.38 -1.89
CA VAL A 70 11.10 3.22 -1.67
C VAL A 70 10.34 2.82 -0.42
N LYS A 71 9.79 3.81 0.27
CA LYS A 71 8.98 3.55 1.45
C LYS A 71 7.57 3.15 1.03
N ILE A 72 7.11 2.02 1.51
CA ILE A 72 5.79 1.52 1.15
C ILE A 72 4.84 1.59 2.33
N LEU A 73 3.72 2.27 2.14
CA LEU A 73 2.63 2.24 3.11
C LEU A 73 1.54 1.31 2.60
N VAL A 74 1.14 0.36 3.43
CA VAL A 74 0.19 -0.66 3.01
C VAL A 74 -1.10 -0.56 3.81
N LEU A 75 -2.21 -0.34 3.10
CA LEU A 75 -3.52 -0.28 3.72
C LEU A 75 -4.26 -1.59 3.47
N LEU A 76 -4.70 -2.24 4.52
CA LEU A 76 -5.41 -3.50 4.39
C LEU A 76 -6.78 -3.42 5.07
N GLU A 77 -7.82 -3.75 4.33
CA GLU A 77 -9.13 -3.94 4.91
C GLU A 77 -9.19 -5.36 5.45
N ASP A 78 -9.52 -5.51 6.72
CA ASP A 78 -9.46 -6.80 7.39
C ASP A 78 -10.49 -7.77 6.83
N THR A 79 -10.09 -8.48 5.80
CA THR A 79 -10.93 -9.51 5.21
C THR A 79 -10.33 -10.88 5.49
N LYS A 80 -10.99 -11.93 5.02
CA LYS A 80 -10.50 -13.28 5.25
C LYS A 80 -9.16 -13.49 4.54
N ASP A 81 -9.06 -12.92 3.35
CA ASP A 81 -7.86 -13.06 2.52
C ASP A 81 -6.76 -12.12 3.00
N ALA A 82 -7.15 -11.03 3.65
CA ALA A 82 -6.21 -10.00 4.09
C ALA A 82 -5.14 -10.55 5.03
N ASP A 83 -5.50 -11.53 5.85
CA ASP A 83 -4.55 -12.10 6.80
C ASP A 83 -3.48 -12.88 6.08
N LYS A 84 -3.85 -13.45 4.94
CA LYS A 84 -2.91 -14.14 4.08
C LYS A 84 -1.90 -13.15 3.52
N VAL A 85 -2.41 -12.14 2.83
CA VAL A 85 -1.58 -11.14 2.17
C VAL A 85 -0.71 -10.41 3.19
N LYS A 86 -1.27 -10.21 4.38
CA LYS A 86 -0.56 -9.52 5.46
C LYS A 86 0.77 -10.20 5.78
N LYS A 87 0.70 -11.49 6.06
CA LYS A 87 1.88 -12.25 6.46
C LYS A 87 2.76 -12.56 5.27
N GLU A 88 2.18 -12.62 4.08
CA GLU A 88 2.94 -12.88 2.86
C GLU A 88 3.83 -11.70 2.52
N ILE A 89 3.26 -10.49 2.55
CA ILE A 89 4.01 -9.28 2.24
C ILE A 89 5.16 -9.09 3.22
N GLU A 90 4.87 -9.22 4.51
CA GLU A 90 5.89 -9.05 5.54
C GLU A 90 7.01 -10.08 5.38
N LYS A 91 6.63 -11.29 4.99
CA LYS A 91 7.57 -12.37 4.80
C LYS A 91 8.55 -12.06 3.66
N LYS A 92 8.00 -11.56 2.55
CA LYS A 92 8.82 -11.22 1.40
C LYS A 92 9.64 -9.96 1.66
N ALA A 93 8.98 -8.94 2.19
CA ALA A 93 9.64 -7.67 2.46
C ALA A 93 10.77 -7.84 3.48
N ARG A 94 10.69 -8.91 4.24
CA ARG A 94 11.71 -9.23 5.23
C ARG A 94 13.01 -9.65 4.54
N LYS A 95 12.92 -10.63 3.66
CA LYS A 95 14.11 -11.17 3.01
C LYS A 95 14.58 -10.28 1.86
N LYS A 96 13.69 -9.42 1.37
CA LYS A 96 14.06 -8.47 0.32
C LYS A 96 14.57 -7.16 0.93
N ASN A 97 14.43 -7.08 2.25
CA ASN A 97 14.81 -5.90 3.04
C ASN A 97 14.17 -4.63 2.48
N LEU A 98 12.85 -4.69 2.32
CA LEU A 98 12.10 -3.57 1.76
C LEU A 98 11.11 -3.07 2.83
N PRO A 99 11.44 -1.94 3.49
CA PRO A 99 10.57 -1.36 4.53
C PRO A 99 9.13 -1.17 4.07
N VAL A 100 8.21 -1.84 4.76
CA VAL A 100 6.79 -1.68 4.50
C VAL A 100 6.06 -1.34 5.79
N ARG A 101 5.21 -0.33 5.73
CA ARG A 101 4.42 0.07 6.89
C ARG A 101 2.97 -0.31 6.68
N ILE A 102 2.56 -1.41 7.28
CA ILE A 102 1.22 -1.95 7.06
C ILE A 102 0.26 -1.50 8.14
N ARG A 103 -0.92 -1.03 7.73
CA ARG A 103 -1.98 -0.66 8.65
C ARG A 103 -3.31 -1.22 8.17
N LYS A 104 -4.01 -1.93 9.03
CA LYS A 104 -5.36 -2.37 8.73
C LYS A 104 -6.35 -1.29 9.11
N VAL A 105 -7.09 -0.79 8.15
CA VAL A 105 -8.02 0.29 8.39
C VAL A 105 -9.31 0.08 7.62
N THR A 106 -10.42 0.26 8.30
CA THR A 106 -11.69 0.28 7.62
C THR A 106 -12.34 1.65 7.85
N SER A 107 -12.06 2.55 6.94
CA SER A 107 -12.54 3.92 6.99
C SER A 107 -11.98 4.70 5.81
N PRO A 108 -12.84 5.24 4.95
CA PRO A 108 -12.39 6.06 3.83
C PRO A 108 -11.69 7.32 4.31
N ASP A 109 -12.08 7.76 5.51
CA ASP A 109 -11.47 8.94 6.12
C ASP A 109 -10.04 8.65 6.54
N GLU A 110 -9.88 7.57 7.31
CA GLU A 110 -8.57 7.19 7.82
C GLU A 110 -7.63 6.80 6.68
N ALA A 111 -8.20 6.22 5.61
CA ALA A 111 -7.42 5.87 4.44
C ALA A 111 -6.74 7.12 3.87
N LYS A 112 -7.50 8.20 3.78
CA LYS A 112 -6.97 9.47 3.30
C LYS A 112 -5.95 10.04 4.28
N ARG A 113 -6.19 9.82 5.57
CA ARG A 113 -5.29 10.30 6.62
C ARG A 113 -3.89 9.75 6.46
N TRP A 114 -3.77 8.42 6.49
CA TRP A 114 -2.48 7.76 6.48
C TRP A 114 -1.69 8.12 5.22
N ILE A 115 -2.39 8.25 4.11
CA ILE A 115 -1.76 8.61 2.85
C ILE A 115 -1.25 10.05 2.91
N LYS A 116 -1.99 10.90 3.59
CA LYS A 116 -1.66 12.31 3.69
C LYS A 116 -0.44 12.53 4.58
N GLU A 117 -0.51 12.03 5.81
CA GLU A 117 0.52 12.30 6.81
C GLU A 117 1.83 11.57 6.48
N PHE A 118 1.72 10.43 5.82
CA PHE A 118 2.89 9.65 5.46
C PHE A 118 3.63 10.29 4.29
N SER A 119 2.91 11.14 3.56
CA SER A 119 3.52 11.90 2.47
C SER A 119 4.28 13.09 3.03
N GLU A 120 4.05 13.39 4.29
CA GLU A 120 4.71 14.51 4.95
C GLU A 120 5.95 14.01 5.69
N GLU A 121 6.10 12.69 5.76
CA GLU A 121 7.22 12.07 6.43
C GLU A 121 8.41 11.94 5.48
N GLY A 22 9.71 8.77 -2.36
CA GLY A 22 9.97 7.33 -2.20
C GLY A 22 8.96 6.68 -1.28
N LEU A 23 7.69 6.87 -1.57
CA LEU A 23 6.62 6.27 -0.79
C LEU A 23 5.74 5.39 -1.67
N LEU A 24 5.49 4.17 -1.21
CA LEU A 24 4.63 3.25 -1.92
C LEU A 24 3.45 2.90 -1.03
N VAL A 25 2.24 3.16 -1.50
CA VAL A 25 1.05 2.91 -0.72
C VAL A 25 0.32 1.69 -1.22
N LEU A 26 0.45 0.58 -0.52
CA LEU A 26 -0.31 -0.62 -0.83
C LEU A 26 -1.62 -0.58 -0.07
N ILE A 27 -2.69 -1.05 -0.66
CA ILE A 27 -3.97 -1.09 0.03
C ILE A 27 -4.85 -2.22 -0.50
N TRP A 28 -4.92 -3.31 0.25
CA TRP A 28 -5.81 -4.39 -0.12
C TRP A 28 -7.09 -4.29 0.68
N SER A 29 -8.10 -3.70 0.08
CA SER A 29 -9.44 -3.69 0.62
C SER A 29 -10.42 -3.78 -0.54
N ASN A 30 -11.14 -4.88 -0.69
CA ASN A 30 -12.05 -5.01 -1.81
C ASN A 30 -13.33 -4.22 -1.53
N ASP A 31 -13.19 -2.91 -1.60
CA ASP A 31 -14.32 -2.01 -1.51
C ASP A 31 -14.48 -1.24 -2.80
N LYS A 32 -15.65 -0.73 -3.07
CA LYS A 32 -15.90 0.06 -4.27
C LYS A 32 -15.42 1.50 -4.06
N LYS A 33 -15.84 2.08 -2.96
CA LYS A 33 -15.57 3.49 -2.69
C LYS A 33 -14.20 3.70 -2.06
N LEU A 34 -13.85 2.84 -1.11
CA LEU A 34 -12.60 2.97 -0.37
C LEU A 34 -11.41 3.05 -1.33
N ILE A 35 -11.31 2.07 -2.23
CA ILE A 35 -10.22 2.04 -3.20
C ILE A 35 -10.21 3.32 -4.03
N GLU A 36 -11.36 3.67 -4.58
CA GLU A 36 -11.49 4.85 -5.42
C GLU A 36 -11.08 6.13 -4.68
N GLU A 37 -11.50 6.25 -3.43
CA GLU A 37 -11.21 7.42 -2.63
C GLU A 37 -9.73 7.48 -2.27
N ALA A 38 -9.15 6.31 -1.98
CA ALA A 38 -7.72 6.23 -1.68
C ALA A 38 -6.90 6.61 -2.90
N ARG A 39 -7.39 6.23 -4.08
CA ARG A 39 -6.72 6.57 -5.34
C ARG A 39 -6.64 8.08 -5.51
N LYS A 40 -7.70 8.78 -5.13
CA LYS A 40 -7.75 10.24 -5.24
C LYS A 40 -6.64 10.86 -4.41
N MET A 41 -6.52 10.40 -3.16
CA MET A 41 -5.54 10.95 -2.22
C MET A 41 -4.12 10.67 -2.68
N ALA A 42 -3.90 9.47 -3.19
CA ALA A 42 -2.58 9.08 -3.67
C ALA A 42 -2.23 9.82 -4.96
N GLU A 43 -3.21 9.94 -5.84
CA GLU A 43 -3.03 10.61 -7.13
C GLU A 43 -2.63 12.07 -6.94
N LYS A 44 -3.35 12.75 -6.05
CA LYS A 44 -3.09 14.17 -5.79
C LYS A 44 -1.70 14.37 -5.20
N ALA A 45 -1.21 13.37 -4.49
CA ALA A 45 0.11 13.44 -3.87
C ALA A 45 1.16 12.83 -4.78
N ASN A 46 0.74 12.42 -5.98
CA ASN A 46 1.62 11.83 -6.99
C ASN A 46 2.28 10.55 -6.49
N LEU A 47 1.54 9.78 -5.70
CA LEU A 47 2.03 8.51 -5.18
C LEU A 47 1.51 7.37 -6.04
N TYR A 48 1.95 6.16 -5.73
CA TYR A 48 1.46 4.96 -6.42
C TYR A 48 0.83 4.01 -5.42
N LEU A 49 -0.25 3.36 -5.82
CA LEU A 49 -0.97 2.48 -4.92
C LEU A 49 -1.39 1.20 -5.63
N LEU A 50 -1.43 0.10 -4.88
CA LEU A 50 -1.76 -1.21 -5.43
C LEU A 50 -2.89 -1.85 -4.65
N THR A 51 -3.80 -2.47 -5.39
CA THR A 51 -4.88 -3.24 -4.80
C THR A 51 -5.13 -4.50 -5.62
N LEU A 52 -4.62 -5.63 -5.14
CA LEU A 52 -4.80 -6.90 -5.84
C LEU A 52 -4.29 -8.05 -4.99
N GLU A 53 -4.39 -9.27 -5.50
CA GLU A 53 -4.02 -10.45 -4.72
C GLU A 53 -2.49 -10.62 -4.69
N THR A 54 -1.86 -10.56 -5.85
CA THR A 54 -0.41 -10.63 -5.92
C THR A 54 0.18 -9.31 -6.41
N ASP A 55 0.76 -8.57 -5.49
CA ASP A 55 1.33 -7.24 -5.81
C ASP A 55 2.76 -7.38 -6.34
N ASP A 56 3.28 -8.60 -6.25
CA ASP A 56 4.68 -8.92 -6.62
C ASP A 56 5.16 -8.19 -7.87
N LYS A 57 4.53 -8.50 -9.01
CA LYS A 57 4.95 -7.95 -10.30
C LYS A 57 4.86 -6.43 -10.30
N LYS A 58 3.79 -5.90 -9.74
CA LYS A 58 3.49 -4.48 -9.85
C LYS A 58 4.42 -3.66 -8.95
N ILE A 59 4.64 -4.11 -7.73
CA ILE A 59 5.53 -3.41 -6.80
C ILE A 59 6.94 -3.32 -7.37
N GLU A 60 7.45 -4.46 -7.81
CA GLU A 60 8.81 -4.57 -8.31
C GLU A 60 8.99 -3.73 -9.57
N ASP A 61 7.95 -3.66 -10.40
CA ASP A 61 8.00 -2.89 -11.62
C ASP A 61 8.03 -1.39 -11.34
N ILE A 62 7.09 -0.94 -10.50
CA ILE A 62 6.99 0.46 -10.17
C ILE A 62 8.22 0.94 -9.41
N LEU A 63 8.68 0.15 -8.45
CA LEU A 63 9.86 0.50 -7.66
C LEU A 63 11.10 0.58 -8.55
N LYS A 64 11.13 -0.25 -9.59
CA LYS A 64 12.21 -0.22 -10.56
C LYS A 64 12.28 1.16 -11.23
N SER A 65 11.11 1.73 -11.48
CA SER A 65 11.02 3.04 -12.11
C SER A 65 11.31 4.15 -11.09
N LEU A 66 11.02 3.87 -9.82
CA LEU A 66 11.18 4.87 -8.76
C LEU A 66 12.65 5.06 -8.39
N GLY A 67 13.40 3.96 -8.30
CA GLY A 67 14.83 4.06 -8.06
C GLY A 67 15.22 3.70 -6.64
N PRO A 68 15.50 4.71 -5.80
CA PRO A 68 15.92 4.50 -4.39
C PRO A 68 14.97 3.57 -3.62
N PRO A 69 15.47 2.94 -2.54
CA PRO A 69 14.67 2.07 -1.68
C PRO A 69 13.42 2.77 -1.16
N VAL A 70 12.31 2.48 -1.81
CA VAL A 70 11.05 3.12 -1.50
C VAL A 70 10.42 2.55 -0.23
N LYS A 71 9.87 3.43 0.59
CA LYS A 71 9.26 3.03 1.85
C LYS A 71 7.79 2.68 1.63
N ILE A 72 7.40 1.51 2.10
CA ILE A 72 6.06 1.01 1.82
C ILE A 72 5.13 1.14 3.02
N LEU A 73 4.00 1.79 2.78
CA LEU A 73 2.95 1.96 3.76
C LEU A 73 1.69 1.27 3.22
N VAL A 74 1.30 0.17 3.83
CA VAL A 74 0.18 -0.62 3.35
C VAL A 74 -1.04 -0.51 4.26
N LEU A 75 -2.18 -0.21 3.66
CA LEU A 75 -3.44 -0.18 4.38
C LEU A 75 -4.16 -1.48 4.11
N LEU A 76 -4.57 -2.16 5.16
CA LEU A 76 -5.16 -3.47 5.02
C LEU A 76 -6.47 -3.56 5.79
N GLU A 77 -7.56 -3.77 5.07
CA GLU A 77 -8.85 -4.01 5.69
C GLU A 77 -8.82 -5.37 6.35
N ASP A 78 -9.28 -5.46 7.59
CA ASP A 78 -9.18 -6.69 8.34
C ASP A 78 -10.23 -7.70 7.89
N THR A 79 -9.88 -8.45 6.87
CA THR A 79 -10.72 -9.53 6.38
C THR A 79 -10.02 -10.86 6.69
N LYS A 80 -10.67 -11.99 6.42
CA LYS A 80 -10.01 -13.28 6.60
C LYS A 80 -8.89 -13.45 5.58
N ASP A 81 -9.19 -13.13 4.33
CA ASP A 81 -8.22 -13.23 3.24
C ASP A 81 -7.04 -12.30 3.47
N ALA A 82 -7.28 -11.24 4.24
CA ALA A 82 -6.26 -10.24 4.54
C ALA A 82 -5.03 -10.86 5.20
N ASP A 83 -5.21 -12.00 5.86
CA ASP A 83 -4.11 -12.66 6.55
C ASP A 83 -3.14 -13.23 5.53
N LYS A 84 -3.69 -13.62 4.39
CA LYS A 84 -2.92 -14.14 3.29
C LYS A 84 -2.08 -13.04 2.66
N VAL A 85 -2.70 -11.87 2.49
CA VAL A 85 -2.02 -10.73 1.88
C VAL A 85 -0.95 -10.21 2.85
N LYS A 86 -1.27 -10.21 4.14
CA LYS A 86 -0.32 -9.81 5.17
C LYS A 86 0.87 -10.75 5.17
N LYS A 87 0.60 -12.03 4.97
CA LYS A 87 1.61 -13.06 4.92
C LYS A 87 2.59 -12.83 3.78
N GLU A 88 2.06 -12.62 2.58
CA GLU A 88 2.90 -12.53 1.38
C GLU A 88 3.59 -11.17 1.25
N ILE A 89 2.86 -10.10 1.54
CA ILE A 89 3.43 -8.76 1.44
C ILE A 89 4.58 -8.58 2.43
N GLU A 90 4.44 -9.17 3.61
CA GLU A 90 5.48 -9.09 4.63
C GLU A 90 6.63 -10.04 4.27
N LYS A 91 6.28 -11.14 3.63
CA LYS A 91 7.26 -12.11 3.17
C LYS A 91 8.25 -11.43 2.22
N LYS A 92 7.73 -10.61 1.32
CA LYS A 92 8.55 -9.86 0.37
C LYS A 92 9.44 -8.87 1.10
N ALA A 93 8.88 -8.25 2.15
CA ALA A 93 9.59 -7.29 2.96
C ALA A 93 10.86 -7.90 3.55
N ARG A 94 10.76 -9.17 3.91
CA ARG A 94 11.87 -9.88 4.51
C ARG A 94 12.91 -10.26 3.46
N LYS A 95 12.44 -10.68 2.29
CA LYS A 95 13.33 -11.10 1.20
C LYS A 95 14.12 -9.92 0.64
N LYS A 96 13.41 -8.84 0.30
CA LYS A 96 14.03 -7.70 -0.35
C LYS A 96 14.62 -6.73 0.65
N ASN A 97 14.45 -7.03 1.94
CA ASN A 97 14.91 -6.17 3.03
C ASN A 97 14.30 -4.79 2.89
N LEU A 98 13.03 -4.76 2.52
CA LEU A 98 12.33 -3.52 2.27
C LEU A 98 11.20 -3.35 3.28
N PRO A 99 11.33 -2.41 4.23
CA PRO A 99 10.38 -2.25 5.32
C PRO A 99 8.97 -1.90 4.84
N VAL A 100 8.02 -2.76 5.16
CA VAL A 100 6.63 -2.53 4.82
C VAL A 100 5.80 -2.32 6.09
N ARG A 101 5.16 -1.16 6.17
CA ARG A 101 4.39 -0.79 7.35
C ARG A 101 2.91 -1.08 7.16
N ILE A 102 2.42 -2.08 7.88
CA ILE A 102 1.02 -2.49 7.79
C ILE A 102 0.13 -1.67 8.70
N ARG A 103 -0.91 -1.09 8.12
CA ARG A 103 -1.92 -0.37 8.89
C ARG A 103 -3.29 -1.00 8.67
N LYS A 104 -3.81 -1.65 9.70
CA LYS A 104 -5.12 -2.29 9.63
C LYS A 104 -6.23 -1.26 9.74
N VAL A 105 -6.80 -0.89 8.59
CA VAL A 105 -7.84 0.12 8.54
C VAL A 105 -8.86 -0.19 7.47
N THR A 106 -10.12 0.13 7.75
CA THR A 106 -11.14 0.10 6.74
C THR A 106 -12.07 1.30 6.93
N SER A 107 -11.74 2.36 6.20
CA SER A 107 -12.45 3.64 6.24
C SER A 107 -11.75 4.60 5.28
N PRO A 108 -12.50 5.17 4.32
CA PRO A 108 -11.96 6.10 3.32
C PRO A 108 -11.19 7.26 3.95
N ASP A 109 -11.78 7.87 4.99
CA ASP A 109 -11.16 9.00 5.67
C ASP A 109 -9.84 8.59 6.32
N GLU A 110 -9.84 7.45 6.99
CA GLU A 110 -8.64 6.93 7.65
C GLU A 110 -7.56 6.66 6.61
N ALA A 111 -7.96 6.05 5.50
CA ALA A 111 -7.05 5.73 4.42
C ALA A 111 -6.36 6.99 3.90
N LYS A 112 -7.17 7.99 3.55
CA LYS A 112 -6.63 9.25 3.04
C LYS A 112 -5.69 9.90 4.03
N ARG A 113 -6.03 9.80 5.31
CA ARG A 113 -5.21 10.39 6.37
C ARG A 113 -3.80 9.81 6.33
N TRP A 114 -3.68 8.50 6.47
CA TRP A 114 -2.38 7.84 6.52
C TRP A 114 -1.57 8.09 5.24
N ILE A 115 -2.25 8.08 4.10
CA ILE A 115 -1.61 8.34 2.82
C ILE A 115 -1.01 9.75 2.79
N LYS A 116 -1.75 10.71 3.32
CA LYS A 116 -1.32 12.10 3.30
C LYS A 116 -0.30 12.38 4.41
N GLU A 117 -0.29 11.52 5.43
CA GLU A 117 0.67 11.65 6.52
C GLU A 117 2.06 11.24 6.07
N PHE A 118 2.16 10.05 5.48
CA PHE A 118 3.45 9.51 5.05
C PHE A 118 4.06 10.29 3.89
N SER A 119 3.22 10.97 3.13
CA SER A 119 3.71 11.77 2.02
C SER A 119 4.30 13.09 2.51
N GLU A 120 3.98 13.44 3.76
CA GLU A 120 4.53 14.64 4.38
C GLU A 120 5.47 14.27 5.51
N GLU A 121 5.94 13.03 5.49
CA GLU A 121 6.83 12.53 6.51
C GLU A 121 8.28 12.84 6.14
N GLY A 22 8.95 9.91 -1.80
CA GLY A 22 9.08 8.48 -2.17
C GLY A 22 8.16 7.60 -1.37
N LEU A 23 6.93 7.44 -1.83
CA LEU A 23 5.93 6.65 -1.13
C LEU A 23 5.27 5.64 -2.06
N LEU A 24 5.17 4.41 -1.60
CA LEU A 24 4.47 3.36 -2.33
C LEU A 24 3.37 2.81 -1.44
N VAL A 25 2.13 2.95 -1.88
CA VAL A 25 0.99 2.57 -1.05
C VAL A 25 0.39 1.25 -1.52
N LEU A 26 0.45 0.24 -0.66
CA LEU A 26 -0.23 -1.02 -0.93
C LEU A 26 -1.54 -1.01 -0.16
N ILE A 27 -2.64 -1.32 -0.81
CA ILE A 27 -3.92 -1.30 -0.14
C ILE A 27 -4.86 -2.32 -0.76
N TRP A 28 -5.05 -3.44 -0.10
CA TRP A 28 -5.98 -4.43 -0.58
C TRP A 28 -7.17 -4.53 0.38
N SER A 29 -8.20 -3.81 -0.03
CA SER A 29 -9.50 -3.87 0.59
C SER A 29 -10.55 -3.73 -0.50
N ASN A 30 -11.30 -4.78 -0.79
CA ASN A 30 -12.23 -4.72 -1.91
C ASN A 30 -13.50 -3.98 -1.51
N ASP A 31 -13.36 -2.67 -1.36
CA ASP A 31 -14.48 -1.78 -1.13
C ASP A 31 -14.61 -0.81 -2.30
N LYS A 32 -15.81 -0.35 -2.58
CA LYS A 32 -16.02 0.60 -3.67
C LYS A 32 -15.57 2.01 -3.27
N LYS A 33 -15.78 2.37 -2.02
CA LYS A 33 -15.52 3.72 -1.55
C LYS A 33 -14.06 3.91 -1.18
N LEU A 34 -13.53 2.97 -0.41
CA LEU A 34 -12.15 3.05 0.07
C LEU A 34 -11.18 3.22 -1.09
N ILE A 35 -11.24 2.30 -2.06
CA ILE A 35 -10.31 2.32 -3.18
C ILE A 35 -10.44 3.61 -3.98
N GLU A 36 -11.67 4.06 -4.18
CA GLU A 36 -11.91 5.26 -4.99
C GLU A 36 -11.29 6.49 -4.33
N GLU A 37 -11.66 6.77 -3.09
CA GLU A 37 -11.18 7.96 -2.40
C GLU A 37 -9.68 7.89 -2.13
N ALA A 38 -9.18 6.68 -1.86
CA ALA A 38 -7.75 6.50 -1.60
C ALA A 38 -6.94 6.77 -2.87
N ARG A 39 -7.40 6.23 -3.99
CA ARG A 39 -6.75 6.43 -5.28
C ARG A 39 -6.66 7.92 -5.61
N LYS A 40 -7.77 8.63 -5.44
CA LYS A 40 -7.82 10.05 -5.77
C LYS A 40 -6.96 10.88 -4.81
N MET A 41 -6.97 10.51 -3.54
CA MET A 41 -6.18 11.20 -2.52
C MET A 41 -4.69 11.06 -2.81
N ALA A 42 -4.32 9.87 -3.25
CA ALA A 42 -2.95 9.58 -3.64
C ALA A 42 -2.60 10.19 -4.99
N GLU A 43 -3.57 10.17 -5.91
CA GLU A 43 -3.38 10.74 -7.24
C GLU A 43 -3.16 12.25 -7.13
N LYS A 44 -3.76 12.84 -6.11
CA LYS A 44 -3.60 14.27 -5.82
C LYS A 44 -2.12 14.65 -5.72
N ALA A 45 -1.35 13.81 -5.05
CA ALA A 45 0.06 14.09 -4.83
C ALA A 45 0.94 13.20 -5.69
N ASN A 46 0.30 12.45 -6.59
CA ASN A 46 1.00 11.62 -7.59
C ASN A 46 1.70 10.43 -6.95
N LEU A 47 0.95 9.68 -6.16
CA LEU A 47 1.47 8.49 -5.51
C LEU A 47 1.16 7.24 -6.33
N TYR A 48 1.89 6.17 -6.05
CA TYR A 48 1.68 4.90 -6.73
C TYR A 48 1.09 3.89 -5.75
N LEU A 49 -0.01 3.26 -6.14
CA LEU A 49 -0.68 2.32 -5.26
C LEU A 49 -0.75 0.94 -5.88
N LEU A 50 -0.76 -0.08 -5.03
CA LEU A 50 -0.98 -1.44 -5.48
C LEU A 50 -2.22 -2.01 -4.83
N THR A 51 -3.20 -2.38 -5.64
CA THR A 51 -4.39 -3.04 -5.14
C THR A 51 -4.69 -4.26 -6.01
N LEU A 52 -4.24 -5.42 -5.55
CA LEU A 52 -4.36 -6.66 -6.30
C LEU A 52 -3.97 -7.84 -5.42
N GLU A 53 -3.71 -9.00 -6.02
CA GLU A 53 -3.47 -10.22 -5.25
C GLU A 53 -2.03 -10.28 -4.74
N THR A 54 -1.07 -10.36 -5.65
CA THR A 54 0.34 -10.42 -5.26
C THR A 54 1.07 -9.14 -5.67
N ASP A 55 1.39 -8.31 -4.69
CA ASP A 55 2.00 -7.00 -4.96
C ASP A 55 3.52 -7.08 -5.06
N ASP A 56 4.09 -8.18 -4.57
CA ASP A 56 5.53 -8.30 -4.41
C ASP A 56 6.30 -8.05 -5.71
N LYS A 57 5.82 -8.61 -6.81
CA LYS A 57 6.49 -8.41 -8.11
C LYS A 57 6.25 -7.00 -8.63
N LYS A 58 5.01 -6.53 -8.48
CA LYS A 58 4.63 -5.21 -8.97
C LYS A 58 5.39 -4.10 -8.24
N ILE A 59 5.62 -4.32 -6.95
CA ILE A 59 6.39 -3.38 -6.13
C ILE A 59 7.77 -3.14 -6.73
N GLU A 60 8.44 -4.22 -7.12
CA GLU A 60 9.78 -4.12 -7.67
C GLU A 60 9.81 -3.22 -8.90
N ASP A 61 8.88 -3.46 -9.82
CA ASP A 61 8.79 -2.70 -11.06
C ASP A 61 8.70 -1.21 -10.77
N ILE A 62 7.82 -0.84 -9.85
CA ILE A 62 7.62 0.56 -9.51
C ILE A 62 8.79 1.11 -8.68
N LEU A 63 9.20 0.33 -7.70
CA LEU A 63 10.25 0.76 -6.76
C LEU A 63 11.58 1.01 -7.49
N LYS A 64 11.93 0.13 -8.43
CA LYS A 64 13.17 0.28 -9.18
C LYS A 64 13.07 1.40 -10.19
N SER A 65 11.84 1.76 -10.57
CA SER A 65 11.62 2.85 -11.51
C SER A 65 11.62 4.19 -10.79
N LEU A 66 11.27 4.17 -9.50
CA LEU A 66 11.32 5.39 -8.69
C LEU A 66 12.76 5.72 -8.28
N GLY A 67 13.53 4.70 -7.90
CA GLY A 67 14.94 4.91 -7.63
C GLY A 67 15.28 4.80 -6.15
N PRO A 68 15.28 5.93 -5.42
CA PRO A 68 15.60 5.97 -3.98
C PRO A 68 14.78 4.99 -3.15
N PRO A 69 15.22 4.71 -1.90
CA PRO A 69 14.49 3.83 -0.98
C PRO A 69 13.11 4.38 -0.65
N VAL A 70 12.11 3.86 -1.33
CA VAL A 70 10.76 4.35 -1.22
C VAL A 70 10.08 3.79 0.03
N LYS A 71 9.31 4.66 0.69
CA LYS A 71 8.58 4.29 1.89
C LYS A 71 7.33 3.51 1.51
N ILE A 72 7.27 2.26 1.92
CA ILE A 72 6.15 1.41 1.58
C ILE A 72 5.12 1.41 2.70
N LEU A 73 3.94 1.92 2.39
CA LEU A 73 2.83 1.97 3.32
C LEU A 73 1.77 0.97 2.90
N VAL A 74 1.29 0.17 3.85
CA VAL A 74 0.30 -0.85 3.53
C VAL A 74 -0.96 -0.65 4.36
N LEU A 75 -2.06 -0.39 3.67
CA LEU A 75 -3.36 -0.28 4.29
C LEU A 75 -4.16 -1.54 4.01
N LEU A 76 -4.46 -2.29 5.04
CA LEU A 76 -5.12 -3.57 4.86
C LEU A 76 -6.42 -3.62 5.64
N GLU A 77 -7.49 -4.06 5.00
CA GLU A 77 -8.76 -4.25 5.68
C GLU A 77 -8.88 -5.69 6.16
N ASP A 78 -9.42 -5.88 7.36
CA ASP A 78 -9.52 -7.22 7.95
C ASP A 78 -10.51 -8.08 7.17
N THR A 79 -10.00 -8.74 6.15
CA THR A 79 -10.78 -9.68 5.37
C THR A 79 -10.23 -11.10 5.62
N LYS A 80 -10.97 -12.13 5.27
CA LYS A 80 -10.49 -13.49 5.45
C LYS A 80 -9.25 -13.73 4.59
N ASP A 81 -9.39 -13.46 3.30
CA ASP A 81 -8.28 -13.58 2.35
C ASP A 81 -7.08 -12.76 2.81
N ALA A 82 -7.36 -11.53 3.27
CA ALA A 82 -6.34 -10.63 3.81
C ALA A 82 -5.42 -11.28 4.84
N ASP A 83 -5.90 -12.33 5.50
CA ASP A 83 -5.13 -12.96 6.58
C ASP A 83 -3.93 -13.68 6.00
N LYS A 84 -4.13 -14.24 4.82
CA LYS A 84 -3.10 -15.02 4.16
C LYS A 84 -2.18 -14.12 3.34
N VAL A 85 -2.75 -13.07 2.74
CA VAL A 85 -1.95 -12.11 1.99
C VAL A 85 -1.04 -11.33 2.95
N LYS A 86 -1.55 -11.13 4.18
CA LYS A 86 -0.77 -10.54 5.25
C LYS A 86 0.52 -11.32 5.45
N LYS A 87 0.40 -12.64 5.47
CA LYS A 87 1.54 -13.52 5.68
C LYS A 87 2.45 -13.54 4.45
N GLU A 88 1.85 -13.65 3.28
CA GLU A 88 2.58 -13.85 2.04
C GLU A 88 3.37 -12.61 1.65
N ILE A 89 2.73 -11.45 1.69
CA ILE A 89 3.40 -10.22 1.30
C ILE A 89 4.49 -9.85 2.31
N GLU A 90 4.24 -10.16 3.58
CA GLU A 90 5.22 -9.93 4.63
C GLU A 90 6.44 -10.82 4.40
N LYS A 91 6.18 -12.05 3.98
CA LYS A 91 7.22 -13.00 3.65
C LYS A 91 8.04 -12.49 2.46
N LYS A 92 7.33 -12.01 1.44
CA LYS A 92 7.96 -11.48 0.24
C LYS A 92 8.85 -10.29 0.57
N ALA A 93 8.31 -9.33 1.31
CA ALA A 93 9.04 -8.13 1.69
C ALA A 93 10.25 -8.47 2.56
N ARG A 94 10.07 -9.51 3.38
CA ARG A 94 11.15 -10.00 4.25
C ARG A 94 12.33 -10.47 3.41
N LYS A 95 12.05 -11.31 2.43
CA LYS A 95 13.09 -11.88 1.58
C LYS A 95 13.55 -10.88 0.53
N LYS A 96 12.83 -9.77 0.41
CA LYS A 96 13.15 -8.77 -0.60
C LYS A 96 13.89 -7.60 0.06
N ASN A 97 14.08 -7.73 1.38
CA ASN A 97 14.82 -6.75 2.18
C ASN A 97 14.14 -5.38 2.16
N LEU A 98 12.82 -5.37 2.10
CA LEU A 98 12.07 -4.13 2.04
C LEU A 98 11.24 -3.94 3.31
N PRO A 99 11.48 -2.87 4.08
CA PRO A 99 10.68 -2.57 5.25
C PRO A 99 9.29 -2.05 4.88
N VAL A 100 8.26 -2.74 5.33
CA VAL A 100 6.89 -2.35 5.03
C VAL A 100 6.09 -2.14 6.30
N ARG A 101 5.30 -1.09 6.34
CA ARG A 101 4.46 -0.81 7.48
C ARG A 101 3.00 -1.15 7.17
N ILE A 102 2.55 -2.28 7.72
CA ILE A 102 1.20 -2.76 7.47
C ILE A 102 0.29 -2.47 8.66
N ARG A 103 -0.79 -1.75 8.40
CA ARG A 103 -1.76 -1.45 9.44
C ARG A 103 -3.15 -1.87 8.98
N LYS A 104 -4.00 -2.22 9.94
CA LYS A 104 -5.33 -2.71 9.62
C LYS A 104 -6.35 -1.61 9.80
N VAL A 105 -6.85 -1.09 8.69
CA VAL A 105 -7.75 0.06 8.72
C VAL A 105 -8.92 -0.15 7.77
N THR A 106 -10.08 0.34 8.15
CA THR A 106 -11.19 0.40 7.24
C THR A 106 -12.01 1.67 7.47
N SER A 107 -11.66 2.69 6.69
CA SER A 107 -12.37 3.96 6.68
C SER A 107 -11.65 4.91 5.74
N PRO A 108 -12.39 5.68 4.93
CA PRO A 108 -11.79 6.70 4.07
C PRO A 108 -10.99 7.72 4.87
N ASP A 109 -11.53 8.08 6.04
CA ASP A 109 -10.90 9.05 6.93
C ASP A 109 -9.46 8.66 7.27
N GLU A 110 -9.29 7.46 7.82
CA GLU A 110 -7.98 6.94 8.18
C GLU A 110 -7.08 6.84 6.96
N ALA A 111 -7.56 6.13 5.94
CA ALA A 111 -6.78 5.86 4.74
C ALA A 111 -6.26 7.15 4.10
N LYS A 112 -7.16 8.11 3.88
CA LYS A 112 -6.80 9.35 3.23
C LYS A 112 -5.84 10.18 4.07
N ARG A 113 -5.90 10.01 5.39
CA ARG A 113 -5.00 10.71 6.28
C ARG A 113 -3.60 10.12 6.19
N TRP A 114 -3.50 8.80 6.34
CA TRP A 114 -2.21 8.13 6.34
C TRP A 114 -1.49 8.35 5.03
N ILE A 115 -2.23 8.39 3.93
CA ILE A 115 -1.65 8.68 2.63
C ILE A 115 -1.08 10.09 2.62
N LYS A 116 -1.83 11.04 3.15
CA LYS A 116 -1.42 12.44 3.19
C LYS A 116 -0.12 12.59 3.97
N GLU A 117 -0.09 12.01 5.17
CA GLU A 117 1.02 12.17 6.08
C GLU A 117 2.29 11.54 5.51
N PHE A 118 2.13 10.53 4.67
CA PHE A 118 3.28 9.89 4.03
C PHE A 118 3.62 10.57 2.71
N SER A 119 2.71 11.36 2.17
CA SER A 119 2.95 12.09 0.94
C SER A 119 3.81 13.32 1.20
N GLU A 120 4.07 13.59 2.47
CA GLU A 120 4.85 14.75 2.86
C GLU A 120 6.35 14.48 2.75
N GLU A 121 6.71 13.20 2.67
CA GLU A 121 8.11 12.82 2.45
C GLU A 121 8.34 12.47 0.99
N GLY A 22 9.84 9.38 -1.52
CA GLY A 22 9.37 8.15 -2.20
C GLY A 22 8.40 7.36 -1.34
N LEU A 23 7.13 7.40 -1.71
CA LEU A 23 6.10 6.68 -0.96
C LEU A 23 5.27 5.81 -1.90
N LEU A 24 5.21 4.53 -1.59
CA LEU A 24 4.34 3.61 -2.31
C LEU A 24 3.32 3.02 -1.35
N VAL A 25 2.06 3.22 -1.67
CA VAL A 25 0.97 2.70 -0.86
C VAL A 25 0.40 1.42 -1.50
N LEU A 26 0.45 0.33 -0.77
CA LEU A 26 -0.12 -0.92 -1.25
C LEU A 26 -1.41 -1.21 -0.50
N ILE A 27 -2.53 -1.09 -1.18
CA ILE A 27 -3.82 -1.19 -0.53
C ILE A 27 -4.58 -2.45 -0.96
N TRP A 28 -5.13 -3.15 0.00
CA TRP A 28 -5.99 -4.30 -0.27
C TRP A 28 -7.29 -4.14 0.49
N SER A 29 -8.31 -3.68 -0.22
CA SER A 29 -9.64 -3.57 0.34
C SER A 29 -10.66 -3.95 -0.71
N ASN A 30 -11.87 -4.28 -0.30
CA ASN A 30 -12.95 -4.43 -1.26
C ASN A 30 -14.07 -3.47 -0.92
N ASP A 31 -13.79 -2.21 -1.13
CA ASP A 31 -14.79 -1.15 -1.00
C ASP A 31 -14.95 -0.45 -2.34
N LYS A 32 -16.12 0.09 -2.62
CA LYS A 32 -16.32 0.86 -3.84
C LYS A 32 -15.79 2.27 -3.69
N LYS A 33 -16.10 2.89 -2.55
CA LYS A 33 -15.81 4.30 -2.33
C LYS A 33 -14.38 4.49 -1.84
N LEU A 34 -13.98 3.66 -0.88
CA LEU A 34 -12.65 3.75 -0.27
C LEU A 34 -11.56 3.72 -1.33
N ILE A 35 -11.50 2.64 -2.10
CA ILE A 35 -10.45 2.45 -3.10
C ILE A 35 -10.44 3.59 -4.11
N GLU A 36 -11.62 4.02 -4.52
CA GLU A 36 -11.74 5.06 -5.54
C GLU A 36 -11.23 6.40 -5.03
N GLU A 37 -11.52 6.74 -3.78
CA GLU A 37 -11.13 8.04 -3.25
C GLU A 37 -9.71 8.00 -2.67
N ALA A 38 -9.25 6.81 -2.29
CA ALA A 38 -7.88 6.64 -1.80
C ALA A 38 -6.88 6.90 -2.91
N ARG A 39 -7.13 6.34 -4.09
CA ARG A 39 -6.22 6.48 -5.21
C ARG A 39 -6.15 7.92 -5.70
N LYS A 40 -7.28 8.63 -5.68
CA LYS A 40 -7.31 10.01 -6.16
C LYS A 40 -6.62 10.93 -5.16
N MET A 41 -6.63 10.53 -3.89
CA MET A 41 -5.93 11.28 -2.87
C MET A 41 -4.42 11.13 -3.07
N ALA A 42 -4.02 9.90 -3.37
CA ALA A 42 -2.62 9.60 -3.65
C ALA A 42 -2.19 10.29 -4.93
N GLU A 43 -3.01 10.21 -5.97
CA GLU A 43 -2.72 10.82 -7.26
C GLU A 43 -2.58 12.33 -7.11
N LYS A 44 -3.43 12.93 -6.28
CA LYS A 44 -3.38 14.36 -6.04
C LYS A 44 -2.04 14.78 -5.45
N ALA A 45 -1.49 13.94 -4.60
CA ALA A 45 -0.20 14.21 -3.97
C ALA A 45 0.95 13.59 -4.76
N ASN A 46 0.62 13.11 -5.96
CA ASN A 46 1.60 12.52 -6.87
C ASN A 46 2.25 11.28 -6.25
N LEU A 47 1.45 10.51 -5.53
CA LEU A 47 1.92 9.30 -4.88
C LEU A 47 1.63 8.08 -5.74
N TYR A 48 2.27 6.98 -5.42
CA TYR A 48 2.04 5.72 -6.11
C TYR A 48 1.29 4.77 -5.21
N LEU A 49 0.32 4.06 -5.75
CA LEU A 49 -0.48 3.13 -4.98
C LEU A 49 -0.95 1.97 -5.84
N LEU A 50 -0.86 0.78 -5.28
CA LEU A 50 -1.13 -0.45 -6.01
C LEU A 50 -2.05 -1.36 -5.21
N THR A 51 -2.79 -2.20 -5.91
CA THR A 51 -3.66 -3.16 -5.27
C THR A 51 -3.01 -4.54 -5.26
N LEU A 52 -3.33 -5.36 -4.28
CA LEU A 52 -2.64 -6.63 -4.11
C LEU A 52 -3.33 -7.74 -4.89
N GLU A 53 -2.65 -8.17 -5.93
CA GLU A 53 -3.09 -9.26 -6.79
C GLU A 53 -1.88 -9.71 -7.61
N THR A 54 -1.25 -8.75 -8.28
CA THR A 54 0.00 -9.00 -8.97
C THR A 54 1.15 -8.46 -8.13
N ASP A 55 1.94 -9.37 -7.58
CA ASP A 55 3.02 -8.99 -6.66
C ASP A 55 4.28 -8.62 -7.42
N ASP A 56 4.92 -9.61 -8.00
CA ASP A 56 6.26 -9.45 -8.57
C ASP A 56 6.27 -8.51 -9.77
N LYS A 57 5.32 -8.68 -10.68
CA LYS A 57 5.30 -7.87 -11.89
C LYS A 57 4.86 -6.44 -11.59
N LYS A 58 3.73 -6.29 -10.92
CA LYS A 58 3.16 -4.97 -10.66
C LYS A 58 3.94 -4.23 -9.58
N ILE A 59 3.99 -4.81 -8.38
CA ILE A 59 4.57 -4.12 -7.23
C ILE A 59 6.07 -3.92 -7.39
N GLU A 60 6.80 -5.00 -7.65
CA GLU A 60 8.26 -4.94 -7.65
C GLU A 60 8.79 -4.02 -8.73
N ASP A 61 8.27 -4.14 -9.95
CA ASP A 61 8.79 -3.36 -11.07
C ASP A 61 8.60 -1.87 -10.83
N ILE A 62 7.40 -1.47 -10.46
CA ILE A 62 7.11 -0.07 -10.21
C ILE A 62 7.94 0.46 -9.05
N LEU A 63 8.01 -0.32 -7.97
CA LEU A 63 8.76 0.07 -6.78
C LEU A 63 10.24 0.24 -7.13
N LYS A 64 10.76 -0.66 -7.95
CA LYS A 64 12.17 -0.63 -8.32
C LYS A 64 12.45 0.47 -9.34
N SER A 65 11.43 0.87 -10.09
CA SER A 65 11.59 1.88 -11.13
C SER A 65 11.63 3.29 -10.54
N LEU A 66 11.12 3.45 -9.32
CA LEU A 66 11.06 4.78 -8.71
C LEU A 66 12.46 5.34 -8.45
N GLY A 67 13.37 4.51 -7.99
CA GLY A 67 14.74 4.96 -7.76
C GLY A 67 15.09 5.07 -6.28
N PRO A 68 14.80 6.23 -5.65
CA PRO A 68 15.07 6.47 -4.22
C PRO A 68 14.49 5.39 -3.32
N PRO A 69 15.01 5.27 -2.08
CA PRO A 69 14.50 4.30 -1.11
C PRO A 69 13.05 4.57 -0.77
N VAL A 70 12.17 3.83 -1.42
CA VAL A 70 10.74 4.07 -1.30
C VAL A 70 10.19 3.46 -0.02
N LYS A 71 9.48 4.29 0.73
CA LYS A 71 8.80 3.84 1.92
C LYS A 71 7.44 3.29 1.53
N ILE A 72 7.18 2.05 1.89
CA ILE A 72 5.97 1.37 1.46
C ILE A 72 4.98 1.23 2.61
N LEU A 73 3.77 1.71 2.39
CA LEU A 73 2.72 1.62 3.38
C LEU A 73 1.62 0.71 2.87
N VAL A 74 1.51 -0.46 3.47
CA VAL A 74 0.50 -1.43 3.08
C VAL A 74 -0.77 -1.24 3.93
N LEU A 75 -1.85 -0.85 3.27
CA LEU A 75 -3.13 -0.65 3.92
C LEU A 75 -4.03 -1.86 3.68
N LEU A 76 -4.20 -2.68 4.70
CA LEU A 76 -5.02 -3.86 4.57
C LEU A 76 -6.38 -3.67 5.22
N GLU A 77 -7.43 -3.93 4.48
CA GLU A 77 -8.77 -3.97 5.03
C GLU A 77 -8.92 -5.27 5.81
N ASP A 78 -9.15 -5.17 7.12
CA ASP A 78 -9.11 -6.34 8.00
C ASP A 78 -10.17 -7.37 7.63
N THR A 79 -9.80 -8.26 6.74
CA THR A 79 -10.60 -9.41 6.39
C THR A 79 -9.89 -10.67 6.86
N LYS A 80 -10.59 -11.79 6.93
CA LYS A 80 -9.96 -13.04 7.34
C LYS A 80 -8.81 -13.38 6.39
N ASP A 81 -9.08 -13.26 5.09
CA ASP A 81 -8.07 -13.53 4.05
C ASP A 81 -6.85 -12.63 4.22
N ALA A 82 -7.08 -11.39 4.66
CA ALA A 82 -6.01 -10.40 4.77
C ALA A 82 -4.98 -10.78 5.82
N ASP A 83 -5.37 -11.61 6.78
CA ASP A 83 -4.45 -12.04 7.83
C ASP A 83 -3.42 -12.97 7.26
N LYS A 84 -3.82 -13.68 6.23
CA LYS A 84 -2.94 -14.59 5.53
C LYS A 84 -1.99 -13.81 4.63
N VAL A 85 -2.56 -12.86 3.88
CA VAL A 85 -1.76 -12.06 2.95
C VAL A 85 -0.75 -11.22 3.72
N LYS A 86 -1.15 -10.72 4.90
CA LYS A 86 -0.26 -9.91 5.73
C LYS A 86 1.03 -10.66 6.03
N LYS A 87 0.89 -11.88 6.53
CA LYS A 87 2.05 -12.67 6.91
C LYS A 87 2.86 -13.08 5.69
N GLU A 88 2.19 -13.34 4.58
CA GLU A 88 2.88 -13.69 3.36
C GLU A 88 3.73 -12.52 2.87
N ILE A 89 3.17 -11.32 2.97
CA ILE A 89 3.87 -10.12 2.59
C ILE A 89 5.07 -9.89 3.52
N GLU A 90 4.85 -10.05 4.82
CA GLU A 90 5.90 -9.83 5.81
C GLU A 90 7.06 -10.79 5.60
N LYS A 91 6.74 -12.03 5.24
CA LYS A 91 7.77 -13.05 5.00
C LYS A 91 8.55 -12.74 3.72
N LYS A 92 7.83 -12.44 2.65
CA LYS A 92 8.46 -12.20 1.36
C LYS A 92 9.19 -10.85 1.35
N ALA A 93 8.74 -9.93 2.19
CA ALA A 93 9.37 -8.62 2.28
C ALA A 93 10.80 -8.76 2.79
N ARG A 94 11.01 -9.70 3.71
CA ARG A 94 12.33 -9.99 4.23
C ARG A 94 13.19 -10.63 3.14
N LYS A 95 12.54 -11.42 2.30
CA LYS A 95 13.22 -12.08 1.19
C LYS A 95 13.69 -11.07 0.15
N LYS A 96 12.89 -10.02 -0.03
CA LYS A 96 13.16 -9.01 -1.03
C LYS A 96 13.84 -7.78 -0.42
N ASN A 97 14.36 -7.96 0.81
CA ASN A 97 15.03 -6.90 1.59
C ASN A 97 14.26 -5.57 1.50
N LEU A 98 12.95 -5.65 1.62
CA LEU A 98 12.09 -4.50 1.41
C LEU A 98 11.27 -4.19 2.67
N PRO A 99 11.70 -3.20 3.47
CA PRO A 99 10.95 -2.74 4.64
C PRO A 99 9.56 -2.21 4.27
N VAL A 100 8.52 -2.83 4.81
CA VAL A 100 7.16 -2.42 4.53
C VAL A 100 6.42 -2.04 5.82
N ARG A 101 5.58 -1.02 5.74
CA ARG A 101 4.76 -0.59 6.86
C ARG A 101 3.33 -1.07 6.67
N ILE A 102 2.98 -2.17 7.34
CA ILE A 102 1.66 -2.77 7.18
C ILE A 102 0.75 -2.42 8.35
N ARG A 103 -0.44 -1.94 8.03
CA ARG A 103 -1.45 -1.66 9.06
C ARG A 103 -2.84 -2.01 8.54
N LYS A 104 -3.77 -2.26 9.46
CA LYS A 104 -5.12 -2.65 9.09
C LYS A 104 -6.08 -1.50 9.32
N VAL A 105 -6.81 -1.13 8.27
CA VAL A 105 -7.78 -0.06 8.36
C VAL A 105 -9.01 -0.37 7.51
N THR A 106 -10.17 0.06 7.97
CA THR A 106 -11.35 0.06 7.12
C THR A 106 -12.12 1.35 7.33
N SER A 107 -11.80 2.33 6.50
CA SER A 107 -12.43 3.64 6.51
C SER A 107 -11.72 4.52 5.50
N PRO A 108 -12.44 5.05 4.51
CA PRO A 108 -11.86 5.96 3.51
C PRO A 108 -11.26 7.21 4.13
N ASP A 109 -11.91 7.69 5.20
CA ASP A 109 -11.43 8.88 5.91
C ASP A 109 -10.09 8.58 6.58
N GLU A 110 -10.00 7.42 7.21
CA GLU A 110 -8.76 6.98 7.85
C GLU A 110 -7.68 6.72 6.81
N ALA A 111 -8.05 6.00 5.76
CA ALA A 111 -7.13 5.65 4.69
C ALA A 111 -6.48 6.89 4.09
N LYS A 112 -7.30 7.83 3.63
CA LYS A 112 -6.81 9.07 3.03
C LYS A 112 -5.94 9.85 4.00
N ARG A 113 -6.26 9.77 5.29
CA ARG A 113 -5.48 10.46 6.30
C ARG A 113 -4.08 9.87 6.37
N TRP A 114 -3.99 8.56 6.52
CA TRP A 114 -2.70 7.87 6.60
C TRP A 114 -1.87 8.13 5.35
N ILE A 115 -2.53 8.18 4.20
CA ILE A 115 -1.85 8.41 2.93
C ILE A 115 -1.20 9.79 2.91
N LYS A 116 -1.93 10.80 3.36
CA LYS A 116 -1.45 12.18 3.30
C LYS A 116 -0.46 12.44 4.42
N GLU A 117 -0.78 11.92 5.59
CA GLU A 117 0.05 12.09 6.79
C GLU A 117 1.47 11.60 6.52
N PHE A 118 1.57 10.49 5.80
CA PHE A 118 2.86 9.87 5.55
C PHE A 118 3.52 10.52 4.33
N SER A 119 2.72 11.20 3.53
CA SER A 119 3.21 11.86 2.33
C SER A 119 3.88 13.17 2.70
N GLU A 120 3.67 13.58 3.94
CA GLU A 120 4.27 14.79 4.46
C GLU A 120 5.64 14.47 5.04
N GLU A 121 5.99 13.19 5.01
CA GLU A 121 7.26 12.74 5.51
C GLU A 121 8.22 12.49 4.35
N GLY A 22 9.52 9.87 -1.85
CA GLY A 22 8.44 9.23 -2.62
C GLY A 22 7.85 8.04 -1.89
N LEU A 23 6.59 7.74 -2.16
CA LEU A 23 5.91 6.64 -1.48
C LEU A 23 5.35 5.65 -2.47
N LEU A 24 5.41 4.37 -2.10
CA LEU A 24 4.72 3.34 -2.84
C LEU A 24 3.68 2.72 -1.93
N VAL A 25 2.48 2.55 -2.45
CA VAL A 25 1.38 2.05 -1.66
C VAL A 25 0.76 0.82 -2.31
N LEU A 26 0.36 -0.13 -1.50
CA LEU A 26 -0.38 -1.28 -1.99
C LEU A 26 -1.47 -1.62 -0.99
N ILE A 27 -2.66 -1.90 -1.50
CA ILE A 27 -3.81 -2.07 -0.64
C ILE A 27 -4.59 -3.31 -1.00
N TRP A 28 -5.20 -3.94 0.00
CA TRP A 28 -6.09 -5.04 -0.25
C TRP A 28 -7.31 -4.88 0.64
N SER A 29 -8.34 -4.28 0.07
CA SER A 29 -9.62 -4.12 0.74
C SER A 29 -10.72 -4.23 -0.30
N ASN A 30 -11.95 -4.41 0.13
CA ASN A 30 -13.07 -4.29 -0.79
C ASN A 30 -14.19 -3.47 -0.16
N ASP A 31 -13.94 -2.17 -0.06
CA ASP A 31 -14.97 -1.20 0.23
C ASP A 31 -15.09 -0.26 -0.96
N LYS A 32 -16.31 0.13 -1.31
CA LYS A 32 -16.50 0.92 -2.53
C LYS A 32 -15.70 2.22 -2.50
N LYS A 33 -15.99 3.08 -1.53
CA LYS A 33 -15.38 4.41 -1.48
C LYS A 33 -13.94 4.35 -0.96
N LEU A 34 -13.59 3.28 -0.26
CA LEU A 34 -12.27 3.17 0.34
C LEU A 34 -11.18 3.22 -0.72
N ILE A 35 -11.33 2.42 -1.76
CA ILE A 35 -10.36 2.39 -2.83
C ILE A 35 -10.42 3.68 -3.65
N GLU A 36 -11.64 4.17 -3.87
CA GLU A 36 -11.85 5.40 -4.63
C GLU A 36 -11.14 6.59 -3.96
N GLU A 37 -11.45 6.80 -2.69
CA GLU A 37 -10.91 7.93 -1.95
C GLU A 37 -9.39 7.85 -1.82
N ALA A 38 -8.88 6.66 -1.56
CA ALA A 38 -7.45 6.47 -1.43
C ALA A 38 -6.75 6.72 -2.76
N ARG A 39 -7.36 6.25 -3.85
CA ARG A 39 -6.80 6.40 -5.18
C ARG A 39 -6.68 7.87 -5.57
N LYS A 40 -7.65 8.66 -5.17
CA LYS A 40 -7.64 10.09 -5.48
C LYS A 40 -6.60 10.84 -4.67
N MET A 41 -6.57 10.59 -3.36
CA MET A 41 -5.62 11.28 -2.49
C MET A 41 -4.19 10.91 -2.84
N ALA A 42 -3.97 9.64 -3.17
CA ALA A 42 -2.65 9.18 -3.56
C ALA A 42 -2.23 9.80 -4.90
N GLU A 43 -3.21 9.99 -5.79
CA GLU A 43 -2.95 10.58 -7.09
C GLU A 43 -2.55 12.04 -6.93
N LYS A 44 -3.23 12.74 -6.04
CA LYS A 44 -2.93 14.15 -5.77
C LYS A 44 -1.56 14.30 -5.12
N ALA A 45 -1.11 13.25 -4.45
CA ALA A 45 0.20 13.25 -3.82
C ALA A 45 1.26 12.62 -4.73
N ASN A 46 0.83 12.25 -5.93
CA ASN A 46 1.72 11.67 -6.94
C ASN A 46 2.32 10.34 -6.48
N LEU A 47 1.52 9.55 -5.77
CA LEU A 47 1.97 8.26 -5.29
C LEU A 47 1.50 7.14 -6.21
N TYR A 48 1.98 5.93 -5.98
CA TYR A 48 1.57 4.78 -6.76
C TYR A 48 0.98 3.72 -5.85
N LEU A 49 -0.28 3.35 -6.09
CA LEU A 49 -0.89 2.27 -5.32
C LEU A 49 -1.41 1.17 -6.23
N LEU A 50 -1.35 -0.05 -5.74
CA LEU A 50 -1.86 -1.21 -6.46
C LEU A 50 -2.72 -2.04 -5.52
N THR A 51 -3.79 -2.63 -6.03
CA THR A 51 -4.69 -3.40 -5.18
C THR A 51 -4.87 -4.83 -5.71
N LEU A 52 -4.11 -5.74 -5.14
CA LEU A 52 -4.21 -7.17 -5.44
C LEU A 52 -3.31 -7.94 -4.48
N GLU A 53 -3.27 -9.25 -4.59
CA GLU A 53 -2.51 -10.08 -3.66
C GLU A 53 -1.00 -9.86 -3.81
N THR A 54 -0.35 -10.54 -4.75
CA THR A 54 1.08 -10.37 -4.93
C THR A 54 1.39 -9.68 -6.26
N ASP A 55 1.72 -8.40 -6.18
CA ASP A 55 2.11 -7.64 -7.37
C ASP A 55 3.63 -7.54 -7.49
N ASP A 56 4.33 -8.01 -6.46
CA ASP A 56 5.76 -7.75 -6.24
C ASP A 56 6.61 -7.82 -7.52
N LYS A 57 6.23 -8.65 -8.48
CA LYS A 57 6.93 -8.72 -9.75
C LYS A 57 6.98 -7.34 -10.40
N LYS A 58 5.82 -6.75 -10.61
CA LYS A 58 5.72 -5.45 -11.25
C LYS A 58 6.11 -4.33 -10.29
N ILE A 59 5.73 -4.50 -9.02
CA ILE A 59 6.09 -3.53 -7.98
C ILE A 59 7.60 -3.36 -7.87
N GLU A 60 8.34 -4.46 -8.00
CA GLU A 60 9.80 -4.41 -7.93
C GLU A 60 10.37 -3.58 -9.07
N ASP A 61 9.70 -3.63 -10.21
CA ASP A 61 10.08 -2.80 -11.36
C ASP A 61 9.66 -1.35 -11.15
N ILE A 62 8.51 -1.15 -10.51
CA ILE A 62 8.02 0.19 -10.21
C ILE A 62 8.98 0.93 -9.30
N LEU A 63 9.34 0.32 -8.17
CA LEU A 63 10.34 0.89 -7.26
C LEU A 63 11.64 1.19 -7.98
N LYS A 64 12.01 0.33 -8.92
CA LYS A 64 13.23 0.51 -9.70
C LYS A 64 13.13 1.76 -10.59
N SER A 65 11.91 2.14 -10.91
CA SER A 65 11.67 3.29 -11.78
C SER A 65 11.70 4.61 -10.98
N LEU A 66 11.38 4.53 -9.70
CA LEU A 66 11.38 5.71 -8.84
C LEU A 66 12.81 6.22 -8.61
N GLY A 67 13.73 5.30 -8.38
CA GLY A 67 15.12 5.67 -8.17
C GLY A 67 15.48 5.73 -6.70
N PRO A 68 15.49 6.93 -6.10
CA PRO A 68 15.73 7.14 -4.66
C PRO A 68 14.93 6.19 -3.75
N PRO A 69 15.37 6.03 -2.50
CA PRO A 69 14.70 5.14 -1.53
C PRO A 69 13.24 5.52 -1.31
N VAL A 70 12.35 4.63 -1.69
CA VAL A 70 10.92 4.89 -1.60
C VAL A 70 10.36 4.25 -0.33
N LYS A 71 9.50 4.98 0.36
CA LYS A 71 8.88 4.49 1.58
C LYS A 71 7.51 3.90 1.26
N ILE A 72 7.27 2.69 1.75
CA ILE A 72 6.08 1.95 1.39
C ILE A 72 5.00 2.02 2.47
N LEU A 73 3.79 2.34 2.05
CA LEU A 73 2.64 2.36 2.94
C LEU A 73 1.62 1.33 2.47
N VAL A 74 1.13 0.52 3.39
CA VAL A 74 0.19 -0.54 3.06
C VAL A 74 -1.14 -0.32 3.76
N LEU A 75 -2.22 -0.68 3.09
CA LEU A 75 -3.56 -0.54 3.65
C LEU A 75 -4.31 -1.85 3.43
N LEU A 76 -4.59 -2.53 4.52
CA LEU A 76 -5.24 -3.84 4.47
C LEU A 76 -6.59 -3.77 5.17
N GLU A 77 -7.57 -4.49 4.64
CA GLU A 77 -8.85 -4.61 5.31
C GLU A 77 -8.85 -5.85 6.19
N ASP A 78 -9.24 -5.71 7.45
CA ASP A 78 -9.20 -6.85 8.37
C ASP A 78 -10.33 -7.82 8.04
N THR A 79 -10.05 -8.71 7.11
CA THR A 79 -10.92 -9.82 6.79
C THR A 79 -10.23 -11.13 7.19
N LYS A 80 -10.90 -12.26 7.07
CA LYS A 80 -10.25 -13.55 7.31
C LYS A 80 -9.12 -13.74 6.30
N ASP A 81 -9.36 -13.29 5.08
CA ASP A 81 -8.37 -13.36 4.00
C ASP A 81 -7.16 -12.48 4.29
N ALA A 82 -7.37 -11.44 5.09
CA ALA A 82 -6.31 -10.49 5.41
C ALA A 82 -5.11 -11.17 6.04
N ASP A 83 -5.37 -12.20 6.86
CA ASP A 83 -4.30 -12.91 7.53
C ASP A 83 -3.46 -13.65 6.50
N LYS A 84 -4.14 -14.11 5.47
CA LYS A 84 -3.51 -14.84 4.38
C LYS A 84 -2.58 -13.92 3.60
N VAL A 85 -3.11 -12.78 3.18
CA VAL A 85 -2.34 -11.82 2.39
C VAL A 85 -1.22 -11.22 3.22
N LYS A 86 -1.48 -10.96 4.50
CA LYS A 86 -0.52 -10.27 5.36
C LYS A 86 0.74 -11.10 5.54
N LYS A 87 0.58 -12.35 5.93
CA LYS A 87 1.73 -13.19 6.28
C LYS A 87 2.51 -13.62 5.04
N GLU A 88 1.85 -13.70 3.91
CA GLU A 88 2.52 -14.03 2.66
C GLU A 88 3.34 -12.85 2.16
N ILE A 89 2.72 -11.67 2.11
CA ILE A 89 3.41 -10.45 1.72
C ILE A 89 4.54 -10.14 2.69
N GLU A 90 4.30 -10.40 3.96
CA GLU A 90 5.29 -10.17 5.02
C GLU A 90 6.53 -11.03 4.75
N LYS A 91 6.27 -12.30 4.44
CA LYS A 91 7.33 -13.26 4.16
C LYS A 91 8.07 -12.91 2.87
N LYS A 92 7.34 -12.37 1.90
CA LYS A 92 7.94 -11.93 0.66
C LYS A 92 8.83 -10.72 0.88
N ALA A 93 8.29 -9.73 1.60
CA ALA A 93 9.03 -8.52 1.90
C ALA A 93 10.26 -8.81 2.76
N ARG A 94 10.18 -9.90 3.53
CA ARG A 94 11.29 -10.31 4.38
C ARG A 94 12.44 -10.85 3.53
N LYS A 95 12.09 -11.47 2.41
CA LYS A 95 13.10 -12.00 1.50
C LYS A 95 13.68 -10.89 0.64
N LYS A 96 12.91 -9.84 0.43
CA LYS A 96 13.37 -8.71 -0.36
C LYS A 96 14.15 -7.72 0.52
N ASN A 97 14.10 -7.96 1.84
CA ASN A 97 14.69 -7.07 2.83
C ASN A 97 14.08 -5.68 2.68
N LEU A 98 12.76 -5.66 2.57
CA LEU A 98 12.03 -4.44 2.24
C LEU A 98 11.14 -4.02 3.40
N PRO A 99 11.49 -2.92 4.10
CA PRO A 99 10.63 -2.35 5.14
C PRO A 99 9.23 -2.05 4.63
N VAL A 100 8.23 -2.35 5.45
CA VAL A 100 6.84 -2.20 5.04
C VAL A 100 5.95 -1.85 6.24
N ARG A 101 5.08 -0.88 6.06
CA ARG A 101 4.17 -0.45 7.13
C ARG A 101 2.75 -0.92 6.83
N ILE A 102 2.35 -2.02 7.44
CA ILE A 102 1.04 -2.60 7.20
C ILE A 102 0.02 -2.14 8.23
N ARG A 103 -1.11 -1.66 7.74
CA ARG A 103 -2.20 -1.23 8.60
C ARG A 103 -3.49 -1.92 8.21
N LYS A 104 -4.44 -1.94 9.11
CA LYS A 104 -5.74 -2.53 8.85
C LYS A 104 -6.85 -1.53 9.13
N VAL A 105 -7.38 -0.93 8.09
CA VAL A 105 -8.42 0.09 8.24
C VAL A 105 -9.55 -0.14 7.24
N THR A 106 -10.76 0.19 7.64
CA THR A 106 -11.86 0.31 6.70
C THR A 106 -12.58 1.63 6.97
N SER A 107 -12.17 2.64 6.22
CA SER A 107 -12.67 3.99 6.41
C SER A 107 -11.97 4.91 5.41
N PRO A 108 -12.74 5.52 4.50
CA PRO A 108 -12.18 6.38 3.46
C PRO A 108 -11.44 7.58 4.03
N ASP A 109 -11.88 8.03 5.20
CA ASP A 109 -11.27 9.18 5.85
C ASP A 109 -9.91 8.82 6.44
N GLU A 110 -9.84 7.70 7.17
CA GLU A 110 -8.58 7.25 7.74
C GLU A 110 -7.57 6.92 6.64
N ALA A 111 -8.08 6.30 5.57
CA ALA A 111 -7.25 5.95 4.43
C ALA A 111 -6.54 7.18 3.88
N LYS A 112 -7.31 8.24 3.72
CA LYS A 112 -6.80 9.49 3.18
C LYS A 112 -5.84 10.16 4.16
N ARG A 113 -6.13 10.03 5.45
CA ARG A 113 -5.35 10.68 6.48
C ARG A 113 -3.92 10.12 6.49
N TRP A 114 -3.81 8.79 6.55
CA TRP A 114 -2.50 8.14 6.62
C TRP A 114 -1.64 8.43 5.41
N ILE A 115 -2.26 8.51 4.24
CA ILE A 115 -1.54 8.84 3.02
C ILE A 115 -0.84 10.20 3.16
N LYS A 116 -1.58 11.16 3.69
CA LYS A 116 -1.05 12.50 3.90
C LYS A 116 0.02 12.50 4.99
N GLU A 117 -0.09 11.57 5.92
CA GLU A 117 0.87 11.47 7.02
C GLU A 117 2.24 11.02 6.54
N PHE A 118 2.26 10.21 5.49
CA PHE A 118 3.52 9.69 4.97
C PHE A 118 4.11 10.60 3.91
N SER A 119 3.26 11.28 3.16
CA SER A 119 3.73 12.18 2.11
C SER A 119 4.43 13.39 2.72
N GLU A 120 3.86 13.92 3.80
CA GLU A 120 4.45 15.05 4.49
C GLU A 120 5.48 14.57 5.52
N GLU A 121 5.86 13.31 5.42
CA GLU A 121 6.86 12.73 6.32
C GLU A 121 8.16 12.49 5.56
N GLY A 22 8.90 10.19 -2.43
CA GLY A 22 9.12 8.75 -2.65
C GLY A 22 8.34 7.89 -1.68
N LEU A 23 7.08 7.64 -1.99
CA LEU A 23 6.23 6.84 -1.10
C LEU A 23 5.38 5.88 -1.95
N LEU A 24 5.41 4.60 -1.60
CA LEU A 24 4.68 3.58 -2.34
C LEU A 24 3.51 3.10 -1.50
N VAL A 25 2.33 2.98 -2.11
CA VAL A 25 1.14 2.57 -1.40
C VAL A 25 0.54 1.29 -1.99
N LEU A 26 0.69 0.18 -1.28
CA LEU A 26 0.01 -1.05 -1.67
C LEU A 26 -1.31 -1.16 -0.92
N ILE A 27 -2.42 -1.04 -1.64
CA ILE A 27 -3.72 -1.06 -1.01
C ILE A 27 -4.51 -2.30 -1.42
N TRP A 28 -4.87 -3.11 -0.44
CA TRP A 28 -5.69 -4.27 -0.70
C TRP A 28 -6.89 -4.30 0.22
N SER A 29 -7.99 -3.77 -0.30
CA SER A 29 -9.27 -3.73 0.39
C SER A 29 -10.36 -3.96 -0.64
N ASN A 30 -11.59 -4.13 -0.22
CA ASN A 30 -12.68 -4.18 -1.19
C ASN A 30 -13.88 -3.38 -0.71
N ASP A 31 -13.71 -2.07 -0.70
CA ASP A 31 -14.80 -1.13 -0.53
C ASP A 31 -14.89 -0.27 -1.79
N LYS A 32 -16.08 0.19 -2.13
CA LYS A 32 -16.25 0.96 -3.34
C LYS A 32 -15.75 2.40 -3.16
N LYS A 33 -15.96 2.96 -1.98
CA LYS A 33 -15.56 4.33 -1.72
C LYS A 33 -14.12 4.41 -1.25
N LEU A 34 -13.72 3.47 -0.39
CA LEU A 34 -12.36 3.45 0.18
C LEU A 34 -11.32 3.49 -0.95
N ILE A 35 -11.52 2.65 -1.95
CA ILE A 35 -10.61 2.59 -3.08
C ILE A 35 -10.64 3.89 -3.89
N GLU A 36 -11.82 4.45 -4.07
CA GLU A 36 -11.97 5.71 -4.80
C GLU A 36 -11.24 6.83 -4.06
N GLU A 37 -11.49 6.93 -2.76
CA GLU A 37 -10.87 7.95 -1.92
C GLU A 37 -9.36 7.84 -1.97
N ALA A 38 -8.87 6.62 -1.88
CA ALA A 38 -7.44 6.35 -1.91
C ALA A 38 -6.81 6.86 -3.21
N ARG A 39 -7.47 6.57 -4.32
CA ARG A 39 -6.99 6.99 -5.63
C ARG A 39 -6.96 8.50 -5.73
N LYS A 40 -8.03 9.15 -5.29
CA LYS A 40 -8.16 10.59 -5.37
C LYS A 40 -7.12 11.28 -4.49
N MET A 41 -6.80 10.66 -3.35
CA MET A 41 -5.75 11.17 -2.48
C MET A 41 -4.38 10.96 -3.10
N ALA A 42 -4.22 9.83 -3.78
CA ALA A 42 -2.97 9.51 -4.45
C ALA A 42 -2.67 10.52 -5.55
N GLU A 43 -3.72 11.00 -6.21
CA GLU A 43 -3.57 11.98 -7.27
C GLU A 43 -3.32 13.38 -6.70
N LYS A 44 -3.56 13.54 -5.41
CA LYS A 44 -3.32 14.81 -4.74
C LYS A 44 -1.91 14.90 -4.18
N ALA A 45 -1.50 13.89 -3.42
CA ALA A 45 -0.20 13.90 -2.77
C ALA A 45 0.85 13.15 -3.58
N ASN A 46 0.45 12.69 -4.77
CA ASN A 46 1.36 12.10 -5.75
C ASN A 46 1.89 10.74 -5.32
N LEU A 47 0.98 9.82 -5.04
CA LEU A 47 1.36 8.48 -4.62
C LEU A 47 1.17 7.49 -5.75
N TYR A 48 1.87 6.38 -5.65
CA TYR A 48 1.69 5.28 -6.58
C TYR A 48 1.12 4.09 -5.83
N LEU A 49 -0.13 3.77 -6.11
CA LEU A 49 -0.81 2.68 -5.42
C LEU A 49 -1.09 1.52 -6.35
N LEU A 50 -1.01 0.32 -5.79
CA LEU A 50 -1.21 -0.89 -6.56
C LEU A 50 -2.18 -1.82 -5.86
N THR A 51 -2.89 -2.60 -6.66
CA THR A 51 -3.72 -3.67 -6.14
C THR A 51 -2.89 -4.95 -6.07
N LEU A 52 -3.24 -5.84 -5.15
CA LEU A 52 -2.40 -7.01 -4.90
C LEU A 52 -2.84 -8.19 -5.78
N GLU A 53 -1.98 -8.55 -6.71
CA GLU A 53 -2.19 -9.71 -7.57
C GLU A 53 -0.84 -10.17 -8.11
N THR A 54 -0.21 -9.31 -8.90
CA THR A 54 1.15 -9.54 -9.35
C THR A 54 2.10 -8.58 -8.65
N ASP A 55 2.90 -9.09 -7.74
CA ASP A 55 3.74 -8.25 -6.89
C ASP A 55 5.10 -8.00 -7.51
N ASP A 56 5.61 -8.99 -8.23
CA ASP A 56 6.95 -8.88 -8.80
C ASP A 56 6.95 -7.97 -10.03
N LYS A 57 6.01 -8.19 -10.91
CA LYS A 57 5.97 -7.49 -12.19
C LYS A 57 5.68 -6.00 -12.02
N LYS A 58 4.61 -5.68 -11.31
CA LYS A 58 4.15 -4.31 -11.22
C LYS A 58 4.86 -3.53 -10.11
N ILE A 59 4.85 -4.07 -8.90
CA ILE A 59 5.39 -3.36 -7.74
C ILE A 59 6.87 -3.03 -7.93
N GLU A 60 7.66 -4.02 -8.36
CA GLU A 60 9.09 -3.84 -8.52
C GLU A 60 9.39 -2.86 -9.65
N ASP A 61 8.61 -2.92 -10.74
CA ASP A 61 8.81 -2.02 -11.86
C ASP A 61 8.60 -0.58 -11.45
N ILE A 62 7.49 -0.33 -10.75
CA ILE A 62 7.18 1.01 -10.29
C ILE A 62 8.18 1.49 -9.24
N LEU A 63 8.56 0.61 -8.33
CA LEU A 63 9.55 0.94 -7.31
C LEU A 63 10.86 1.40 -7.96
N LYS A 64 11.29 0.64 -8.98
CA LYS A 64 12.51 0.97 -9.71
C LYS A 64 12.37 2.27 -10.51
N SER A 65 11.14 2.76 -10.63
CA SER A 65 10.89 4.00 -11.35
C SER A 65 11.24 5.20 -10.47
N LEU A 66 11.14 5.03 -9.15
CA LEU A 66 11.50 6.10 -8.22
C LEU A 66 13.02 6.21 -8.06
N GLY A 67 13.70 5.08 -7.95
CA GLY A 67 15.14 5.08 -7.78
C GLY A 67 15.58 4.55 -6.43
N PRO A 68 15.63 5.41 -5.40
CA PRO A 68 16.00 5.01 -4.03
C PRO A 68 15.03 4.00 -3.43
N PRO A 69 15.49 3.23 -2.42
CA PRO A 69 14.62 2.29 -1.68
C PRO A 69 13.42 2.99 -1.06
N VAL A 70 12.28 2.89 -1.74
CA VAL A 70 11.07 3.57 -1.34
C VAL A 70 10.41 2.85 -0.16
N LYS A 71 9.82 3.63 0.74
CA LYS A 71 9.13 3.07 1.90
C LYS A 71 7.76 2.57 1.49
N ILE A 72 7.49 1.31 1.79
CA ILE A 72 6.27 0.67 1.33
C ILE A 72 5.16 0.73 2.39
N LEU A 73 4.22 1.64 2.19
CA LEU A 73 3.01 1.69 3.00
C LEU A 73 1.98 0.75 2.41
N VAL A 74 1.32 -0.01 3.26
CA VAL A 74 0.27 -0.90 2.79
C VAL A 74 -0.99 -0.72 3.63
N LEU A 75 -2.14 -0.82 2.99
CA LEU A 75 -3.41 -0.66 3.69
C LEU A 75 -4.09 -2.01 3.79
N LEU A 76 -4.30 -2.45 5.02
CA LEU A 76 -4.82 -3.77 5.27
C LEU A 76 -6.27 -3.72 5.76
N GLU A 77 -7.18 -4.21 4.95
CA GLU A 77 -8.57 -4.37 5.36
C GLU A 77 -8.70 -5.71 6.06
N ASP A 78 -8.99 -5.69 7.36
CA ASP A 78 -9.00 -6.92 8.16
C ASP A 78 -10.16 -7.85 7.77
N THR A 79 -9.91 -8.70 6.80
CA THR A 79 -10.87 -9.72 6.40
C THR A 79 -10.37 -11.12 6.76
N LYS A 80 -11.07 -12.14 6.26
CA LYS A 80 -10.68 -13.52 6.51
C LYS A 80 -9.36 -13.86 5.80
N ASP A 81 -9.24 -13.48 4.54
CA ASP A 81 -8.06 -13.81 3.75
C ASP A 81 -6.92 -12.88 4.09
N ALA A 82 -7.27 -11.71 4.59
CA ALA A 82 -6.29 -10.70 4.94
C ALA A 82 -5.39 -11.14 6.08
N ASP A 83 -5.83 -12.14 6.83
CA ASP A 83 -5.08 -12.61 7.98
C ASP A 83 -3.88 -13.45 7.54
N LYS A 84 -4.07 -14.15 6.42
CA LYS A 84 -3.01 -14.97 5.87
C LYS A 84 -1.99 -14.10 5.15
N VAL A 85 -2.46 -13.18 4.32
CA VAL A 85 -1.58 -12.32 3.56
C VAL A 85 -0.83 -11.35 4.47
N LYS A 86 -1.47 -10.96 5.57
CA LYS A 86 -0.82 -10.14 6.60
C LYS A 86 0.48 -10.80 7.04
N LYS A 87 0.40 -12.10 7.30
CA LYS A 87 1.57 -12.86 7.70
C LYS A 87 2.56 -12.98 6.55
N GLU A 88 2.05 -13.29 5.37
CA GLU A 88 2.89 -13.55 4.20
C GLU A 88 3.69 -12.32 3.79
N ILE A 89 3.06 -11.15 3.84
CA ILE A 89 3.72 -9.91 3.46
C ILE A 89 4.93 -9.64 4.33
N GLU A 90 4.77 -9.80 5.65
CA GLU A 90 5.86 -9.55 6.57
C GLU A 90 6.96 -10.60 6.41
N LYS A 91 6.55 -11.83 6.15
CA LYS A 91 7.51 -12.92 5.95
C LYS A 91 8.31 -12.71 4.67
N LYS A 92 7.62 -12.43 3.57
CA LYS A 92 8.27 -12.25 2.28
C LYS A 92 9.15 -11.00 2.30
N ALA A 93 8.78 -10.03 3.12
CA ALA A 93 9.54 -8.79 3.25
C ALA A 93 10.93 -9.06 3.80
N ARG A 94 11.06 -10.11 4.60
CA ARG A 94 12.34 -10.47 5.18
C ARG A 94 13.20 -11.19 4.13
N LYS A 95 12.54 -11.97 3.28
CA LYS A 95 13.25 -12.71 2.23
C LYS A 95 13.66 -11.79 1.09
N LYS A 96 12.93 -10.71 0.91
CA LYS A 96 13.21 -9.78 -0.20
C LYS A 96 13.98 -8.55 0.30
N ASN A 97 14.04 -8.41 1.62
CA ASN A 97 14.68 -7.27 2.27
C ASN A 97 14.02 -5.97 1.82
N LEU A 98 12.78 -5.78 2.25
CA LEU A 98 11.99 -4.63 1.87
C LEU A 98 11.20 -4.11 3.07
N PRO A 99 11.33 -2.82 3.42
CA PRO A 99 10.59 -2.24 4.53
C PRO A 99 9.12 -2.04 4.17
N VAL A 100 8.24 -2.72 4.89
CA VAL A 100 6.81 -2.64 4.63
C VAL A 100 6.08 -2.16 5.89
N ARG A 101 5.09 -1.31 5.69
CA ARG A 101 4.31 -0.78 6.80
C ARG A 101 2.83 -1.15 6.65
N ILE A 102 2.43 -2.22 7.34
CA ILE A 102 1.06 -2.69 7.32
C ILE A 102 0.22 -2.06 8.42
N ARG A 103 -0.93 -1.51 8.05
CA ARG A 103 -1.84 -0.92 9.01
C ARG A 103 -3.27 -1.34 8.69
N LYS A 104 -3.97 -1.90 9.66
CA LYS A 104 -5.35 -2.33 9.48
C LYS A 104 -6.29 -1.14 9.50
N VAL A 105 -6.97 -0.92 8.40
CA VAL A 105 -7.92 0.20 8.28
C VAL A 105 -9.11 -0.20 7.42
N THR A 106 -10.27 0.30 7.75
CA THR A 106 -11.40 0.25 6.86
C THR A 106 -12.31 1.45 7.12
N SER A 107 -12.05 2.52 6.38
CA SER A 107 -12.83 3.75 6.46
C SER A 107 -12.21 4.79 5.54
N PRO A 108 -13.02 5.56 4.81
CA PRO A 108 -12.53 6.60 3.90
C PRO A 108 -11.47 7.49 4.53
N ASP A 109 -11.83 8.19 5.61
CA ASP A 109 -10.96 9.20 6.22
C ASP A 109 -9.62 8.62 6.64
N GLU A 110 -9.63 7.42 7.24
CA GLU A 110 -8.40 6.76 7.66
C GLU A 110 -7.47 6.52 6.48
N ALA A 111 -8.01 5.92 5.42
CA ALA A 111 -7.24 5.63 4.23
C ALA A 111 -6.70 6.93 3.62
N LYS A 112 -7.56 7.93 3.53
CA LYS A 112 -7.19 9.22 2.98
C LYS A 112 -6.11 9.89 3.82
N ARG A 113 -6.11 9.62 5.12
CA ARG A 113 -5.13 10.19 6.04
C ARG A 113 -3.76 9.56 5.82
N TRP A 114 -3.67 8.25 6.03
CA TRP A 114 -2.39 7.53 6.01
C TRP A 114 -1.63 7.78 4.71
N ILE A 115 -2.36 7.86 3.62
CA ILE A 115 -1.76 8.10 2.31
C ILE A 115 -1.09 9.47 2.25
N LYS A 116 -1.80 10.51 2.67
CA LYS A 116 -1.30 11.87 2.54
C LYS A 116 -0.32 12.19 3.67
N GLU A 117 -0.51 11.50 4.79
CA GLU A 117 0.32 11.70 5.97
C GLU A 117 1.71 11.13 5.74
N PHE A 118 1.79 10.03 5.01
CA PHE A 118 3.07 9.43 4.65
C PHE A 118 3.72 10.19 3.49
N SER A 119 2.93 11.00 2.81
CA SER A 119 3.45 11.78 1.69
C SER A 119 4.21 13.01 2.18
N GLU A 120 4.00 13.37 3.45
CA GLU A 120 4.61 14.57 3.99
C GLU A 120 5.76 14.24 4.93
N GLU A 121 6.35 13.07 4.74
CA GLU A 121 7.54 12.70 5.47
C GLU A 121 8.71 12.48 4.51
N GLY A 22 9.17 9.95 -1.26
CA GLY A 22 8.73 8.79 -2.07
C GLY A 22 7.77 7.91 -1.30
N LEU A 23 6.63 7.62 -1.90
CA LEU A 23 5.61 6.82 -1.23
C LEU A 23 5.16 5.66 -2.10
N LEU A 24 5.42 4.45 -1.62
CA LEU A 24 4.91 3.25 -2.26
C LEU A 24 3.85 2.64 -1.35
N VAL A 25 2.60 2.82 -1.69
CA VAL A 25 1.52 2.43 -0.79
C VAL A 25 0.71 1.27 -1.35
N LEU A 26 0.38 0.33 -0.49
CA LEU A 26 -0.36 -0.85 -0.88
C LEU A 26 -1.70 -0.89 -0.15
N ILE A 27 -2.75 -1.25 -0.86
CA ILE A 27 -4.07 -1.37 -0.24
C ILE A 27 -4.90 -2.42 -0.96
N TRP A 28 -5.29 -3.47 -0.25
CA TRP A 28 -6.17 -4.46 -0.82
C TRP A 28 -7.50 -4.46 -0.08
N SER A 29 -8.49 -3.89 -0.73
CA SER A 29 -9.87 -3.93 -0.27
C SER A 29 -10.78 -4.01 -1.50
N ASN A 30 -12.07 -4.22 -1.29
CA ASN A 30 -13.01 -4.01 -2.38
C ASN A 30 -14.23 -3.24 -1.88
N ASP A 31 -13.98 -1.97 -1.58
CA ASP A 31 -15.03 -1.02 -1.28
C ASP A 31 -14.98 0.07 -2.36
N LYS A 32 -16.15 0.44 -2.85
CA LYS A 32 -16.25 1.34 -3.99
C LYS A 32 -15.79 2.75 -3.60
N LYS A 33 -16.01 3.11 -2.35
CA LYS A 33 -15.64 4.43 -1.87
C LYS A 33 -14.18 4.46 -1.42
N LEU A 34 -13.77 3.45 -0.67
CA LEU A 34 -12.41 3.36 -0.15
C LEU A 34 -11.39 3.38 -1.28
N ILE A 35 -11.57 2.51 -2.27
CA ILE A 35 -10.65 2.42 -3.39
C ILE A 35 -10.57 3.75 -4.14
N GLU A 36 -11.74 4.36 -4.37
CA GLU A 36 -11.81 5.63 -5.06
C GLU A 36 -11.05 6.71 -4.30
N GLU A 37 -11.39 6.87 -3.01
CA GLU A 37 -10.77 7.90 -2.18
C GLU A 37 -9.27 7.70 -2.03
N ALA A 38 -8.86 6.46 -1.81
CA ALA A 38 -7.45 6.14 -1.66
C ALA A 38 -6.68 6.48 -2.93
N ARG A 39 -7.24 6.12 -4.06
CA ARG A 39 -6.61 6.37 -5.35
C ARG A 39 -6.58 7.87 -5.65
N LYS A 40 -7.71 8.54 -5.41
CA LYS A 40 -7.81 9.98 -5.65
C LYS A 40 -6.79 10.74 -4.81
N MET A 41 -6.65 10.37 -3.54
CA MET A 41 -5.72 11.03 -2.64
C MET A 41 -4.28 10.72 -3.05
N ALA A 42 -4.04 9.48 -3.44
CA ALA A 42 -2.71 9.06 -3.88
C ALA A 42 -2.30 9.83 -5.13
N GLU A 43 -3.26 10.05 -6.01
CA GLU A 43 -3.03 10.81 -7.24
C GLU A 43 -2.66 12.25 -6.91
N LYS A 44 -3.36 12.83 -5.92
CA LYS A 44 -3.16 14.22 -5.53
C LYS A 44 -1.71 14.51 -5.21
N ALA A 45 -1.10 13.65 -4.40
CA ALA A 45 0.28 13.86 -3.98
C ALA A 45 1.26 13.10 -4.87
N ASN A 46 0.70 12.50 -5.93
CA ASN A 46 1.48 11.84 -6.98
C ASN A 46 2.35 10.71 -6.43
N LEU A 47 1.74 9.81 -5.67
CA LEU A 47 2.45 8.65 -5.16
C LEU A 47 1.90 7.38 -5.81
N TYR A 48 2.64 6.28 -5.69
CA TYR A 48 2.24 5.04 -6.34
C TYR A 48 1.49 4.14 -5.37
N LEU A 49 0.19 4.05 -5.60
CA LEU A 49 -0.68 3.24 -4.78
C LEU A 49 -1.07 1.97 -5.52
N LEU A 50 -0.88 0.83 -4.88
CA LEU A 50 -1.26 -0.45 -5.46
C LEU A 50 -2.56 -0.94 -4.83
N THR A 51 -3.52 -1.30 -5.66
CA THR A 51 -4.76 -1.85 -5.18
C THR A 51 -5.11 -3.11 -5.97
N LEU A 52 -4.74 -4.24 -5.41
CA LEU A 52 -4.95 -5.53 -6.07
C LEU A 52 -4.64 -6.66 -5.09
N GLU A 53 -5.32 -7.80 -5.26
CA GLU A 53 -5.20 -8.93 -4.33
C GLU A 53 -3.74 -9.24 -3.96
N THR A 54 -2.92 -9.56 -4.94
CA THR A 54 -1.50 -9.81 -4.70
C THR A 54 -0.63 -8.72 -5.31
N ASP A 55 -0.02 -7.90 -4.45
CA ASP A 55 0.79 -6.77 -4.89
C ASP A 55 2.21 -7.18 -5.25
N ASP A 56 2.59 -8.40 -4.87
CA ASP A 56 4.00 -8.83 -4.92
C ASP A 56 4.67 -8.58 -6.27
N LYS A 57 4.09 -9.09 -7.36
CA LYS A 57 4.73 -8.98 -8.66
C LYS A 57 4.65 -7.54 -9.18
N LYS A 58 3.59 -6.83 -8.83
CA LYS A 58 3.41 -5.46 -9.27
C LYS A 58 4.43 -4.55 -8.59
N ILE A 59 4.69 -4.83 -7.32
CA ILE A 59 5.68 -4.09 -6.55
C ILE A 59 7.05 -4.20 -7.19
N GLU A 60 7.39 -5.38 -7.72
CA GLU A 60 8.68 -5.60 -8.35
C GLU A 60 8.97 -4.53 -9.39
N ASP A 61 8.03 -4.36 -10.31
CA ASP A 61 8.21 -3.43 -11.43
C ASP A 61 8.14 -1.99 -10.97
N ILE A 62 7.13 -1.66 -10.16
CA ILE A 62 6.93 -0.28 -9.71
C ILE A 62 8.09 0.18 -8.82
N LEU A 63 8.45 -0.66 -7.85
CA LEU A 63 9.55 -0.33 -6.93
C LEU A 63 10.87 -0.20 -7.70
N LYS A 64 11.04 -1.04 -8.72
CA LYS A 64 12.24 -0.98 -9.56
C LYS A 64 12.25 0.32 -10.36
N SER A 65 11.07 0.87 -10.58
CA SER A 65 10.93 2.12 -11.31
C SER A 65 11.27 3.29 -10.39
N LEU A 66 10.99 3.15 -9.10
CA LEU A 66 11.40 4.13 -8.11
C LEU A 66 12.90 4.05 -7.87
N GLY A 67 13.42 2.83 -7.78
CA GLY A 67 14.85 2.63 -7.62
C GLY A 67 15.26 2.34 -6.20
N PRO A 68 15.76 3.37 -5.48
CA PRO A 68 16.19 3.25 -4.08
C PRO A 68 15.08 2.75 -3.16
N PRO A 69 15.44 2.29 -1.95
CA PRO A 69 14.48 1.88 -0.93
C PRO A 69 13.51 3.00 -0.59
N VAL A 70 12.34 2.93 -1.19
CA VAL A 70 11.29 3.92 -0.98
C VAL A 70 10.38 3.47 0.16
N LYS A 71 9.75 4.42 0.83
CA LYS A 71 8.98 4.13 2.03
C LYS A 71 7.61 3.54 1.67
N ILE A 72 7.28 2.42 2.29
CA ILE A 72 6.04 1.72 2.00
C ILE A 72 5.07 1.84 3.17
N LEU A 73 3.83 2.21 2.84
CA LEU A 73 2.73 2.21 3.78
C LEU A 73 1.67 1.24 3.29
N VAL A 74 1.22 0.34 4.15
CA VAL A 74 0.29 -0.71 3.73
C VAL A 74 -1.03 -0.60 4.47
N LEU A 75 -2.11 -0.54 3.70
CA LEU A 75 -3.46 -0.51 4.24
C LEU A 75 -4.07 -1.89 4.13
N LEU A 76 -4.14 -2.56 5.27
CA LEU A 76 -4.54 -3.95 5.33
C LEU A 76 -6.02 -4.07 5.72
N GLU A 77 -6.90 -4.38 4.78
CA GLU A 77 -8.30 -4.59 5.13
C GLU A 77 -8.45 -5.91 5.87
N ASP A 78 -9.12 -5.87 7.02
CA ASP A 78 -9.29 -7.04 7.86
C ASP A 78 -10.29 -8.02 7.25
N THR A 79 -9.79 -8.88 6.38
CA THR A 79 -10.58 -9.93 5.80
C THR A 79 -10.06 -11.30 6.28
N LYS A 80 -10.81 -12.37 6.05
CA LYS A 80 -10.36 -13.70 6.41
C LYS A 80 -9.04 -14.05 5.73
N ASP A 81 -8.88 -13.59 4.49
CA ASP A 81 -7.71 -13.89 3.68
C ASP A 81 -6.49 -13.10 4.14
N ALA A 82 -6.73 -11.98 4.81
CA ALA A 82 -5.67 -11.08 5.28
C ALA A 82 -4.47 -11.80 5.91
N ASP A 83 -4.71 -12.94 6.53
CA ASP A 83 -3.68 -13.65 7.25
C ASP A 83 -2.65 -14.22 6.28
N LYS A 84 -3.14 -14.60 5.11
CA LYS A 84 -2.29 -15.21 4.10
C LYS A 84 -1.62 -14.14 3.26
N VAL A 85 -2.30 -13.01 3.07
CA VAL A 85 -1.78 -11.93 2.24
C VAL A 85 -0.73 -11.13 3.02
N LYS A 86 -0.97 -10.93 4.31
CA LYS A 86 -0.06 -10.16 5.13
C LYS A 86 1.30 -10.83 5.17
N LYS A 87 1.30 -12.13 5.44
CA LYS A 87 2.54 -12.89 5.53
C LYS A 87 3.24 -12.97 4.18
N GLU A 88 2.44 -13.06 3.12
CA GLU A 88 2.99 -13.17 1.77
C GLU A 88 3.68 -11.89 1.35
N ILE A 89 3.03 -10.76 1.58
CA ILE A 89 3.61 -9.46 1.26
C ILE A 89 4.82 -9.20 2.16
N GLU A 90 4.71 -9.66 3.40
CA GLU A 90 5.80 -9.53 4.36
C GLU A 90 7.04 -10.27 3.86
N LYS A 91 6.83 -11.47 3.31
CA LYS A 91 7.91 -12.25 2.73
C LYS A 91 8.59 -11.48 1.61
N LYS A 92 7.79 -10.93 0.70
CA LYS A 92 8.32 -10.22 -0.46
C LYS A 92 9.11 -8.99 -0.03
N ALA A 93 8.66 -8.37 1.04
CA ALA A 93 9.29 -7.18 1.58
C ALA A 93 10.68 -7.48 2.12
N ARG A 94 10.77 -8.45 3.02
CA ARG A 94 12.04 -8.76 3.67
C ARG A 94 13.01 -9.45 2.70
N LYS A 95 12.47 -10.10 1.68
CA LYS A 95 13.31 -10.72 0.65
C LYS A 95 13.87 -9.67 -0.30
N LYS A 96 13.45 -8.42 -0.11
CA LYS A 96 13.98 -7.31 -0.89
C LYS A 96 14.70 -6.33 0.04
N ASN A 97 14.80 -6.71 1.32
CA ASN A 97 15.40 -5.87 2.36
C ASN A 97 14.65 -4.54 2.48
N LEU A 98 13.34 -4.60 2.32
CA LEU A 98 12.53 -3.40 2.34
C LEU A 98 11.34 -3.57 3.28
N PRO A 99 11.44 -3.05 4.52
CA PRO A 99 10.36 -3.13 5.50
C PRO A 99 9.06 -2.50 5.01
N VAL A 100 7.94 -2.99 5.52
CA VAL A 100 6.64 -2.46 5.18
C VAL A 100 5.85 -2.09 6.43
N ARG A 101 5.28 -0.89 6.44
CA ARG A 101 4.49 -0.45 7.58
C ARG A 101 3.03 -0.80 7.36
N ILE A 102 2.59 -1.90 7.97
CA ILE A 102 1.24 -2.40 7.76
C ILE A 102 0.33 -2.00 8.91
N ARG A 103 -0.82 -1.44 8.59
CA ARG A 103 -1.85 -1.16 9.57
C ARG A 103 -3.21 -1.57 9.00
N LYS A 104 -4.06 -2.08 9.87
CA LYS A 104 -5.33 -2.64 9.44
C LYS A 104 -6.42 -1.58 9.47
N VAL A 105 -6.76 -1.07 8.29
CA VAL A 105 -7.77 -0.02 8.15
C VAL A 105 -8.63 -0.28 6.92
N THR A 106 -9.90 0.02 7.02
CA THR A 106 -10.76 0.06 5.86
C THR A 106 -11.86 1.10 6.07
N SER A 107 -11.59 2.30 5.55
CA SER A 107 -12.53 3.41 5.57
C SER A 107 -11.88 4.62 4.91
N PRO A 108 -12.62 5.37 4.08
CA PRO A 108 -12.05 6.46 3.29
C PRO A 108 -11.23 7.44 4.12
N ASP A 109 -11.83 7.97 5.17
CA ASP A 109 -11.22 9.01 6.00
C ASP A 109 -9.88 8.55 6.57
N GLU A 110 -9.88 7.38 7.21
CA GLU A 110 -8.68 6.87 7.86
C GLU A 110 -7.58 6.61 6.85
N ALA A 111 -7.95 5.98 5.73
CA ALA A 111 -7.00 5.67 4.68
C ALA A 111 -6.34 6.94 4.15
N LYS A 112 -7.18 7.94 3.88
CA LYS A 112 -6.71 9.20 3.32
C LYS A 112 -5.78 9.91 4.30
N ARG A 113 -6.07 9.78 5.58
CA ARG A 113 -5.25 10.38 6.62
C ARG A 113 -3.81 9.87 6.57
N TRP A 114 -3.65 8.55 6.60
CA TRP A 114 -2.33 7.95 6.64
C TRP A 114 -1.57 8.25 5.35
N ILE A 115 -2.27 8.19 4.24
CA ILE A 115 -1.67 8.53 2.94
C ILE A 115 -1.24 9.99 2.94
N LYS A 116 -2.07 10.85 3.54
CA LYS A 116 -1.78 12.27 3.64
C LYS A 116 -0.52 12.50 4.45
N GLU A 117 -0.51 11.95 5.66
CA GLU A 117 0.59 12.16 6.60
C GLU A 117 1.93 11.71 6.02
N PHE A 118 1.91 10.67 5.20
CA PHE A 118 3.13 10.13 4.64
C PHE A 118 3.54 10.83 3.35
N SER A 119 2.56 11.34 2.60
CA SER A 119 2.85 11.95 1.30
C SER A 119 3.40 13.37 1.44
N GLU A 120 3.05 14.04 2.53
CA GLU A 120 3.50 15.41 2.76
C GLU A 120 4.94 15.43 3.28
N GLU A 121 5.50 14.25 3.49
CA GLU A 121 6.88 14.14 3.94
C GLU A 121 7.82 14.18 2.75
N GLY A 22 9.72 9.74 -1.56
CA GLY A 22 9.59 8.33 -2.02
C GLY A 22 8.55 7.57 -1.23
N LEU A 23 7.39 7.35 -1.84
CA LEU A 23 6.29 6.65 -1.19
C LEU A 23 5.72 5.57 -2.11
N LEU A 24 5.83 4.33 -1.69
CA LEU A 24 5.21 3.23 -2.40
C LEU A 24 4.04 2.72 -1.59
N VAL A 25 2.83 3.07 -2.02
CA VAL A 25 1.63 2.75 -1.27
C VAL A 25 0.86 1.65 -1.96
N LEU A 26 0.25 0.77 -1.18
CA LEU A 26 -0.56 -0.30 -1.73
C LEU A 26 -1.65 -0.69 -0.74
N ILE A 27 -2.81 -1.03 -1.26
CA ILE A 27 -3.96 -1.33 -0.43
C ILE A 27 -4.55 -2.68 -0.79
N TRP A 28 -4.77 -3.51 0.22
CA TRP A 28 -5.54 -4.72 0.03
C TRP A 28 -6.79 -4.64 0.90
N SER A 29 -7.87 -4.21 0.28
CA SER A 29 -9.17 -4.16 0.93
C SER A 29 -10.24 -4.49 -0.11
N ASN A 30 -11.42 -4.89 0.32
CA ASN A 30 -12.51 -5.02 -0.62
C ASN A 30 -13.67 -4.15 -0.18
N ASP A 31 -13.47 -2.85 -0.33
CA ASP A 31 -14.49 -1.85 -0.09
C ASP A 31 -14.79 -1.10 -1.38
N LYS A 32 -15.84 -0.30 -1.41
CA LYS A 32 -16.13 0.52 -2.57
C LYS A 32 -15.26 1.77 -2.59
N LYS A 33 -15.49 2.66 -1.63
CA LYS A 33 -14.89 3.98 -1.65
C LYS A 33 -13.54 4.03 -0.94
N LEU A 34 -13.20 2.99 -0.19
CA LEU A 34 -11.92 2.96 0.51
C LEU A 34 -10.79 3.07 -0.51
N ILE A 35 -10.86 2.25 -1.54
CA ILE A 35 -9.86 2.27 -2.59
C ILE A 35 -10.00 3.51 -3.45
N GLU A 36 -11.25 3.87 -3.75
CA GLU A 36 -11.55 5.03 -4.59
C GLU A 36 -10.95 6.31 -4.02
N GLU A 37 -11.33 6.65 -2.80
CA GLU A 37 -10.89 7.90 -2.16
C GLU A 37 -9.40 7.89 -1.90
N ALA A 38 -8.86 6.72 -1.55
CA ALA A 38 -7.45 6.59 -1.27
C ALA A 38 -6.61 6.81 -2.53
N ARG A 39 -7.06 6.23 -3.63
CA ARG A 39 -6.37 6.40 -4.90
C ARG A 39 -6.39 7.85 -5.33
N LYS A 40 -7.48 8.55 -5.03
CA LYS A 40 -7.62 9.96 -5.33
C LYS A 40 -6.58 10.80 -4.56
N MET A 41 -6.33 10.41 -3.32
CA MET A 41 -5.35 11.10 -2.49
C MET A 41 -3.94 10.81 -2.97
N ALA A 42 -3.69 9.56 -3.32
CA ALA A 42 -2.40 9.15 -3.84
C ALA A 42 -2.11 9.84 -5.17
N GLU A 43 -3.13 9.90 -6.01
CA GLU A 43 -3.05 10.54 -7.32
C GLU A 43 -2.70 12.02 -7.17
N LYS A 44 -3.25 12.66 -6.15
CA LYS A 44 -3.05 14.08 -5.94
C LYS A 44 -1.57 14.40 -5.71
N ALA A 45 -0.89 13.53 -4.98
CA ALA A 45 0.53 13.74 -4.69
C ALA A 45 1.41 12.94 -5.64
N ASN A 46 0.76 12.36 -6.65
CA ASN A 46 1.44 11.58 -7.69
C ASN A 46 2.19 10.39 -7.07
N LEU A 47 1.55 9.73 -6.12
CA LEU A 47 2.15 8.60 -5.42
C LEU A 47 1.81 7.31 -6.16
N TYR A 48 2.61 6.28 -5.96
CA TYR A 48 2.35 5.00 -6.60
C TYR A 48 1.57 4.10 -5.65
N LEU A 49 0.27 3.99 -5.89
CA LEU A 49 -0.61 3.17 -5.06
C LEU A 49 -1.06 1.95 -5.85
N LEU A 50 -0.74 0.78 -5.31
CA LEU A 50 -1.06 -0.49 -5.96
C LEU A 50 -2.32 -1.11 -5.35
N THR A 51 -3.20 -1.57 -6.22
CA THR A 51 -4.39 -2.31 -5.80
C THR A 51 -4.38 -3.68 -6.47
N LEU A 52 -3.94 -4.70 -5.73
CA LEU A 52 -3.70 -6.02 -6.31
C LEU A 52 -3.60 -7.10 -5.24
N GLU A 53 -3.24 -8.30 -5.65
CA GLU A 53 -3.05 -9.42 -4.73
C GLU A 53 -1.57 -9.57 -4.38
N THR A 54 -0.79 -10.06 -5.34
CA THR A 54 0.63 -10.29 -5.13
C THR A 54 1.45 -9.06 -5.50
N ASP A 55 2.31 -8.64 -4.58
CA ASP A 55 3.00 -7.36 -4.71
C ASP A 55 4.25 -7.48 -5.57
N ASP A 56 4.81 -8.68 -5.62
CA ASP A 56 6.11 -8.91 -6.24
C ASP A 56 6.14 -8.54 -7.72
N LYS A 57 5.00 -8.55 -8.38
CA LYS A 57 4.96 -8.26 -9.81
C LYS A 57 5.13 -6.77 -10.09
N LYS A 58 4.12 -5.99 -9.72
CA LYS A 58 4.09 -4.58 -10.07
C LYS A 58 5.11 -3.77 -9.27
N ILE A 59 5.35 -4.18 -8.03
CA ILE A 59 6.33 -3.48 -7.21
C ILE A 59 7.73 -3.66 -7.79
N GLU A 60 8.01 -4.80 -8.40
CA GLU A 60 9.29 -5.02 -9.05
C GLU A 60 9.64 -3.88 -10.00
N ASP A 61 8.70 -3.56 -10.87
CA ASP A 61 8.92 -2.49 -11.85
C ASP A 61 8.90 -1.11 -11.20
N ILE A 62 7.87 -0.87 -10.39
CA ILE A 62 7.67 0.44 -9.79
C ILE A 62 8.79 0.80 -8.80
N LEU A 63 9.12 -0.13 -7.93
CA LEU A 63 10.20 0.09 -6.94
C LEU A 63 11.53 0.35 -7.64
N LYS A 64 11.75 -0.33 -8.76
CA LYS A 64 12.96 -0.12 -9.54
C LYS A 64 12.98 1.29 -10.11
N SER A 65 11.80 1.87 -10.26
CA SER A 65 11.65 3.21 -10.80
C SER A 65 11.84 4.27 -9.72
N LEU A 66 11.55 3.90 -8.47
CA LEU A 66 11.73 4.83 -7.35
C LEU A 66 13.20 5.07 -7.07
N GLY A 67 14.00 4.00 -7.10
CA GLY A 67 15.43 4.14 -6.89
C GLY A 67 15.82 4.10 -5.42
N PRO A 68 16.14 5.27 -4.83
CA PRO A 68 16.47 5.40 -3.40
C PRO A 68 15.45 4.71 -2.48
N PRO A 69 15.90 4.38 -1.24
CA PRO A 69 15.04 3.78 -0.21
C PRO A 69 13.68 4.47 -0.12
N VAL A 70 12.65 3.75 -0.52
CA VAL A 70 11.30 4.28 -0.57
C VAL A 70 10.45 3.68 0.55
N LYS A 71 9.59 4.49 1.14
CA LYS A 71 8.73 4.04 2.24
C LYS A 71 7.57 3.22 1.69
N ILE A 72 7.36 2.04 2.25
CA ILE A 72 6.31 1.16 1.79
C ILE A 72 5.11 1.24 2.72
N LEU A 73 4.12 2.02 2.30
CA LEU A 73 2.91 2.21 3.09
C LEU A 73 1.84 1.23 2.62
N VAL A 74 1.54 0.24 3.42
CA VAL A 74 0.55 -0.75 3.03
C VAL A 74 -0.69 -0.66 3.91
N LEU A 75 -1.86 -0.78 3.29
CA LEU A 75 -3.11 -0.74 4.02
C LEU A 75 -3.84 -2.05 3.82
N LEU A 76 -4.39 -2.59 4.89
CA LEU A 76 -5.04 -3.89 4.83
C LEU A 76 -6.40 -3.83 5.50
N GLU A 77 -7.37 -4.54 4.94
CA GLU A 77 -8.67 -4.65 5.57
C GLU A 77 -8.72 -5.94 6.37
N ASP A 78 -9.11 -5.85 7.63
CA ASP A 78 -9.13 -7.03 8.49
C ASP A 78 -10.31 -7.92 8.14
N THR A 79 -10.09 -8.80 7.18
CA THR A 79 -11.03 -9.85 6.86
C THR A 79 -10.41 -11.20 7.22
N LYS A 80 -11.05 -12.31 6.90
CA LYS A 80 -10.43 -13.61 7.11
C LYS A 80 -9.26 -13.79 6.16
N ASP A 81 -9.41 -13.21 4.97
CA ASP A 81 -8.36 -13.20 3.96
C ASP A 81 -7.14 -12.44 4.45
N ALA A 82 -7.34 -11.53 5.39
CA ALA A 82 -6.25 -10.69 5.91
C ALA A 82 -5.18 -11.53 6.60
N ASP A 83 -5.55 -12.75 7.00
CA ASP A 83 -4.60 -13.64 7.67
C ASP A 83 -3.60 -14.22 6.67
N LYS A 84 -4.08 -14.58 5.49
CA LYS A 84 -3.21 -15.17 4.47
C LYS A 84 -2.41 -14.10 3.74
N VAL A 85 -3.09 -13.03 3.33
CA VAL A 85 -2.44 -11.99 2.52
C VAL A 85 -1.33 -11.29 3.30
N LYS A 86 -1.52 -11.12 4.61
CA LYS A 86 -0.48 -10.54 5.46
C LYS A 86 0.77 -11.41 5.41
N LYS A 87 0.58 -12.71 5.61
CA LYS A 87 1.68 -13.66 5.60
C LYS A 87 2.36 -13.69 4.23
N GLU A 88 1.56 -13.83 3.18
CA GLU A 88 2.09 -14.01 1.85
C GLU A 88 2.87 -12.78 1.39
N ILE A 89 2.30 -11.61 1.59
CA ILE A 89 2.93 -10.36 1.16
C ILE A 89 4.13 -10.03 2.04
N GLU A 90 4.04 -10.36 3.32
CA GLU A 90 5.13 -10.06 4.26
C GLU A 90 6.37 -10.87 3.90
N LYS A 91 6.16 -12.13 3.53
CA LYS A 91 7.26 -12.99 3.11
C LYS A 91 7.88 -12.46 1.81
N LYS A 92 7.02 -12.00 0.91
CA LYS A 92 7.45 -11.46 -0.38
C LYS A 92 8.22 -10.16 -0.20
N ALA A 93 7.69 -9.27 0.63
CA ALA A 93 8.34 -8.01 0.90
C ALA A 93 9.67 -8.23 1.60
N ARG A 94 9.67 -9.16 2.54
CA ARG A 94 10.89 -9.53 3.25
C ARG A 94 11.96 -10.03 2.28
N LYS A 95 11.55 -10.87 1.34
CA LYS A 95 12.45 -11.43 0.35
C LYS A 95 13.05 -10.32 -0.52
N LYS A 96 12.23 -9.33 -0.84
CA LYS A 96 12.68 -8.23 -1.69
C LYS A 96 13.31 -7.12 -0.87
N ASN A 97 13.56 -7.40 0.41
CA ASN A 97 14.24 -6.48 1.33
C ASN A 97 13.49 -5.17 1.47
N LEU A 98 12.17 -5.26 1.61
CA LEU A 98 11.33 -4.08 1.76
C LEU A 98 10.67 -4.06 3.12
N PRO A 99 10.95 -3.03 3.94
CA PRO A 99 10.23 -2.85 5.20
C PRO A 99 8.83 -2.34 4.96
N VAL A 100 7.84 -3.11 5.36
CA VAL A 100 6.46 -2.76 5.09
C VAL A 100 5.74 -2.29 6.35
N ARG A 101 4.99 -1.21 6.22
CA ARG A 101 4.20 -0.69 7.32
C ARG A 101 2.74 -1.07 7.12
N ILE A 102 2.33 -2.16 7.75
CA ILE A 102 0.97 -2.67 7.62
C ILE A 102 0.04 -2.00 8.63
N ARG A 103 -1.01 -1.38 8.13
CA ARG A 103 -2.07 -0.87 8.99
C ARG A 103 -3.41 -1.39 8.52
N LYS A 104 -4.13 -2.06 9.42
CA LYS A 104 -5.43 -2.62 9.08
C LYS A 104 -6.52 -1.60 9.34
N VAL A 105 -7.12 -1.10 8.27
CA VAL A 105 -8.12 -0.05 8.34
C VAL A 105 -9.27 -0.35 7.38
N THR A 106 -10.47 0.05 7.77
CA THR A 106 -11.57 0.08 6.83
C THR A 106 -12.37 1.35 7.04
N SER A 107 -12.02 2.37 6.28
CA SER A 107 -12.61 3.70 6.40
C SER A 107 -11.93 4.66 5.42
N PRO A 108 -12.70 5.17 4.44
CA PRO A 108 -12.18 6.15 3.47
C PRO A 108 -11.55 7.36 4.13
N ASP A 109 -12.10 7.79 5.27
CA ASP A 109 -11.56 8.95 5.98
C ASP A 109 -10.14 8.70 6.46
N GLU A 110 -9.94 7.56 7.13
CA GLU A 110 -8.62 7.23 7.66
C GLU A 110 -7.66 6.87 6.54
N ALA A 111 -8.17 6.22 5.50
CA ALA A 111 -7.36 5.86 4.34
C ALA A 111 -6.77 7.10 3.68
N LYS A 112 -7.59 8.13 3.52
CA LYS A 112 -7.14 9.40 2.96
C LYS A 112 -6.13 10.06 3.90
N ARG A 113 -6.39 9.93 5.19
CA ARG A 113 -5.57 10.56 6.22
C ARG A 113 -4.14 10.05 6.17
N TRP A 114 -3.97 8.73 6.27
CA TRP A 114 -2.64 8.14 6.30
C TRP A 114 -1.83 8.54 5.07
N ILE A 115 -2.49 8.61 3.93
CA ILE A 115 -1.81 8.94 2.68
C ILE A 115 -1.33 10.40 2.67
N LYS A 116 -2.19 11.32 3.08
CA LYS A 116 -1.81 12.72 3.07
C LYS A 116 -0.76 13.03 4.14
N GLU A 117 -0.76 12.25 5.22
CA GLU A 117 0.19 12.45 6.30
C GLU A 117 1.60 12.02 5.89
N PHE A 118 1.71 11.07 4.98
CA PHE A 118 3.02 10.61 4.52
C PHE A 118 3.55 11.49 3.41
N SER A 119 2.65 12.09 2.64
CA SER A 119 3.03 12.87 1.48
C SER A 119 3.51 14.26 1.89
N GLU A 120 3.18 14.68 3.11
CA GLU A 120 3.63 15.98 3.61
C GLU A 120 5.05 15.87 4.18
N GLU A 121 5.54 14.64 4.28
CA GLU A 121 6.91 14.41 4.73
C GLU A 121 7.82 14.24 3.52
N GLY A 22 10.91 8.87 -1.71
CA GLY A 22 9.83 8.24 -2.49
C GLY A 22 8.97 7.35 -1.64
N LEU A 23 7.70 7.22 -2.00
CA LEU A 23 6.77 6.39 -1.26
C LEU A 23 5.93 5.53 -2.19
N LEU A 24 5.51 4.39 -1.69
CA LEU A 24 4.62 3.50 -2.40
C LEU A 24 3.51 3.06 -1.47
N VAL A 25 2.28 3.00 -1.96
CA VAL A 25 1.16 2.62 -1.12
C VAL A 25 0.45 1.41 -1.71
N LEU A 26 0.38 0.34 -0.93
CA LEU A 26 -0.33 -0.86 -1.34
C LEU A 26 -1.70 -0.85 -0.68
N ILE A 27 -2.73 -1.22 -1.42
CA ILE A 27 -4.08 -1.17 -0.91
C ILE A 27 -4.84 -2.43 -1.28
N TRP A 28 -5.46 -3.06 -0.29
CA TRP A 28 -6.31 -4.20 -0.56
C TRP A 28 -7.50 -4.22 0.39
N SER A 29 -8.59 -3.64 -0.08
CA SER A 29 -9.87 -3.69 0.60
C SER A 29 -10.95 -3.72 -0.48
N ASN A 30 -11.96 -4.58 -0.34
CA ASN A 30 -13.03 -4.56 -1.32
C ASN A 30 -14.09 -3.57 -0.90
N ASP A 31 -13.78 -2.29 -1.04
CA ASP A 31 -14.73 -1.23 -0.76
C ASP A 31 -15.02 -0.46 -2.04
N LYS A 32 -16.11 0.28 -2.05
CA LYS A 32 -16.40 1.16 -3.18
C LYS A 32 -15.63 2.47 -3.08
N LYS A 33 -15.88 3.20 -2.01
CA LYS A 33 -15.35 4.56 -1.85
C LYS A 33 -13.91 4.58 -1.38
N LEU A 34 -13.57 3.65 -0.49
CA LEU A 34 -12.23 3.61 0.11
C LEU A 34 -11.15 3.63 -0.98
N ILE A 35 -11.27 2.72 -1.93
CA ILE A 35 -10.29 2.59 -3.00
C ILE A 35 -10.29 3.85 -3.87
N GLU A 36 -11.48 4.35 -4.18
CA GLU A 36 -11.63 5.50 -5.06
C GLU A 36 -11.05 6.76 -4.43
N GLU A 37 -11.48 7.08 -3.21
CA GLU A 37 -11.02 8.29 -2.54
C GLU A 37 -9.54 8.22 -2.22
N ALA A 38 -9.07 7.04 -1.82
CA ALA A 38 -7.65 6.85 -1.53
C ALA A 38 -6.81 7.10 -2.77
N ARG A 39 -7.34 6.68 -3.92
CA ARG A 39 -6.64 6.85 -5.19
C ARG A 39 -6.48 8.33 -5.51
N LYS A 40 -7.60 9.05 -5.50
CA LYS A 40 -7.58 10.50 -5.74
C LYS A 40 -6.61 11.20 -4.79
N MET A 41 -6.64 10.79 -3.53
CA MET A 41 -5.82 11.43 -2.50
C MET A 41 -4.33 11.15 -2.72
N ALA A 42 -4.02 9.94 -3.17
CA ALA A 42 -2.64 9.53 -3.42
C ALA A 42 -2.10 10.19 -4.69
N GLU A 43 -2.95 10.28 -5.71
CA GLU A 43 -2.56 10.88 -6.98
C GLU A 43 -2.11 12.34 -6.80
N LYS A 44 -2.66 12.99 -5.78
CA LYS A 44 -2.31 14.38 -5.48
C LYS A 44 -0.83 14.51 -5.15
N ALA A 45 -0.32 13.57 -4.37
CA ALA A 45 1.07 13.61 -3.93
C ALA A 45 1.93 12.69 -4.81
N ASN A 46 1.32 12.21 -5.89
CA ASN A 46 1.97 11.32 -6.84
C ASN A 46 2.42 10.03 -6.15
N LEU A 47 1.53 9.45 -5.36
CA LEU A 47 1.80 8.20 -4.68
C LEU A 47 1.14 7.06 -5.42
N TYR A 48 1.93 6.07 -5.83
CA TYR A 48 1.40 4.94 -6.58
C TYR A 48 0.70 3.96 -5.64
N LEU A 49 -0.51 3.59 -6.00
CA LEU A 49 -1.25 2.57 -5.28
C LEU A 49 -1.24 1.27 -6.06
N LEU A 50 -1.09 0.18 -5.35
CA LEU A 50 -1.04 -1.13 -5.97
C LEU A 50 -1.95 -2.09 -5.24
N THR A 51 -2.69 -2.88 -6.01
CA THR A 51 -3.58 -3.88 -5.45
C THR A 51 -2.83 -5.19 -5.24
N LEU A 52 -3.25 -5.97 -4.25
CA LEU A 52 -2.48 -7.15 -3.86
C LEU A 52 -2.96 -8.39 -4.61
N GLU A 53 -2.09 -8.85 -5.50
CA GLU A 53 -2.33 -10.04 -6.29
C GLU A 53 -1.01 -10.47 -6.92
N THR A 54 -0.43 -9.57 -7.68
CA THR A 54 0.89 -9.77 -8.26
C THR A 54 1.92 -8.98 -7.46
N ASP A 55 2.80 -9.69 -6.76
CA ASP A 55 3.72 -9.07 -5.83
C ASP A 55 5.01 -8.62 -6.52
N ASP A 56 5.86 -9.57 -6.90
CA ASP A 56 7.14 -9.24 -7.51
C ASP A 56 6.98 -8.65 -8.90
N LYS A 57 5.86 -8.92 -9.55
CA LYS A 57 5.61 -8.36 -10.86
C LYS A 57 5.22 -6.89 -10.77
N LYS A 58 4.13 -6.62 -10.07
CA LYS A 58 3.56 -5.29 -10.02
C LYS A 58 4.45 -4.33 -9.23
N ILE A 59 4.87 -4.77 -8.06
CA ILE A 59 5.62 -3.92 -7.13
C ILE A 59 7.04 -3.62 -7.65
N GLU A 60 7.77 -4.67 -8.03
CA GLU A 60 9.18 -4.52 -8.42
C GLU A 60 9.35 -3.48 -9.53
N ASP A 61 8.53 -3.60 -10.57
CA ASP A 61 8.63 -2.74 -11.74
C ASP A 61 8.55 -1.27 -11.36
N ILE A 62 7.54 -0.92 -10.57
CA ILE A 62 7.36 0.45 -10.14
C ILE A 62 8.39 0.83 -9.09
N LEU A 63 8.62 -0.07 -8.13
CA LEU A 63 9.60 0.14 -7.07
C LEU A 63 10.96 0.52 -7.67
N LYS A 64 11.36 -0.23 -8.69
CA LYS A 64 12.61 -0.01 -9.39
C LYS A 64 12.64 1.38 -10.02
N SER A 65 11.47 1.88 -10.37
CA SER A 65 11.34 3.18 -11.01
C SER A 65 11.46 4.31 -9.98
N LEU A 66 11.14 4.04 -8.71
CA LEU A 66 11.33 5.06 -7.67
C LEU A 66 12.81 5.21 -7.35
N GLY A 67 13.50 4.08 -7.22
CA GLY A 67 14.95 4.12 -7.10
C GLY A 67 15.45 3.69 -5.73
N PRO A 68 15.76 4.65 -4.85
CA PRO A 68 16.27 4.37 -3.50
C PRO A 68 15.27 3.60 -2.64
N PRO A 69 15.71 3.10 -1.46
CA PRO A 69 14.81 2.45 -0.50
C PRO A 69 13.62 3.31 -0.17
N VAL A 70 12.49 2.97 -0.74
CA VAL A 70 11.27 3.75 -0.59
C VAL A 70 10.35 3.10 0.43
N LYS A 71 9.71 3.92 1.26
CA LYS A 71 8.85 3.41 2.31
C LYS A 71 7.49 3.02 1.74
N ILE A 72 7.15 1.75 1.88
CA ILE A 72 5.88 1.27 1.39
C ILE A 72 4.83 1.24 2.51
N LEU A 73 3.76 1.98 2.31
CA LEU A 73 2.64 1.98 3.23
C LEU A 73 1.55 1.05 2.70
N VAL A 74 1.11 0.11 3.52
CA VAL A 74 0.09 -0.83 3.10
C VAL A 74 -1.20 -0.62 3.88
N LEU A 75 -2.28 -0.35 3.15
CA LEU A 75 -3.60 -0.23 3.75
C LEU A 75 -4.36 -1.52 3.52
N LEU A 76 -4.40 -2.36 4.54
CA LEU A 76 -4.97 -3.68 4.41
C LEU A 76 -6.28 -3.80 5.19
N GLU A 77 -7.28 -4.37 4.53
CA GLU A 77 -8.57 -4.65 5.17
C GLU A 77 -8.42 -5.86 6.09
N ASP A 78 -9.25 -5.93 7.12
CA ASP A 78 -9.17 -7.02 8.06
C ASP A 78 -10.22 -8.08 7.79
N THR A 79 -9.88 -9.00 6.91
CA THR A 79 -10.71 -10.16 6.66
C THR A 79 -9.97 -11.40 7.16
N LYS A 80 -10.64 -12.54 7.24
CA LYS A 80 -9.99 -13.75 7.73
C LYS A 80 -8.84 -14.17 6.82
N ASP A 81 -9.09 -14.18 5.52
CA ASP A 81 -8.07 -14.56 4.54
C ASP A 81 -7.00 -13.48 4.43
N ALA A 82 -7.38 -12.26 4.78
CA ALA A 82 -6.48 -11.11 4.72
C ALA A 82 -5.31 -11.25 5.71
N ASP A 83 -5.42 -12.21 6.62
CA ASP A 83 -4.37 -12.43 7.60
C ASP A 83 -3.24 -13.21 6.97
N LYS A 84 -3.60 -14.08 6.03
CA LYS A 84 -2.64 -14.89 5.31
C LYS A 84 -1.85 -14.02 4.33
N VAL A 85 -2.56 -13.15 3.60
CA VAL A 85 -1.92 -12.32 2.58
C VAL A 85 -0.96 -11.33 3.22
N LYS A 86 -1.32 -10.89 4.44
CA LYS A 86 -0.45 -10.02 5.21
C LYS A 86 0.89 -10.70 5.46
N LYS A 87 0.82 -11.95 5.89
CA LYS A 87 2.03 -12.71 6.22
C LYS A 87 2.80 -13.13 4.96
N GLU A 88 2.08 -13.38 3.88
CA GLU A 88 2.74 -13.77 2.63
C GLU A 88 3.63 -12.63 2.14
N ILE A 89 3.05 -11.44 2.07
CA ILE A 89 3.77 -10.26 1.66
C ILE A 89 4.85 -9.89 2.67
N GLU A 90 4.53 -10.08 3.94
CA GLU A 90 5.44 -9.74 5.04
C GLU A 90 6.70 -10.59 4.99
N LYS A 91 6.54 -11.89 4.82
CA LYS A 91 7.66 -12.82 4.77
C LYS A 91 8.46 -12.63 3.49
N LYS A 92 7.76 -12.39 2.40
CA LYS A 92 8.41 -12.10 1.13
C LYS A 92 9.25 -10.83 1.22
N ALA A 93 8.66 -9.79 1.79
CA ALA A 93 9.33 -8.50 1.94
C ALA A 93 10.58 -8.64 2.79
N ARG A 94 10.54 -9.55 3.76
CA ARG A 94 11.68 -9.81 4.62
C ARG A 94 12.85 -10.36 3.80
N LYS A 95 12.54 -11.30 2.90
CA LYS A 95 13.55 -11.88 2.01
C LYS A 95 13.81 -10.97 0.81
N LYS A 96 13.08 -9.87 0.73
CA LYS A 96 13.14 -8.99 -0.43
C LYS A 96 13.96 -7.73 -0.10
N ASN A 97 14.29 -7.58 1.18
CA ASN A 97 15.03 -6.43 1.68
C ASN A 97 14.25 -5.15 1.37
N LEU A 98 12.94 -5.25 1.50
CA LEU A 98 12.05 -4.16 1.12
C LEU A 98 11.25 -3.68 2.33
N PRO A 99 11.37 -2.39 2.69
CA PRO A 99 10.63 -1.81 3.83
C PRO A 99 9.13 -1.73 3.54
N VAL A 100 8.35 -2.42 4.37
CA VAL A 100 6.90 -2.47 4.19
C VAL A 100 6.19 -2.22 5.51
N ARG A 101 5.47 -1.11 5.59
CA ARG A 101 4.74 -0.74 6.80
C ARG A 101 3.25 -1.00 6.61
N ILE A 102 2.74 -2.05 7.22
CA ILE A 102 1.36 -2.45 7.04
C ILE A 102 0.47 -1.86 8.13
N ARG A 103 -0.67 -1.32 7.73
CA ARG A 103 -1.67 -0.83 8.66
C ARG A 103 -3.03 -1.39 8.30
N LYS A 104 -3.71 -1.94 9.29
CA LYS A 104 -5.03 -2.51 9.10
C LYS A 104 -6.08 -1.42 9.23
N VAL A 105 -6.77 -1.13 8.14
CA VAL A 105 -7.75 -0.06 8.13
C VAL A 105 -9.01 -0.48 7.37
N THR A 106 -10.15 -0.01 7.85
CA THR A 106 -11.35 -0.06 7.07
C THR A 106 -12.20 1.17 7.40
N SER A 107 -11.97 2.21 6.59
CA SER A 107 -12.61 3.51 6.73
C SER A 107 -12.01 4.44 5.69
N PRO A 108 -12.85 5.03 4.83
CA PRO A 108 -12.37 5.93 3.77
C PRO A 108 -11.64 7.15 4.33
N ASP A 109 -12.16 7.69 5.43
CA ASP A 109 -11.56 8.85 6.07
C ASP A 109 -10.20 8.51 6.66
N GLU A 110 -10.09 7.36 7.30
CA GLU A 110 -8.84 6.92 7.90
C GLU A 110 -7.78 6.66 6.83
N ALA A 111 -8.19 6.05 5.73
CA ALA A 111 -7.28 5.77 4.63
C ALA A 111 -6.65 7.05 4.09
N LYS A 112 -7.50 8.02 3.76
CA LYS A 112 -7.04 9.31 3.23
C LYS A 112 -6.19 10.04 4.28
N ARG A 113 -6.53 9.82 5.54
CA ARG A 113 -5.85 10.46 6.66
C ARG A 113 -4.37 10.06 6.71
N TRP A 114 -4.11 8.77 6.60
CA TRP A 114 -2.74 8.27 6.66
C TRP A 114 -1.97 8.66 5.40
N ILE A 115 -2.65 8.62 4.26
CA ILE A 115 -2.04 9.04 3.00
C ILE A 115 -1.69 10.53 3.05
N LYS A 116 -2.55 11.30 3.70
CA LYS A 116 -2.31 12.73 3.88
C LYS A 116 -1.04 12.97 4.68
N GLU A 117 -0.86 12.19 5.74
CA GLU A 117 0.34 12.27 6.57
C GLU A 117 1.58 11.94 5.75
N PHE A 118 1.48 10.91 4.93
CA PHE A 118 2.59 10.45 4.11
C PHE A 118 2.87 11.39 2.94
N SER A 119 1.92 12.25 2.62
CA SER A 119 2.07 13.19 1.49
C SER A 119 3.23 14.17 1.73
N GLU A 120 3.75 14.19 2.96
CA GLU A 120 4.88 15.04 3.29
C GLU A 120 6.20 14.27 3.20
N GLU A 121 6.09 12.96 3.03
CA GLU A 121 7.24 12.05 3.06
C GLU A 121 8.03 12.21 4.35
N GLY A 22 10.83 8.94 -1.51
CA GLY A 22 9.81 8.33 -2.38
C GLY A 22 8.82 7.50 -1.58
N LEU A 23 7.59 7.41 -2.07
CA LEU A 23 6.56 6.66 -1.39
C LEU A 23 5.78 5.76 -2.35
N LEU A 24 5.63 4.50 -1.97
CA LEU A 24 4.79 3.58 -2.70
C LEU A 24 3.72 3.07 -1.77
N VAL A 25 2.50 2.98 -2.26
CA VAL A 25 1.38 2.58 -1.44
C VAL A 25 0.59 1.47 -2.12
N LEU A 26 0.05 0.57 -1.35
CA LEU A 26 -0.83 -0.45 -1.89
C LEU A 26 -1.97 -0.70 -0.92
N ILE A 27 -3.14 -1.02 -1.45
CA ILE A 27 -4.32 -1.20 -0.62
C ILE A 27 -5.13 -2.39 -1.10
N TRP A 28 -5.38 -3.32 -0.19
CA TRP A 28 -6.21 -4.48 -0.51
C TRP A 28 -7.46 -4.45 0.36
N SER A 29 -8.53 -3.95 -0.21
CA SER A 29 -9.81 -3.90 0.46
C SER A 29 -10.92 -4.16 -0.56
N ASN A 30 -12.15 -4.34 -0.09
CA ASN A 30 -13.27 -4.37 -1.00
C ASN A 30 -14.45 -3.61 -0.41
N ASP A 31 -14.30 -2.29 -0.42
CA ASP A 31 -15.37 -1.38 -0.05
C ASP A 31 -15.76 -0.54 -1.25
N LYS A 32 -16.86 0.17 -1.19
CA LYS A 32 -17.20 1.11 -2.25
C LYS A 32 -16.31 2.35 -2.15
N LYS A 33 -16.33 2.97 -0.97
CA LYS A 33 -15.69 4.27 -0.78
C LYS A 33 -14.24 4.12 -0.32
N LEU A 34 -13.98 3.17 0.58
CA LEU A 34 -12.66 3.01 1.19
C LEU A 34 -11.59 2.85 0.10
N ILE A 35 -11.93 2.13 -0.97
CA ILE A 35 -11.04 1.98 -2.10
C ILE A 35 -10.94 3.28 -2.89
N GLU A 36 -12.09 3.78 -3.34
CA GLU A 36 -12.15 4.92 -4.24
C GLU A 36 -11.53 6.18 -3.62
N GLU A 37 -11.80 6.41 -2.34
CA GLU A 37 -11.29 7.59 -1.65
C GLU A 37 -9.77 7.55 -1.54
N ALA A 38 -9.23 6.39 -1.17
CA ALA A 38 -7.79 6.21 -1.07
C ALA A 38 -7.16 6.27 -2.46
N ARG A 39 -7.87 5.65 -3.41
CA ARG A 39 -7.48 5.63 -4.81
C ARG A 39 -7.23 7.04 -5.34
N LYS A 40 -8.21 7.91 -5.16
CA LYS A 40 -8.11 9.28 -5.65
C LYS A 40 -7.04 10.06 -4.90
N MET A 41 -6.97 9.88 -3.59
CA MET A 41 -5.99 10.60 -2.77
C MET A 41 -4.56 10.26 -3.18
N ALA A 42 -4.28 8.98 -3.35
CA ALA A 42 -2.95 8.54 -3.76
C ALA A 42 -2.64 9.00 -5.17
N GLU A 43 -3.67 9.02 -6.01
CA GLU A 43 -3.54 9.48 -7.39
C GLU A 43 -3.24 10.97 -7.43
N LYS A 44 -3.95 11.73 -6.60
CA LYS A 44 -3.75 13.18 -6.51
C LYS A 44 -2.37 13.51 -5.98
N ALA A 45 -1.83 12.62 -5.16
CA ALA A 45 -0.52 12.83 -4.56
C ALA A 45 0.59 12.28 -5.45
N ASN A 46 0.21 11.80 -6.63
CA ASN A 46 1.16 11.25 -7.61
C ASN A 46 1.91 10.06 -7.04
N LEU A 47 1.23 9.29 -6.21
CA LEU A 47 1.85 8.14 -5.56
C LEU A 47 1.62 6.89 -6.41
N TYR A 48 2.48 5.90 -6.20
CA TYR A 48 2.32 4.62 -6.86
C TYR A 48 1.50 3.70 -5.98
N LEU A 49 0.20 3.63 -6.27
CA LEU A 49 -0.73 2.83 -5.48
C LEU A 49 -1.08 1.55 -6.23
N LEU A 50 -0.84 0.42 -5.58
CA LEU A 50 -1.13 -0.87 -6.16
C LEU A 50 -2.32 -1.52 -5.47
N THR A 51 -3.35 -1.85 -6.24
CA THR A 51 -4.46 -2.60 -5.71
C THR A 51 -4.56 -3.95 -6.45
N LEU A 52 -4.02 -4.98 -5.81
CA LEU A 52 -3.85 -6.28 -6.44
C LEU A 52 -3.40 -7.32 -5.42
N GLU A 53 -3.25 -8.57 -5.86
CA GLU A 53 -2.88 -9.65 -4.94
C GLU A 53 -1.36 -9.81 -4.87
N THR A 54 -0.71 -9.99 -6.02
CA THR A 54 0.73 -10.19 -6.04
C THR A 54 1.45 -8.85 -6.20
N ASP A 55 2.09 -8.42 -5.12
CA ASP A 55 2.59 -7.06 -5.01
C ASP A 55 4.02 -6.88 -5.53
N ASP A 56 4.93 -7.70 -5.02
CA ASP A 56 6.37 -7.46 -5.19
C ASP A 56 6.80 -7.41 -6.66
N LYS A 57 6.10 -8.12 -7.53
CA LYS A 57 6.47 -8.15 -8.95
C LYS A 57 6.34 -6.75 -9.57
N LYS A 58 5.28 -6.03 -9.22
CA LYS A 58 5.08 -4.70 -9.76
C LYS A 58 5.83 -3.67 -8.93
N ILE A 59 5.87 -3.89 -7.62
CA ILE A 59 6.61 -3.01 -6.72
C ILE A 59 8.08 -2.96 -7.10
N GLU A 60 8.66 -4.12 -7.40
CA GLU A 60 10.07 -4.21 -7.77
C GLU A 60 10.35 -3.39 -9.03
N ASP A 61 9.48 -3.52 -10.02
CA ASP A 61 9.62 -2.77 -11.27
C ASP A 61 9.59 -1.27 -11.00
N ILE A 62 8.58 -0.83 -10.26
CA ILE A 62 8.41 0.58 -9.92
C ILE A 62 9.58 1.08 -9.09
N LEU A 63 9.89 0.35 -8.03
CA LEU A 63 10.95 0.75 -7.10
C LEU A 63 12.30 0.80 -7.81
N LYS A 64 12.55 -0.16 -8.68
CA LYS A 64 13.79 -0.19 -9.45
C LYS A 64 13.89 1.04 -10.36
N SER A 65 12.74 1.54 -10.79
CA SER A 65 12.70 2.74 -11.61
C SER A 65 12.93 3.98 -10.76
N LEU A 66 12.38 3.99 -9.56
CA LEU A 66 12.54 5.12 -8.65
C LEU A 66 13.97 5.19 -8.13
N GLY A 67 14.56 4.03 -7.82
CA GLY A 67 15.95 3.97 -7.44
C GLY A 67 16.16 3.70 -5.97
N PRO A 68 16.41 4.76 -5.17
CA PRO A 68 16.60 4.65 -3.70
C PRO A 68 15.47 3.88 -3.01
N PRO A 69 15.80 3.20 -1.90
CA PRO A 69 14.81 2.48 -1.07
C PRO A 69 13.58 3.34 -0.77
N VAL A 70 12.50 3.04 -1.46
CA VAL A 70 11.27 3.78 -1.32
C VAL A 70 10.44 3.25 -0.15
N LYS A 71 9.73 4.15 0.52
CA LYS A 71 8.91 3.77 1.66
C LYS A 71 7.62 3.13 1.17
N ILE A 72 7.37 1.91 1.61
CA ILE A 72 6.18 1.19 1.17
C ILE A 72 5.12 1.18 2.26
N LEU A 73 4.04 1.90 2.01
CA LEU A 73 2.91 1.92 2.90
C LEU A 73 1.86 0.95 2.41
N VAL A 74 1.49 0.01 3.25
CA VAL A 74 0.47 -0.96 2.88
C VAL A 74 -0.78 -0.74 3.71
N LEU A 75 -1.91 -0.67 3.04
CA LEU A 75 -3.16 -0.38 3.72
C LEU A 75 -4.10 -1.55 3.50
N LEU A 76 -4.41 -2.26 4.57
CA LEU A 76 -5.08 -3.53 4.45
C LEU A 76 -6.41 -3.53 5.18
N GLU A 77 -7.43 -4.06 4.52
CA GLU A 77 -8.72 -4.24 5.15
C GLU A 77 -8.75 -5.61 5.81
N ASP A 78 -9.53 -5.76 6.86
CA ASP A 78 -9.67 -7.07 7.49
C ASP A 78 -10.63 -7.93 6.71
N THR A 79 -10.10 -8.59 5.70
CA THR A 79 -10.84 -9.56 4.93
C THR A 79 -10.27 -10.96 5.19
N LYS A 80 -11.07 -12.00 4.99
CA LYS A 80 -10.58 -13.36 5.16
C LYS A 80 -9.41 -13.62 4.22
N ASP A 81 -9.60 -13.29 2.94
CA ASP A 81 -8.54 -13.43 1.94
C ASP A 81 -7.37 -12.51 2.25
N ALA A 82 -7.65 -11.39 2.90
CA ALA A 82 -6.66 -10.37 3.17
C ALA A 82 -5.65 -10.85 4.21
N ASP A 83 -6.03 -11.82 5.03
CA ASP A 83 -5.12 -12.34 6.04
C ASP A 83 -4.05 -13.17 5.35
N LYS A 84 -4.45 -13.78 4.25
CA LYS A 84 -3.53 -14.55 3.41
C LYS A 84 -2.52 -13.61 2.78
N VAL A 85 -2.98 -12.44 2.35
CA VAL A 85 -2.11 -11.44 1.75
C VAL A 85 -1.21 -10.83 2.82
N LYS A 86 -1.73 -10.73 4.05
CA LYS A 86 -0.99 -10.15 5.16
C LYS A 86 0.32 -10.91 5.41
N LYS A 87 0.22 -12.24 5.38
CA LYS A 87 1.38 -13.09 5.63
C LYS A 87 2.33 -13.09 4.44
N GLU A 88 1.82 -12.67 3.28
CA GLU A 88 2.64 -12.54 2.09
C GLU A 88 3.45 -11.26 2.15
N ILE A 89 2.76 -10.15 2.39
CA ILE A 89 3.38 -8.83 2.45
C ILE A 89 4.52 -8.78 3.46
N GLU A 90 4.33 -9.46 4.59
CA GLU A 90 5.30 -9.44 5.67
C GLU A 90 6.56 -10.23 5.26
N LYS A 91 6.36 -11.29 4.50
CA LYS A 91 7.48 -12.08 4.01
C LYS A 91 8.22 -11.36 2.89
N LYS A 92 7.50 -10.60 2.09
CA LYS A 92 8.11 -9.80 1.02
C LYS A 92 9.14 -8.86 1.61
N ALA A 93 8.73 -8.19 2.67
CA ALA A 93 9.58 -7.21 3.36
C ALA A 93 10.90 -7.82 3.81
N ARG A 94 10.84 -9.05 4.30
CA ARG A 94 12.01 -9.71 4.84
C ARG A 94 12.91 -10.22 3.72
N LYS A 95 12.29 -10.79 2.70
CA LYS A 95 13.04 -11.42 1.63
C LYS A 95 13.77 -10.39 0.77
N LYS A 96 13.04 -9.36 0.34
CA LYS A 96 13.60 -8.38 -0.59
C LYS A 96 14.08 -7.13 0.12
N ASN A 97 14.07 -7.20 1.45
CA ASN A 97 14.62 -6.15 2.33
C ASN A 97 14.01 -4.79 2.04
N LEU A 98 12.69 -4.71 2.11
CA LEU A 98 11.98 -3.46 1.85
C LEU A 98 11.09 -3.10 3.04
N PRO A 99 11.12 -1.84 3.49
CA PRO A 99 10.30 -1.38 4.62
C PRO A 99 8.82 -1.28 4.25
N VAL A 100 7.99 -2.05 4.94
CA VAL A 100 6.55 -2.02 4.73
C VAL A 100 5.84 -1.79 6.07
N ARG A 101 4.77 -1.04 6.06
CA ARG A 101 4.01 -0.80 7.29
C ARG A 101 2.54 -1.11 7.08
N ILE A 102 2.10 -2.21 7.69
CA ILE A 102 0.72 -2.66 7.60
C ILE A 102 -0.18 -1.86 8.51
N ARG A 103 -1.27 -1.34 7.95
CA ARG A 103 -2.26 -0.62 8.72
C ARG A 103 -3.66 -1.16 8.42
N LYS A 104 -4.28 -1.77 9.43
CA LYS A 104 -5.64 -2.28 9.30
C LYS A 104 -6.65 -1.17 9.53
N VAL A 105 -7.36 -0.78 8.49
CA VAL A 105 -8.33 0.30 8.59
C VAL A 105 -9.56 0.02 7.75
N THR A 106 -10.70 0.53 8.18
CA THR A 106 -11.85 0.66 7.31
C THR A 106 -12.53 1.99 7.61
N SER A 107 -12.13 3.01 6.86
CA SER A 107 -12.60 4.37 7.05
C SER A 107 -11.86 5.29 6.09
N PRO A 108 -12.57 5.87 5.10
CA PRO A 108 -12.00 6.83 4.16
C PRO A 108 -11.18 7.93 4.82
N ASP A 109 -11.59 8.36 6.00
CA ASP A 109 -10.86 9.39 6.75
C ASP A 109 -9.50 8.88 7.17
N GLU A 110 -9.49 7.74 7.86
CA GLU A 110 -8.26 7.13 8.33
C GLU A 110 -7.35 6.77 7.16
N ALA A 111 -7.96 6.29 6.08
CA ALA A 111 -7.21 5.91 4.88
C ALA A 111 -6.42 7.10 4.33
N LYS A 112 -7.09 8.23 4.20
CA LYS A 112 -6.45 9.42 3.65
C LYS A 112 -5.36 9.94 4.57
N ARG A 113 -5.54 9.74 5.87
CA ARG A 113 -4.57 10.22 6.85
C ARG A 113 -3.19 9.62 6.61
N TRP A 114 -3.14 8.30 6.54
CA TRP A 114 -1.87 7.59 6.41
C TRP A 114 -1.22 7.89 5.06
N ILE A 115 -2.04 8.10 4.04
CA ILE A 115 -1.54 8.46 2.72
C ILE A 115 -0.91 9.85 2.75
N LYS A 116 -1.49 10.73 3.56
CA LYS A 116 -1.00 12.10 3.67
C LYS A 116 0.23 12.14 4.56
N GLU A 117 0.19 11.36 5.63
CA GLU A 117 1.27 11.33 6.59
C GLU A 117 2.60 10.93 5.95
N PHE A 118 2.57 9.92 5.11
CA PHE A 118 3.78 9.39 4.52
C PHE A 118 4.29 10.25 3.37
N SER A 119 3.38 10.92 2.67
CA SER A 119 3.77 11.69 1.49
C SER A 119 4.13 13.13 1.86
N GLU A 120 3.37 13.73 2.76
CA GLU A 120 3.59 15.12 3.16
C GLU A 120 4.67 15.22 4.22
N GLU A 121 5.01 14.08 4.82
CA GLU A 121 6.03 14.01 5.87
C GLU A 121 5.61 14.82 7.08
N GLY A 22 10.66 8.82 -0.89
CA GLY A 22 9.66 8.27 -1.84
C GLY A 22 8.61 7.45 -1.13
N LEU A 23 7.39 7.43 -1.68
CA LEU A 23 6.29 6.71 -1.05
C LEU A 23 5.66 5.72 -2.01
N LEU A 24 5.43 4.51 -1.53
CA LEU A 24 4.68 3.51 -2.28
C LEU A 24 3.55 3.01 -1.41
N VAL A 25 2.32 3.25 -1.87
CA VAL A 25 1.15 2.86 -1.09
C VAL A 25 0.52 1.61 -1.68
N LEU A 26 0.52 0.54 -0.91
CA LEU A 26 -0.09 -0.71 -1.34
C LEU A 26 -1.39 -0.91 -0.58
N ILE A 27 -2.45 -1.24 -1.30
CA ILE A 27 -3.75 -1.39 -0.67
C ILE A 27 -4.39 -2.71 -1.08
N TRP A 28 -5.03 -3.37 -0.12
CA TRP A 28 -5.81 -4.56 -0.43
C TRP A 28 -7.07 -4.55 0.41
N SER A 29 -8.14 -4.03 -0.17
CA SER A 29 -9.44 -4.00 0.46
C SER A 29 -10.52 -4.16 -0.60
N ASN A 30 -11.76 -4.34 -0.20
CA ASN A 30 -12.86 -4.23 -1.13
C ASN A 30 -13.96 -3.38 -0.51
N ASP A 31 -13.67 -2.09 -0.39
CA ASP A 31 -14.66 -1.10 -0.01
C ASP A 31 -14.80 -0.07 -1.12
N LYS A 32 -16.04 0.35 -1.36
CA LYS A 32 -16.32 1.35 -2.39
C LYS A 32 -15.72 2.71 -2.03
N LYS A 33 -15.60 2.99 -0.74
CA LYS A 33 -15.06 4.26 -0.27
C LYS A 33 -13.53 4.21 -0.31
N LEU A 34 -12.96 3.20 0.36
CA LEU A 34 -11.51 3.02 0.42
C LEU A 34 -10.88 3.05 -0.96
N ILE A 35 -11.35 2.19 -1.85
CA ILE A 35 -10.75 2.04 -3.17
C ILE A 35 -10.87 3.32 -3.98
N GLU A 36 -11.97 4.04 -3.79
CA GLU A 36 -12.21 5.26 -4.54
C GLU A 36 -11.39 6.42 -3.98
N GLU A 37 -11.39 6.59 -2.66
CA GLU A 37 -10.72 7.71 -2.02
C GLU A 37 -9.20 7.56 -2.09
N ALA A 38 -8.71 6.33 -1.92
CA ALA A 38 -7.29 6.06 -2.00
C ALA A 38 -6.76 6.40 -3.39
N ARG A 39 -7.56 6.07 -4.41
CA ARG A 39 -7.21 6.37 -5.79
C ARG A 39 -7.17 7.89 -6.01
N LYS A 40 -8.11 8.59 -5.39
CA LYS A 40 -8.17 10.05 -5.49
C LYS A 40 -6.93 10.70 -4.89
N MET A 41 -6.56 10.27 -3.69
CA MET A 41 -5.42 10.84 -3.00
C MET A 41 -4.13 10.49 -3.74
N ALA A 42 -3.99 9.23 -4.12
CA ALA A 42 -2.83 8.77 -4.86
C ALA A 42 -2.64 9.57 -6.15
N GLU A 43 -3.74 9.93 -6.77
CA GLU A 43 -3.70 10.77 -7.97
C GLU A 43 -3.32 12.19 -7.61
N LYS A 44 -3.91 12.69 -6.53
CA LYS A 44 -3.73 14.06 -6.09
C LYS A 44 -2.27 14.34 -5.71
N ALA A 45 -1.63 13.39 -5.05
CA ALA A 45 -0.26 13.57 -4.60
C ALA A 45 0.74 12.86 -5.51
N ASN A 46 0.26 12.37 -6.65
CA ASN A 46 1.08 11.67 -7.64
C ASN A 46 1.82 10.49 -7.01
N LEU A 47 1.13 9.76 -6.16
CA LEU A 47 1.71 8.60 -5.49
C LEU A 47 1.31 7.33 -6.21
N TYR A 48 2.17 6.34 -6.19
CA TYR A 48 1.88 5.06 -6.81
C TYR A 48 1.09 4.17 -5.84
N LEU A 49 -0.19 4.00 -6.12
CA LEU A 49 -1.04 3.15 -5.32
C LEU A 49 -1.22 1.81 -6.01
N LEU A 50 -0.64 0.77 -5.43
CA LEU A 50 -0.68 -0.56 -6.03
C LEU A 50 -1.56 -1.50 -5.22
N THR A 51 -2.29 -2.34 -5.92
CA THR A 51 -3.11 -3.36 -5.28
C THR A 51 -2.27 -4.62 -5.09
N LEU A 52 -2.58 -5.41 -4.07
CA LEU A 52 -1.76 -6.57 -3.76
C LEU A 52 -2.27 -7.79 -4.52
N GLU A 53 -1.47 -8.19 -5.49
CA GLU A 53 -1.80 -9.32 -6.35
C GLU A 53 -0.52 -9.77 -7.05
N THR A 54 0.08 -8.86 -7.80
CA THR A 54 1.38 -9.09 -8.37
C THR A 54 2.45 -8.45 -7.48
N ASP A 55 3.20 -9.30 -6.81
CA ASP A 55 4.16 -8.84 -5.79
C ASP A 55 5.50 -8.47 -6.40
N ASP A 56 6.13 -9.44 -7.03
CA ASP A 56 7.51 -9.31 -7.49
C ASP A 56 7.65 -8.25 -8.58
N LYS A 57 6.79 -8.33 -9.58
CA LYS A 57 6.93 -7.48 -10.76
C LYS A 57 6.50 -6.04 -10.48
N LYS A 58 5.21 -5.83 -10.27
CA LYS A 58 4.66 -4.48 -10.17
C LYS A 58 5.29 -3.68 -9.03
N ILE A 59 5.32 -4.26 -7.85
CA ILE A 59 5.80 -3.55 -6.66
C ILE A 59 7.26 -3.13 -6.80
N GLU A 60 8.15 -4.10 -7.06
CA GLU A 60 9.58 -3.82 -7.04
C GLU A 60 10.00 -2.94 -8.23
N ASP A 61 9.51 -3.25 -9.42
CA ASP A 61 9.92 -2.51 -10.62
C ASP A 61 9.56 -1.04 -10.52
N ILE A 62 8.35 -0.74 -10.07
CA ILE A 62 7.88 0.63 -9.99
C ILE A 62 8.62 1.41 -8.91
N LEU A 63 8.90 0.75 -7.78
CA LEU A 63 9.56 1.42 -6.67
C LEU A 63 11.04 1.66 -7.00
N LYS A 64 11.62 0.75 -7.78
CA LYS A 64 13.00 0.90 -8.24
C LYS A 64 13.10 2.07 -9.21
N SER A 65 12.07 2.22 -10.04
CA SER A 65 12.04 3.27 -11.04
C SER A 65 11.89 4.65 -10.38
N LEU A 66 11.46 4.67 -9.13
CA LEU A 66 11.22 5.94 -8.43
C LEU A 66 12.52 6.56 -7.96
N GLY A 67 13.44 5.76 -7.43
CA GLY A 67 14.76 6.27 -7.08
C GLY A 67 14.99 6.39 -5.58
N PRO A 68 14.76 7.59 -5.00
CA PRO A 68 14.95 7.86 -3.56
C PRO A 68 14.34 6.80 -2.65
N PRO A 69 14.83 6.70 -1.40
CA PRO A 69 14.34 5.73 -0.41
C PRO A 69 12.83 5.71 -0.30
N VAL A 70 12.23 4.62 -0.73
CA VAL A 70 10.79 4.49 -0.78
C VAL A 70 10.26 3.80 0.48
N LYS A 71 9.29 4.43 1.11
CA LYS A 71 8.63 3.86 2.28
C LYS A 71 7.36 3.13 1.86
N ILE A 72 7.17 1.92 2.37
CA ILE A 72 6.06 1.09 1.94
C ILE A 72 4.93 1.10 2.95
N LEU A 73 3.87 1.79 2.60
CA LEU A 73 2.67 1.83 3.42
C LEU A 73 1.64 0.87 2.85
N VAL A 74 1.21 -0.08 3.65
CA VAL A 74 0.23 -1.07 3.22
C VAL A 74 -1.08 -0.90 3.98
N LEU A 75 -2.14 -0.62 3.24
CA LEU A 75 -3.47 -0.50 3.82
C LEU A 75 -4.25 -1.78 3.57
N LEU A 76 -4.54 -2.51 4.63
CA LEU A 76 -5.16 -3.82 4.50
C LEU A 76 -6.55 -3.83 5.13
N GLU A 77 -7.47 -4.53 4.49
CA GLU A 77 -8.80 -4.75 5.04
C GLU A 77 -8.77 -5.96 5.96
N ASP A 78 -9.20 -5.80 7.20
CA ASP A 78 -9.11 -6.90 8.17
C ASP A 78 -10.24 -7.89 8.00
N THR A 79 -10.03 -8.87 7.13
CA THR A 79 -10.95 -9.97 6.99
C THR A 79 -10.31 -11.26 7.49
N LYS A 80 -10.98 -12.38 7.34
CA LYS A 80 -10.44 -13.66 7.81
C LYS A 80 -9.36 -14.15 6.86
N ASP A 81 -9.62 -14.08 5.56
CA ASP A 81 -8.66 -14.50 4.55
C ASP A 81 -7.51 -13.51 4.44
N ALA A 82 -7.78 -12.26 4.83
CA ALA A 82 -6.75 -11.21 4.84
C ALA A 82 -5.60 -11.57 5.76
N ASP A 83 -5.88 -12.43 6.73
CA ASP A 83 -4.86 -12.83 7.70
C ASP A 83 -3.83 -13.69 7.00
N LYS A 84 -4.24 -14.31 5.90
CA LYS A 84 -3.36 -15.11 5.07
C LYS A 84 -2.52 -14.20 4.18
N VAL A 85 -3.16 -13.17 3.62
CA VAL A 85 -2.47 -12.23 2.74
C VAL A 85 -1.44 -11.43 3.55
N LYS A 86 -1.79 -11.09 4.78
CA LYS A 86 -0.89 -10.38 5.68
C LYS A 86 0.32 -11.24 6.00
N LYS A 87 0.09 -12.54 6.10
CA LYS A 87 1.11 -13.50 6.45
C LYS A 87 2.09 -13.70 5.30
N GLU A 88 1.59 -13.85 4.08
CA GLU A 88 2.42 -14.16 2.94
C GLU A 88 3.13 -12.92 2.39
N ILE A 89 2.41 -11.80 2.27
CA ILE A 89 3.00 -10.58 1.72
C ILE A 89 4.13 -10.10 2.62
N GLU A 90 3.98 -10.33 3.92
CA GLU A 90 5.03 -9.99 4.89
C GLU A 90 6.31 -10.74 4.54
N LYS A 91 6.18 -12.01 4.20
CA LYS A 91 7.33 -12.83 3.86
C LYS A 91 7.95 -12.39 2.55
N LYS A 92 7.11 -12.20 1.54
CA LYS A 92 7.56 -11.77 0.22
C LYS A 92 8.30 -10.44 0.30
N ALA A 93 7.78 -9.54 1.11
CA ALA A 93 8.42 -8.26 1.34
C ALA A 93 9.81 -8.45 1.96
N ARG A 94 9.92 -9.43 2.84
CA ARG A 94 11.20 -9.72 3.49
C ARG A 94 12.17 -10.37 2.51
N LYS A 95 11.63 -11.24 1.65
CA LYS A 95 12.44 -11.92 0.65
C LYS A 95 13.06 -10.93 -0.33
N LYS A 96 12.36 -9.83 -0.56
CA LYS A 96 12.83 -8.81 -1.50
C LYS A 96 13.53 -7.68 -0.76
N ASN A 97 13.82 -7.92 0.53
CA ASN A 97 14.51 -6.96 1.38
C ASN A 97 13.79 -5.62 1.40
N LEU A 98 12.48 -5.66 1.60
CA LEU A 98 11.68 -4.45 1.60
C LEU A 98 10.82 -4.38 2.87
N PRO A 99 11.23 -3.59 3.86
CA PRO A 99 10.42 -3.34 5.05
C PRO A 99 9.08 -2.71 4.70
N VAL A 100 8.00 -3.25 5.28
CA VAL A 100 6.66 -2.78 4.95
C VAL A 100 5.89 -2.46 6.23
N ARG A 101 5.07 -1.42 6.17
CA ARG A 101 4.23 -1.07 7.31
C ARG A 101 2.77 -1.37 6.99
N ILE A 102 2.27 -2.48 7.53
CA ILE A 102 0.91 -2.93 7.23
C ILE A 102 -0.06 -2.47 8.32
N ARG A 103 -0.99 -1.61 7.93
CA ARG A 103 -2.02 -1.14 8.83
C ARG A 103 -3.39 -1.57 8.31
N LYS A 104 -4.24 -2.05 9.21
CA LYS A 104 -5.55 -2.53 8.82
C LYS A 104 -6.62 -1.50 9.15
N VAL A 105 -7.16 -0.87 8.13
CA VAL A 105 -8.14 0.20 8.31
C VAL A 105 -9.33 0.01 7.39
N THR A 106 -10.50 0.37 7.85
CA THR A 106 -11.64 0.51 6.97
C THR A 106 -12.41 1.77 7.32
N SER A 107 -12.03 2.84 6.64
CA SER A 107 -12.59 4.18 6.80
C SER A 107 -11.83 5.11 5.85
N PRO A 108 -12.54 5.71 4.88
CA PRO A 108 -11.92 6.57 3.86
C PRO A 108 -11.15 7.74 4.46
N ASP A 109 -11.69 8.31 5.54
CA ASP A 109 -11.05 9.45 6.19
C ASP A 109 -9.70 9.07 6.79
N GLU A 110 -9.64 7.88 7.39
CA GLU A 110 -8.41 7.39 7.99
C GLU A 110 -7.40 7.03 6.91
N ALA A 111 -7.86 6.37 5.86
CA ALA A 111 -7.00 5.98 4.75
C ALA A 111 -6.32 7.19 4.14
N LYS A 112 -7.11 8.22 3.87
CA LYS A 112 -6.61 9.46 3.27
C LYS A 112 -5.52 10.08 4.12
N ARG A 113 -5.70 10.05 5.44
CA ARG A 113 -4.79 10.71 6.34
C ARG A 113 -3.43 10.03 6.36
N TRP A 114 -3.41 8.72 6.16
CA TRP A 114 -2.16 7.99 6.21
C TRP A 114 -1.39 8.16 4.90
N ILE A 115 -2.13 8.22 3.80
CA ILE A 115 -1.52 8.43 2.49
C ILE A 115 -0.86 9.82 2.44
N LYS A 116 -1.42 10.77 3.18
CA LYS A 116 -0.89 12.11 3.23
C LYS A 116 0.28 12.18 4.20
N GLU A 117 0.11 11.51 5.33
CA GLU A 117 1.09 11.54 6.40
C GLU A 117 2.46 11.04 5.94
N PHE A 118 2.45 10.14 4.98
CA PHE A 118 3.70 9.58 4.47
C PHE A 118 4.27 10.43 3.33
N SER A 119 3.39 11.04 2.55
CA SER A 119 3.82 11.79 1.36
C SER A 119 4.31 13.19 1.71
N GLU A 120 3.94 13.68 2.87
CA GLU A 120 4.31 15.02 3.29
C GLU A 120 5.80 15.13 3.63
N GLU A 121 6.43 13.99 3.87
CA GLU A 121 7.85 13.97 4.17
C GLU A 121 8.64 13.26 3.08
N GLY A 22 9.16 9.53 -2.02
CA GLY A 22 8.75 8.29 -2.71
C GLY A 22 7.92 7.39 -1.81
N LEU A 23 6.73 7.05 -2.27
CA LEU A 23 5.83 6.21 -1.48
C LEU A 23 5.12 5.20 -2.36
N LEU A 24 5.14 3.95 -1.93
CA LEU A 24 4.44 2.88 -2.63
C LEU A 24 3.27 2.42 -1.75
N VAL A 25 2.06 2.74 -2.17
CA VAL A 25 0.88 2.42 -1.36
C VAL A 25 0.18 1.16 -1.89
N LEU A 26 0.33 0.07 -1.18
CA LEU A 26 -0.40 -1.16 -1.50
C LEU A 26 -1.60 -1.29 -0.59
N ILE A 27 -2.77 -1.52 -1.16
CA ILE A 27 -3.97 -1.64 -0.36
C ILE A 27 -4.92 -2.66 -0.96
N TRP A 28 -5.16 -3.74 -0.22
CA TRP A 28 -6.10 -4.76 -0.66
C TRP A 28 -7.41 -4.59 0.07
N SER A 29 -8.36 -3.99 -0.60
CA SER A 29 -9.72 -3.87 -0.09
C SER A 29 -10.71 -4.00 -1.24
N ASN A 30 -11.78 -4.75 -1.04
CA ASN A 30 -12.84 -4.76 -2.03
C ASN A 30 -14.06 -4.04 -1.48
N ASP A 31 -13.93 -2.73 -1.40
CA ASP A 31 -15.00 -1.85 -0.96
C ASP A 31 -15.42 -0.94 -2.11
N LYS A 32 -16.50 -0.21 -1.95
CA LYS A 32 -16.90 0.76 -2.95
C LYS A 32 -16.09 2.05 -2.81
N LYS A 33 -16.32 2.79 -1.73
CA LYS A 33 -15.75 4.12 -1.58
C LYS A 33 -14.38 4.09 -0.89
N LEU A 34 -14.10 3.02 -0.14
CA LEU A 34 -12.83 2.89 0.57
C LEU A 34 -11.68 2.90 -0.44
N ILE A 35 -11.90 2.25 -1.58
CA ILE A 35 -10.92 2.24 -2.66
C ILE A 35 -10.89 3.60 -3.34
N GLU A 36 -12.06 4.17 -3.58
CA GLU A 36 -12.18 5.44 -4.28
C GLU A 36 -11.41 6.54 -3.56
N GLU A 37 -11.70 6.73 -2.28
CA GLU A 37 -11.08 7.79 -1.49
C GLU A 37 -9.58 7.57 -1.33
N ALA A 38 -9.14 6.33 -1.50
CA ALA A 38 -7.73 6.02 -1.44
C ALA A 38 -7.04 6.41 -2.75
N ARG A 39 -7.65 6.03 -3.87
CA ARG A 39 -7.09 6.32 -5.19
C ARG A 39 -6.95 7.81 -5.43
N LYS A 40 -8.04 8.55 -5.23
CA LYS A 40 -8.05 9.99 -5.46
C LYS A 40 -7.06 10.71 -4.54
N MET A 41 -6.89 10.19 -3.33
CA MET A 41 -5.99 10.79 -2.37
C MET A 41 -4.54 10.62 -2.80
N ALA A 42 -4.21 9.40 -3.22
CA ALA A 42 -2.86 9.07 -3.63
C ALA A 42 -2.51 9.76 -4.94
N GLU A 43 -3.48 9.86 -5.83
CA GLU A 43 -3.27 10.47 -7.14
C GLU A 43 -2.96 11.96 -6.99
N LYS A 44 -3.52 12.59 -5.95
CA LYS A 44 -3.28 14.00 -5.68
C LYS A 44 -1.80 14.27 -5.43
N ALA A 45 -1.16 13.41 -4.64
CA ALA A 45 0.24 13.60 -4.30
C ALA A 45 1.15 12.82 -5.24
N ASN A 46 0.56 12.35 -6.35
CA ASN A 46 1.30 11.63 -7.39
C ASN A 46 1.95 10.37 -6.83
N LEU A 47 1.23 9.67 -5.97
CA LEU A 47 1.76 8.47 -5.33
C LEU A 47 1.43 7.24 -6.13
N TYR A 48 2.25 6.20 -5.99
CA TYR A 48 2.02 4.94 -6.68
C TYR A 48 1.26 3.98 -5.78
N LEU A 49 0.00 3.74 -6.10
CA LEU A 49 -0.79 2.81 -5.30
C LEU A 49 -1.29 1.67 -6.17
N LEU A 50 -1.28 0.47 -5.60
CA LEU A 50 -1.64 -0.74 -6.31
C LEU A 50 -2.63 -1.57 -5.49
N THR A 51 -3.87 -1.62 -5.94
CA THR A 51 -4.88 -2.44 -5.28
C THR A 51 -4.86 -3.84 -5.87
N LEU A 52 -4.19 -4.75 -5.19
CA LEU A 52 -3.95 -6.09 -5.73
C LEU A 52 -3.36 -6.98 -4.63
N GLU A 53 -3.67 -8.29 -4.67
CA GLU A 53 -3.18 -9.23 -3.65
C GLU A 53 -1.64 -9.18 -3.53
N THR A 54 -0.93 -9.95 -4.36
CA THR A 54 0.52 -9.86 -4.38
C THR A 54 0.98 -9.26 -5.70
N ASP A 55 1.37 -8.00 -5.64
CA ASP A 55 1.77 -7.24 -6.82
C ASP A 55 3.28 -7.28 -7.01
N ASP A 56 3.96 -7.87 -6.02
CA ASP A 56 5.43 -7.84 -5.88
C ASP A 56 6.20 -8.02 -7.19
N LYS A 57 5.63 -8.69 -8.18
CA LYS A 57 6.27 -8.82 -9.48
C LYS A 57 6.37 -7.46 -10.18
N LYS A 58 5.22 -6.80 -10.34
CA LYS A 58 5.18 -5.51 -11.02
C LYS A 58 5.75 -4.42 -10.12
N ILE A 59 5.45 -4.52 -8.84
CA ILE A 59 6.00 -3.60 -7.84
C ILE A 59 7.52 -3.52 -7.95
N GLU A 60 8.16 -4.68 -8.11
CA GLU A 60 9.61 -4.75 -8.20
C GLU A 60 10.12 -3.89 -9.35
N ASP A 61 9.42 -3.93 -10.47
CA ASP A 61 9.80 -3.13 -11.63
C ASP A 61 9.68 -1.64 -11.33
N ILE A 62 8.54 -1.26 -10.76
CA ILE A 62 8.27 0.15 -10.43
C ILE A 62 9.25 0.66 -9.39
N LEU A 63 9.26 0.00 -8.24
CA LEU A 63 10.11 0.38 -7.11
C LEU A 63 11.59 0.46 -7.51
N LYS A 64 12.08 -0.56 -8.20
CA LYS A 64 13.48 -0.61 -8.59
C LYS A 64 13.80 0.44 -9.64
N SER A 65 12.79 0.84 -10.40
CA SER A 65 12.97 1.83 -11.45
C SER A 65 12.85 3.25 -10.89
N LEU A 66 12.39 3.36 -9.65
CA LEU A 66 12.28 4.66 -8.99
C LEU A 66 13.65 5.16 -8.54
N GLY A 67 14.49 4.27 -8.03
CA GLY A 67 15.85 4.64 -7.67
C GLY A 67 16.13 4.45 -6.20
N PRO A 68 15.96 5.50 -5.39
CA PRO A 68 16.17 5.44 -3.93
C PRO A 68 15.23 4.45 -3.27
N PRO A 69 15.56 4.00 -2.04
CA PRO A 69 14.71 3.09 -1.28
C PRO A 69 13.35 3.72 -0.97
N VAL A 70 12.37 3.36 -1.79
CA VAL A 70 11.04 3.92 -1.67
C VAL A 70 10.29 3.28 -0.51
N LYS A 71 9.59 4.11 0.26
CA LYS A 71 8.86 3.64 1.43
C LYS A 71 7.56 3.00 0.99
N ILE A 72 7.41 1.73 1.31
CA ILE A 72 6.19 1.01 0.96
C ILE A 72 5.22 1.03 2.14
N LEU A 73 4.03 1.52 1.87
CA LEU A 73 2.97 1.54 2.86
C LEU A 73 1.87 0.58 2.45
N VAL A 74 1.60 -0.39 3.28
CA VAL A 74 0.57 -1.37 2.97
C VAL A 74 -0.60 -1.19 3.93
N LEU A 75 -1.78 -1.04 3.36
CA LEU A 75 -2.97 -0.76 4.15
C LEU A 75 -4.04 -1.78 3.81
N LEU A 76 -4.66 -2.36 4.83
CA LEU A 76 -5.61 -3.44 4.61
C LEU A 76 -6.94 -3.15 5.30
N GLU A 77 -8.01 -3.43 4.59
CA GLU A 77 -9.31 -3.55 5.22
C GLU A 77 -9.43 -4.97 5.76
N ASP A 78 -9.80 -5.09 7.02
CA ASP A 78 -9.77 -6.39 7.71
C ASP A 78 -10.79 -7.35 7.10
N THR A 79 -10.35 -8.07 6.08
CA THR A 79 -11.17 -9.06 5.41
C THR A 79 -10.62 -10.46 5.68
N LYS A 80 -11.43 -11.49 5.53
CA LYS A 80 -10.99 -12.86 5.84
C LYS A 80 -9.82 -13.26 4.94
N ASP A 81 -9.98 -13.07 3.64
CA ASP A 81 -8.93 -13.42 2.67
C ASP A 81 -7.67 -12.58 2.87
N ALA A 82 -7.85 -11.38 3.41
CA ALA A 82 -6.76 -10.42 3.56
C ALA A 82 -5.70 -10.88 4.56
N ASP A 83 -6.03 -11.92 5.33
CA ASP A 83 -5.12 -12.44 6.34
C ASP A 83 -3.94 -13.11 5.67
N LYS A 84 -4.22 -13.73 4.53
CA LYS A 84 -3.22 -14.46 3.77
C LYS A 84 -2.42 -13.51 2.90
N VAL A 85 -3.02 -12.40 2.51
CA VAL A 85 -2.34 -11.41 1.68
C VAL A 85 -1.26 -10.71 2.50
N LYS A 86 -1.55 -10.47 3.77
CA LYS A 86 -0.63 -9.74 4.64
C LYS A 86 0.67 -10.53 4.83
N LYS A 87 0.53 -11.80 5.22
CA LYS A 87 1.69 -12.64 5.54
C LYS A 87 2.68 -12.73 4.39
N GLU A 88 2.16 -12.75 3.16
CA GLU A 88 3.03 -12.90 1.99
C GLU A 88 3.77 -11.60 1.72
N ILE A 89 3.07 -10.48 1.81
CA ILE A 89 3.69 -9.17 1.59
C ILE A 89 4.82 -8.94 2.60
N GLU A 90 4.58 -9.33 3.84
CA GLU A 90 5.57 -9.19 4.90
C GLU A 90 6.82 -10.01 4.61
N LYS A 91 6.63 -11.25 4.18
CA LYS A 91 7.75 -12.15 3.92
C LYS A 91 8.57 -11.65 2.72
N LYS A 92 7.89 -11.11 1.73
CA LYS A 92 8.56 -10.54 0.56
C LYS A 92 9.33 -9.29 0.96
N ALA A 93 8.75 -8.49 1.85
CA ALA A 93 9.36 -7.27 2.32
C ALA A 93 10.64 -7.55 3.10
N ARG A 94 10.58 -8.53 3.99
CA ARG A 94 11.73 -8.89 4.81
C ARG A 94 12.85 -9.47 3.95
N LYS A 95 12.48 -10.14 2.87
CA LYS A 95 13.46 -10.72 1.97
C LYS A 95 14.18 -9.63 1.20
N LYS A 96 13.47 -8.57 0.86
CA LYS A 96 14.05 -7.44 0.15
C LYS A 96 14.73 -6.47 1.11
N ASN A 97 14.62 -6.76 2.41
CA ASN A 97 15.29 -6.00 3.46
C ASN A 97 14.77 -4.55 3.47
N LEU A 98 13.50 -4.39 3.15
CA LEU A 98 12.90 -3.06 3.06
C LEU A 98 11.84 -2.89 4.15
N PRO A 99 11.97 -1.86 5.00
CA PRO A 99 11.00 -1.60 6.06
C PRO A 99 9.62 -1.23 5.50
N VAL A 100 8.62 -2.03 5.83
CA VAL A 100 7.27 -1.79 5.35
C VAL A 100 6.28 -1.73 6.51
N ARG A 101 5.55 -0.62 6.59
CA ARG A 101 4.58 -0.42 7.65
C ARG A 101 3.20 -0.88 7.18
N ILE A 102 2.65 -1.88 7.86
CA ILE A 102 1.35 -2.41 7.50
C ILE A 102 0.33 -2.10 8.59
N ARG A 103 -0.86 -1.63 8.19
CA ARG A 103 -1.92 -1.33 9.13
C ARG A 103 -3.28 -1.76 8.58
N LYS A 104 -4.20 -2.03 9.50
CA LYS A 104 -5.58 -2.34 9.14
C LYS A 104 -6.51 -1.22 9.60
N VAL A 105 -7.23 -0.64 8.67
CA VAL A 105 -8.15 0.45 8.97
C VAL A 105 -9.45 0.26 8.21
N THR A 106 -10.56 0.72 8.77
CA THR A 106 -11.79 0.77 8.02
C THR A 106 -12.48 2.11 8.23
N SER A 107 -12.16 3.05 7.33
CA SER A 107 -12.76 4.37 7.30
C SER A 107 -12.08 5.19 6.21
N PRO A 108 -12.83 5.81 5.29
CA PRO A 108 -12.25 6.58 4.18
C PRO A 108 -11.14 7.54 4.62
N ASP A 109 -11.49 8.48 5.49
CA ASP A 109 -10.54 9.51 5.92
C ASP A 109 -9.42 8.92 6.77
N GLU A 110 -9.65 7.73 7.33
CA GLU A 110 -8.60 7.05 8.10
C GLU A 110 -7.57 6.50 7.13
N ALA A 111 -8.04 6.03 5.98
CA ALA A 111 -7.14 5.58 4.92
C ALA A 111 -6.42 6.77 4.30
N LYS A 112 -7.17 7.82 4.02
CA LYS A 112 -6.61 9.05 3.46
C LYS A 112 -5.54 9.62 4.39
N ARG A 113 -5.75 9.42 5.69
CA ARG A 113 -4.82 9.89 6.73
C ARG A 113 -3.41 9.37 6.51
N TRP A 114 -3.27 8.05 6.46
CA TRP A 114 -1.95 7.43 6.36
C TRP A 114 -1.32 7.72 5.02
N ILE A 115 -2.14 7.87 4.00
CA ILE A 115 -1.67 8.22 2.67
C ILE A 115 -1.14 9.66 2.68
N LYS A 116 -1.75 10.48 3.52
CA LYS A 116 -1.41 11.90 3.61
C LYS A 116 -0.08 12.08 4.35
N GLU A 117 0.02 11.56 5.56
CA GLU A 117 1.17 11.80 6.41
C GLU A 117 2.45 11.17 5.82
N PHE A 118 2.29 10.10 5.06
CA PHE A 118 3.44 9.44 4.44
C PHE A 118 3.93 10.21 3.22
N SER A 119 3.04 10.98 2.59
CA SER A 119 3.42 11.76 1.41
C SER A 119 3.89 13.16 1.82
N GLU A 120 3.27 13.72 2.85
CA GLU A 120 3.65 15.03 3.35
C GLU A 120 4.98 14.97 4.08
N GLU A 121 5.15 13.96 4.92
CA GLU A 121 6.38 13.81 5.68
C GLU A 121 7.31 12.81 5.01
N GLY A 22 9.28 9.71 -2.03
CA GLY A 22 8.02 9.21 -2.62
C GLY A 22 7.35 8.20 -1.72
N LEU A 23 6.19 7.70 -2.15
CA LEU A 23 5.46 6.72 -1.36
C LEU A 23 4.75 5.73 -2.28
N LEU A 24 4.87 4.45 -1.95
CA LEU A 24 4.13 3.42 -2.66
C LEU A 24 3.12 2.80 -1.72
N VAL A 25 1.85 2.92 -2.08
CA VAL A 25 0.77 2.46 -1.21
C VAL A 25 0.25 1.11 -1.68
N LEU A 26 0.27 0.12 -0.81
CA LEU A 26 -0.25 -1.20 -1.13
C LEU A 26 -1.49 -1.46 -0.29
N ILE A 27 -2.65 -1.46 -0.93
CA ILE A 27 -3.90 -1.58 -0.20
C ILE A 27 -4.67 -2.84 -0.59
N TRP A 28 -5.15 -3.56 0.41
CA TRP A 28 -5.99 -4.73 0.16
C TRP A 28 -7.27 -4.63 0.98
N SER A 29 -8.31 -4.16 0.32
CA SER A 29 -9.63 -4.10 0.91
C SER A 29 -10.67 -4.44 -0.15
N ASN A 30 -11.91 -4.68 0.24
CA ASN A 30 -12.95 -4.79 -0.76
C ASN A 30 -14.12 -3.88 -0.43
N ASP A 31 -13.85 -2.59 -0.46
CA ASP A 31 -14.88 -1.58 -0.55
C ASP A 31 -14.64 -0.78 -1.81
N LYS A 32 -15.67 -0.59 -2.61
CA LYS A 32 -15.51 0.03 -3.92
C LYS A 32 -15.14 1.51 -3.79
N LYS A 33 -15.64 2.17 -2.76
CA LYS A 33 -15.36 3.59 -2.55
C LYS A 33 -14.06 3.78 -1.78
N LEU A 34 -13.78 2.88 -0.85
CA LEU A 34 -12.56 2.96 -0.03
C LEU A 34 -11.32 2.99 -0.91
N ILE A 35 -11.23 2.05 -1.85
CA ILE A 35 -10.09 1.97 -2.73
C ILE A 35 -9.99 3.22 -3.60
N GLU A 36 -11.13 3.66 -4.15
CA GLU A 36 -11.16 4.84 -5.01
C GLU A 36 -10.82 6.11 -4.24
N GLU A 37 -11.23 6.16 -2.97
CA GLU A 37 -10.98 7.31 -2.12
C GLU A 37 -9.47 7.48 -1.88
N ALA A 38 -8.83 6.39 -1.51
CA ALA A 38 -7.38 6.40 -1.30
C ALA A 38 -6.65 6.64 -2.61
N ARG A 39 -7.22 6.08 -3.68
CA ARG A 39 -6.65 6.20 -5.03
C ARG A 39 -6.53 7.65 -5.46
N LYS A 40 -7.64 8.38 -5.39
CA LYS A 40 -7.67 9.77 -5.85
C LYS A 40 -6.81 10.67 -4.97
N MET A 41 -6.73 10.35 -3.68
CA MET A 41 -5.96 11.14 -2.75
C MET A 41 -4.45 10.96 -2.99
N ALA A 42 -4.05 9.73 -3.27
CA ALA A 42 -2.66 9.44 -3.54
C ALA A 42 -2.27 9.91 -4.94
N GLU A 43 -3.23 9.88 -5.85
CA GLU A 43 -2.98 10.29 -7.23
C GLU A 43 -2.60 11.77 -7.29
N LYS A 44 -3.38 12.61 -6.61
CA LYS A 44 -3.15 14.04 -6.62
C LYS A 44 -1.86 14.40 -5.86
N ALA A 45 -1.41 13.51 -5.01
CA ALA A 45 -0.19 13.72 -4.25
C ALA A 45 1.02 13.11 -4.95
N ASN A 46 0.80 12.70 -6.20
CA ASN A 46 1.84 12.10 -7.04
C ASN A 46 2.39 10.82 -6.38
N LEU A 47 1.49 9.99 -5.91
CA LEU A 47 1.86 8.71 -5.33
C LEU A 47 1.31 7.58 -6.17
N TYR A 48 1.67 6.34 -5.83
CA TYR A 48 1.26 5.19 -6.63
C TYR A 48 0.73 4.08 -5.72
N LEU A 49 -0.30 3.38 -6.20
CA LEU A 49 -0.88 2.27 -5.46
C LEU A 49 -0.69 0.97 -6.21
N LEU A 50 -0.65 -0.12 -5.47
CA LEU A 50 -0.63 -1.44 -6.04
C LEU A 50 -1.49 -2.37 -5.20
N THR A 51 -2.15 -3.29 -5.87
CA THR A 51 -2.88 -4.34 -5.18
C THR A 51 -1.91 -5.49 -4.93
N LEU A 52 -2.11 -6.21 -3.85
CA LEU A 52 -1.10 -7.17 -3.42
C LEU A 52 -1.36 -8.54 -4.04
N GLU A 53 -0.51 -8.87 -5.00
CA GLU A 53 -0.62 -10.11 -5.75
C GLU A 53 0.79 -10.59 -6.10
N THR A 54 1.42 -9.88 -7.03
CA THR A 54 2.78 -10.17 -7.43
C THR A 54 3.73 -9.12 -6.85
N ASP A 55 4.53 -9.54 -5.88
CA ASP A 55 5.39 -8.64 -5.12
C ASP A 55 6.55 -8.16 -5.98
N ASP A 56 7.35 -9.11 -6.43
CA ASP A 56 8.55 -8.82 -7.20
C ASP A 56 8.22 -8.03 -8.45
N LYS A 57 7.19 -8.47 -9.16
CA LYS A 57 6.85 -7.92 -10.47
C LYS A 57 6.38 -6.48 -10.37
N LYS A 58 5.27 -6.25 -9.70
CA LYS A 58 4.64 -4.94 -9.69
C LYS A 58 5.32 -3.97 -8.74
N ILE A 59 5.53 -4.41 -7.50
CA ILE A 59 6.04 -3.53 -6.45
C ILE A 59 7.43 -2.99 -6.80
N GLU A 60 8.35 -3.87 -7.20
CA GLU A 60 9.71 -3.45 -7.47
C GLU A 60 9.78 -2.56 -8.71
N ASP A 61 8.92 -2.86 -9.69
CA ASP A 61 8.92 -2.12 -10.95
C ASP A 61 8.70 -0.64 -10.73
N ILE A 62 7.67 -0.32 -9.93
CA ILE A 62 7.37 1.07 -9.62
C ILE A 62 8.42 1.66 -8.69
N LEU A 63 8.90 0.86 -7.75
CA LEU A 63 9.91 1.33 -6.79
C LEU A 63 11.20 1.72 -7.52
N LYS A 64 11.54 0.94 -8.54
CA LYS A 64 12.70 1.24 -9.37
C LYS A 64 12.49 2.52 -10.18
N SER A 65 11.24 2.80 -10.50
CA SER A 65 10.90 3.96 -11.31
C SER A 65 11.06 5.25 -10.50
N LEU A 66 10.72 5.18 -9.21
CA LEU A 66 10.79 6.36 -8.35
C LEU A 66 12.22 6.86 -8.21
N GLY A 67 13.17 5.94 -8.05
CA GLY A 67 14.56 6.33 -7.89
C GLY A 67 15.04 6.19 -6.46
N PRO A 68 14.88 7.25 -5.63
CA PRO A 68 15.30 7.25 -4.22
C PRO A 68 14.66 6.13 -3.40
N PRO A 69 15.20 5.86 -2.20
CA PRO A 69 14.65 4.85 -1.28
C PRO A 69 13.22 5.21 -0.86
N VAL A 70 12.26 4.58 -1.51
CA VAL A 70 10.86 4.81 -1.23
C VAL A 70 10.39 3.93 -0.08
N LYS A 71 9.44 4.43 0.69
CA LYS A 71 8.91 3.67 1.81
C LYS A 71 7.56 3.07 1.42
N ILE A 72 7.33 1.83 1.81
CA ILE A 72 6.13 1.12 1.42
C ILE A 72 5.06 1.19 2.51
N LEU A 73 3.95 1.81 2.17
CA LEU A 73 2.82 1.89 3.09
C LEU A 73 1.81 0.80 2.74
N VAL A 74 1.77 -0.23 3.56
CA VAL A 74 0.82 -1.32 3.36
C VAL A 74 -0.43 -1.06 4.20
N LEU A 75 -1.57 -1.06 3.54
CA LEU A 75 -2.81 -0.71 4.19
C LEU A 75 -3.86 -1.79 3.93
N LEU A 76 -4.16 -2.55 4.96
CA LEU A 76 -5.03 -3.71 4.81
C LEU A 76 -6.33 -3.53 5.57
N GLU A 77 -7.42 -3.98 4.96
CA GLU A 77 -8.70 -4.07 5.63
C GLU A 77 -8.80 -5.45 6.27
N ASP A 78 -8.93 -5.49 7.59
CA ASP A 78 -8.90 -6.77 8.31
C ASP A 78 -10.10 -7.63 7.95
N THR A 79 -9.93 -8.41 6.90
CA THR A 79 -10.95 -9.34 6.44
C THR A 79 -10.44 -10.78 6.64
N LYS A 80 -11.33 -11.77 6.60
CA LYS A 80 -10.90 -13.16 6.71
C LYS A 80 -9.91 -13.50 5.58
N ASP A 81 -10.24 -13.05 4.37
CA ASP A 81 -9.36 -13.24 3.22
C ASP A 81 -8.02 -12.56 3.43
N ALA A 82 -8.07 -11.37 4.02
CA ALA A 82 -6.90 -10.54 4.20
C ALA A 82 -5.93 -11.13 5.22
N ASP A 83 -6.39 -12.13 5.96
CA ASP A 83 -5.52 -12.80 6.93
C ASP A 83 -4.52 -13.67 6.20
N LYS A 84 -4.99 -14.30 5.14
CA LYS A 84 -4.15 -15.18 4.34
C LYS A 84 -3.17 -14.37 3.51
N VAL A 85 -3.69 -13.37 2.81
CA VAL A 85 -2.86 -12.52 1.97
C VAL A 85 -1.80 -11.82 2.83
N LYS A 86 -2.18 -11.40 4.03
CA LYS A 86 -1.26 -10.72 4.93
C LYS A 86 -0.05 -11.59 5.22
N LYS A 87 -0.31 -12.82 5.63
CA LYS A 87 0.76 -13.75 5.99
C LYS A 87 1.71 -13.98 4.81
N GLU A 88 1.13 -14.18 3.63
CA GLU A 88 1.90 -14.44 2.43
C GLU A 88 2.69 -13.20 2.01
N ILE A 89 2.12 -12.03 2.23
CA ILE A 89 2.79 -10.79 1.92
C ILE A 89 3.94 -10.54 2.88
N GLU A 90 3.70 -10.73 4.18
CA GLU A 90 4.74 -10.55 5.19
C GLU A 90 5.97 -11.38 4.86
N LYS A 91 5.75 -12.66 4.59
CA LYS A 91 6.83 -13.58 4.26
C LYS A 91 7.55 -13.14 2.98
N LYS A 92 6.80 -12.89 1.92
CA LYS A 92 7.38 -12.55 0.63
C LYS A 92 8.08 -11.20 0.67
N ALA A 93 7.55 -10.26 1.43
CA ALA A 93 8.19 -8.95 1.58
C ALA A 93 9.50 -9.07 2.33
N ARG A 94 9.53 -9.96 3.32
CA ARG A 94 10.75 -10.23 4.07
C ARG A 94 11.78 -10.93 3.19
N LYS A 95 11.30 -11.88 2.39
CA LYS A 95 12.17 -12.62 1.48
C LYS A 95 12.61 -11.74 0.31
N LYS A 96 11.99 -10.57 0.20
CA LYS A 96 12.33 -9.64 -0.88
C LYS A 96 13.16 -8.47 -0.33
N ASN A 97 13.30 -8.45 0.99
CA ASN A 97 14.00 -7.37 1.70
C ASN A 97 13.34 -6.03 1.38
N LEU A 98 12.04 -5.97 1.63
CA LEU A 98 11.26 -4.77 1.34
C LEU A 98 10.68 -4.18 2.63
N PRO A 99 11.23 -3.05 3.11
CA PRO A 99 10.68 -2.36 4.29
C PRO A 99 9.23 -1.93 4.05
N VAL A 100 8.33 -2.44 4.89
CA VAL A 100 6.91 -2.16 4.74
C VAL A 100 6.28 -1.78 6.07
N ARG A 101 5.34 -0.85 6.04
CA ARG A 101 4.58 -0.51 7.24
C ARG A 101 3.15 -0.98 7.08
N ILE A 102 2.81 -2.07 7.75
CA ILE A 102 1.48 -2.66 7.60
C ILE A 102 0.51 -2.09 8.62
N ARG A 103 -0.55 -1.48 8.13
CA ARG A 103 -1.59 -0.91 8.99
C ARG A 103 -2.96 -1.45 8.58
N LYS A 104 -3.80 -1.76 9.57
CA LYS A 104 -5.12 -2.30 9.30
C LYS A 104 -6.19 -1.25 9.61
N VAL A 105 -6.92 -0.82 8.60
CA VAL A 105 -7.95 0.20 8.77
C VAL A 105 -9.17 -0.13 7.93
N THR A 106 -10.33 0.29 8.39
CA THR A 106 -11.51 0.36 7.55
C THR A 106 -12.16 1.72 7.70
N SER A 107 -11.80 2.63 6.81
CA SER A 107 -12.28 4.01 6.85
C SER A 107 -11.62 4.81 5.73
N PRO A 108 -12.43 5.42 4.85
CA PRO A 108 -11.93 6.26 3.76
C PRO A 108 -11.17 7.48 4.28
N ASP A 109 -11.68 8.08 5.35
CA ASP A 109 -11.09 9.27 5.93
C ASP A 109 -9.70 8.97 6.50
N GLU A 110 -9.60 7.84 7.21
CA GLU A 110 -8.32 7.40 7.76
C GLU A 110 -7.30 7.17 6.66
N ALA A 111 -7.72 6.45 5.62
CA ALA A 111 -6.85 6.16 4.49
C ALA A 111 -6.27 7.42 3.89
N LYS A 112 -7.13 8.40 3.63
CA LYS A 112 -6.71 9.68 3.07
C LYS A 112 -5.68 10.35 3.96
N ARG A 113 -5.88 10.25 5.27
CA ARG A 113 -5.00 10.91 6.22
C ARG A 113 -3.61 10.26 6.25
N TRP A 114 -3.57 8.94 6.33
CA TRP A 114 -2.29 8.23 6.43
C TRP A 114 -1.47 8.43 5.16
N ILE A 115 -2.15 8.62 4.05
CA ILE A 115 -1.50 8.93 2.79
C ILE A 115 -0.96 10.35 2.82
N LYS A 116 -1.77 11.28 3.33
CA LYS A 116 -1.35 12.66 3.47
C LYS A 116 -0.15 12.80 4.41
N GLU A 117 -0.17 12.01 5.49
CA GLU A 117 0.92 12.03 6.48
C GLU A 117 2.27 11.76 5.81
N PHE A 118 2.30 10.79 4.93
CA PHE A 118 3.55 10.41 4.27
C PHE A 118 3.81 11.30 3.07
N SER A 119 2.78 11.98 2.61
CA SER A 119 2.92 12.90 1.48
C SER A 119 3.57 14.21 1.95
N GLU A 120 3.65 14.40 3.26
CA GLU A 120 4.31 15.56 3.83
C GLU A 120 5.36 15.13 4.85
N GLU A 121 5.84 13.90 4.71
CA GLU A 121 6.88 13.37 5.57
C GLU A 121 8.17 13.21 4.78
N GLY A 22 10.95 8.66 -3.69
CA GLY A 22 10.80 7.19 -3.56
C GLY A 22 9.83 6.82 -2.45
N LEU A 23 8.54 6.83 -2.77
CA LEU A 23 7.51 6.50 -1.80
C LEU A 23 6.40 5.69 -2.47
N LEU A 24 6.01 4.58 -1.87
CA LEU A 24 5.00 3.71 -2.46
C LEU A 24 3.93 3.36 -1.43
N VAL A 25 2.68 3.29 -1.90
CA VAL A 25 1.55 2.97 -1.04
C VAL A 25 0.64 1.97 -1.75
N LEU A 26 -0.09 1.19 -0.98
CA LEU A 26 -1.11 0.31 -1.54
C LEU A 26 -2.16 -0.02 -0.49
N ILE A 27 -3.35 -0.38 -0.95
CA ILE A 27 -4.46 -0.65 -0.04
C ILE A 27 -5.28 -1.84 -0.52
N TRP A 28 -5.45 -2.82 0.34
CA TRP A 28 -6.26 -3.98 0.02
C TRP A 28 -7.53 -3.96 0.86
N SER A 29 -8.59 -3.48 0.25
CA SER A 29 -9.92 -3.52 0.82
C SER A 29 -10.91 -3.81 -0.29
N ASN A 30 -12.06 -4.39 0.03
CA ASN A 30 -13.08 -4.57 -0.98
C ASN A 30 -14.31 -3.75 -0.62
N ASP A 31 -14.17 -2.44 -0.74
CA ASP A 31 -15.28 -1.52 -0.63
C ASP A 31 -15.46 -0.79 -1.95
N LYS A 32 -16.56 -0.10 -2.15
CA LYS A 32 -16.75 0.67 -3.36
C LYS A 32 -16.02 2.00 -3.28
N LYS A 33 -16.45 2.84 -2.35
CA LYS A 33 -15.96 4.21 -2.26
C LYS A 33 -14.63 4.31 -1.53
N LEU A 34 -14.39 3.37 -0.61
CA LEU A 34 -13.16 3.36 0.19
C LEU A 34 -11.94 3.40 -0.74
N ILE A 35 -11.90 2.46 -1.67
CA ILE A 35 -10.78 2.35 -2.61
C ILE A 35 -10.65 3.63 -3.43
N GLU A 36 -11.78 4.13 -3.89
CA GLU A 36 -11.83 5.34 -4.71
C GLU A 36 -11.28 6.55 -3.95
N GLU A 37 -11.72 6.72 -2.71
CA GLU A 37 -11.27 7.84 -1.88
C GLU A 37 -9.77 7.72 -1.59
N ALA A 38 -9.31 6.51 -1.37
CA ALA A 38 -7.91 6.25 -1.06
C ALA A 38 -7.01 6.58 -2.24
N ARG A 39 -7.33 6.04 -3.41
CA ARG A 39 -6.50 6.22 -4.60
C ARG A 39 -6.40 7.69 -5.00
N LYS A 40 -7.44 8.46 -4.70
CA LYS A 40 -7.45 9.88 -5.02
C LYS A 40 -6.38 10.63 -4.23
N MET A 41 -6.20 10.23 -2.98
CA MET A 41 -5.19 10.85 -2.13
C MET A 41 -3.79 10.44 -2.55
N ALA A 42 -3.68 9.23 -3.08
CA ALA A 42 -2.41 8.74 -3.60
C ALA A 42 -2.08 9.44 -4.91
N GLU A 43 -3.07 9.56 -5.78
CA GLU A 43 -2.91 10.25 -7.05
C GLU A 43 -2.53 11.71 -6.81
N LYS A 44 -3.16 12.29 -5.80
CA LYS A 44 -2.92 13.68 -5.43
C LYS A 44 -1.47 13.90 -4.99
N ALA A 45 -0.86 12.87 -4.41
CA ALA A 45 0.48 12.99 -3.87
C ALA A 45 1.52 12.30 -4.75
N ASN A 46 1.11 11.96 -5.97
CA ASN A 46 2.00 11.32 -6.95
C ASN A 46 2.52 9.97 -6.41
N LEU A 47 1.65 9.25 -5.74
CA LEU A 47 2.01 7.95 -5.18
C LEU A 47 1.52 6.82 -6.06
N TYR A 48 2.28 5.74 -6.10
CA TYR A 48 1.91 4.57 -6.88
C TYR A 48 1.14 3.59 -5.98
N LEU A 49 -0.18 3.75 -5.93
CA LEU A 49 -1.00 2.88 -5.10
C LEU A 49 -1.53 1.69 -5.90
N LEU A 50 -1.62 0.56 -5.25
CA LEU A 50 -2.14 -0.64 -5.87
C LEU A 50 -3.23 -1.26 -5.00
N THR A 51 -4.17 -1.94 -5.64
CA THR A 51 -5.18 -2.69 -4.94
C THR A 51 -5.43 -4.01 -5.67
N LEU A 52 -4.81 -5.08 -5.18
CA LEU A 52 -4.85 -6.36 -5.87
C LEU A 52 -4.21 -7.45 -5.02
N GLU A 53 -4.29 -8.70 -5.47
CA GLU A 53 -3.74 -9.83 -4.71
C GLU A 53 -2.24 -9.97 -4.94
N THR A 54 -1.82 -9.96 -6.20
CA THR A 54 -0.40 -10.13 -6.51
C THR A 54 0.24 -8.80 -6.89
N ASP A 55 1.04 -8.26 -5.99
CA ASP A 55 1.69 -6.97 -6.20
C ASP A 55 3.06 -7.16 -6.82
N ASP A 56 3.55 -8.39 -6.74
CA ASP A 56 4.93 -8.76 -7.12
C ASP A 56 5.42 -8.09 -8.39
N LYS A 57 4.72 -8.27 -9.49
CA LYS A 57 5.22 -7.82 -10.78
C LYS A 57 5.23 -6.30 -10.87
N LYS A 58 4.15 -5.68 -10.42
CA LYS A 58 4.00 -4.23 -10.57
C LYS A 58 4.90 -3.47 -9.60
N ILE A 59 4.82 -3.80 -8.32
CA ILE A 59 5.56 -3.06 -7.31
C ILE A 59 7.06 -3.22 -7.49
N GLU A 60 7.52 -4.41 -7.82
CA GLU A 60 8.95 -4.62 -7.98
C GLU A 60 9.46 -3.84 -9.19
N ASP A 61 8.64 -3.79 -10.22
CA ASP A 61 8.96 -3.01 -11.42
C ASP A 61 9.06 -1.52 -11.08
N ILE A 62 8.01 -1.01 -10.45
CA ILE A 62 7.98 0.40 -10.05
C ILE A 62 9.12 0.72 -9.09
N LEU A 63 9.37 -0.18 -8.16
CA LEU A 63 10.42 0.02 -7.16
C LEU A 63 11.80 0.04 -7.80
N LYS A 64 12.06 -0.90 -8.71
CA LYS A 64 13.32 -0.93 -9.43
C LYS A 64 13.48 0.31 -10.32
N SER A 65 12.35 0.89 -10.72
CA SER A 65 12.36 2.08 -11.56
C SER A 65 12.51 3.35 -10.73
N LEU A 66 12.22 3.25 -9.44
CA LEU A 66 12.32 4.42 -8.55
C LEU A 66 13.76 4.67 -8.10
N GLY A 67 14.50 3.61 -7.77
CA GLY A 67 15.90 3.77 -7.44
C GLY A 67 16.20 3.58 -5.96
N PRO A 68 16.25 4.69 -5.19
CA PRO A 68 16.52 4.65 -3.74
C PRO A 68 15.54 3.76 -2.98
N PRO A 69 15.97 3.22 -1.83
CA PRO A 69 15.11 2.42 -0.94
C PRO A 69 13.79 3.12 -0.65
N VAL A 70 12.74 2.61 -1.26
CA VAL A 70 11.42 3.20 -1.16
C VAL A 70 10.67 2.69 0.06
N LYS A 71 10.04 3.60 0.79
CA LYS A 71 9.26 3.25 1.95
C LYS A 71 7.85 2.86 1.51
N ILE A 72 7.41 1.69 1.95
CA ILE A 72 6.13 1.15 1.50
C ILE A 72 5.08 1.18 2.61
N LEU A 73 3.94 1.77 2.31
CA LEU A 73 2.80 1.76 3.20
C LEU A 73 1.75 0.78 2.68
N VAL A 74 1.21 -0.04 3.56
CA VAL A 74 0.20 -1.01 3.15
C VAL A 74 -1.03 -0.90 4.04
N LEU A 75 -2.17 -0.66 3.41
CA LEU A 75 -3.44 -0.60 4.12
C LEU A 75 -4.18 -1.92 3.94
N LEU A 76 -4.44 -2.60 5.04
CA LEU A 76 -5.09 -3.89 4.98
C LEU A 76 -6.45 -3.85 5.67
N GLU A 77 -7.50 -4.12 4.92
CA GLU A 77 -8.82 -4.28 5.50
C GLU A 77 -8.88 -5.64 6.18
N ASP A 78 -9.39 -5.69 7.40
CA ASP A 78 -9.35 -6.93 8.18
C ASP A 78 -10.41 -7.90 7.66
N THR A 79 -10.02 -8.68 6.67
CA THR A 79 -10.89 -9.70 6.09
C THR A 79 -10.32 -11.09 6.41
N LYS A 80 -11.04 -12.14 6.06
CA LYS A 80 -10.51 -13.50 6.21
C LYS A 80 -9.27 -13.69 5.35
N ASP A 81 -9.40 -13.41 4.06
CA ASP A 81 -8.30 -13.54 3.10
C ASP A 81 -7.09 -12.72 3.52
N ALA A 82 -7.34 -11.67 4.30
CA ALA A 82 -6.32 -10.72 4.69
C ALA A 82 -5.22 -11.34 5.55
N ASP A 83 -5.44 -12.56 6.04
CA ASP A 83 -4.43 -13.22 6.87
C ASP A 83 -3.26 -13.63 5.99
N LYS A 84 -3.58 -13.95 4.75
CA LYS A 84 -2.59 -14.41 3.80
C LYS A 84 -1.91 -13.22 3.13
N VAL A 85 -2.69 -12.21 2.77
CA VAL A 85 -2.14 -11.06 2.05
C VAL A 85 -1.11 -10.35 2.91
N LYS A 86 -1.32 -10.36 4.22
CA LYS A 86 -0.39 -9.73 5.14
C LYS A 86 0.96 -10.44 5.09
N LYS A 87 0.95 -11.75 5.30
CA LYS A 87 2.20 -12.51 5.35
C LYS A 87 2.88 -12.56 3.98
N GLU A 88 2.11 -12.34 2.92
CA GLU A 88 2.66 -12.32 1.57
C GLU A 88 3.50 -11.06 1.36
N ILE A 89 2.97 -9.92 1.79
CA ILE A 89 3.67 -8.66 1.68
C ILE A 89 4.88 -8.65 2.62
N GLU A 90 4.71 -9.22 3.81
CA GLU A 90 5.81 -9.33 4.77
C GLU A 90 6.93 -10.20 4.22
N LYS A 91 6.55 -11.30 3.59
CA LYS A 91 7.50 -12.27 3.04
C LYS A 91 8.45 -11.59 2.07
N LYS A 92 7.90 -10.78 1.18
CA LYS A 92 8.71 -10.12 0.16
C LYS A 92 9.47 -8.94 0.76
N ALA A 93 8.91 -8.34 1.81
CA ALA A 93 9.54 -7.21 2.48
C ALA A 93 10.87 -7.64 3.10
N ARG A 94 10.88 -8.83 3.68
CA ARG A 94 12.09 -9.37 4.29
C ARG A 94 13.08 -9.82 3.22
N LYS A 95 12.55 -10.26 2.08
CA LYS A 95 13.39 -10.71 0.98
C LYS A 95 14.09 -9.53 0.30
N LYS A 96 13.38 -8.42 0.13
CA LYS A 96 13.93 -7.24 -0.52
C LYS A 96 14.61 -6.31 0.50
N ASN A 97 14.46 -6.66 1.78
CA ASN A 97 15.08 -5.90 2.88
C ASN A 97 14.49 -4.50 3.01
N LEU A 98 13.19 -4.39 2.77
CA LEU A 98 12.52 -3.10 2.87
C LEU A 98 11.42 -3.16 3.92
N PRO A 99 11.42 -2.24 4.89
CA PRO A 99 10.39 -2.19 5.92
C PRO A 99 9.03 -1.78 5.35
N VAL A 100 8.02 -2.61 5.57
CA VAL A 100 6.67 -2.28 5.14
C VAL A 100 5.83 -1.86 6.34
N ARG A 101 5.18 -0.71 6.23
CA ARG A 101 4.35 -0.22 7.31
C ARG A 101 2.93 -0.73 7.13
N ILE A 102 2.57 -1.71 7.94
CA ILE A 102 1.28 -2.36 7.84
C ILE A 102 0.25 -1.68 8.72
N ARG A 103 -0.76 -1.11 8.10
CA ARG A 103 -1.82 -0.45 8.82
C ARG A 103 -3.18 -1.05 8.44
N LYS A 104 -3.83 -1.69 9.40
CA LYS A 104 -5.14 -2.25 9.17
C LYS A 104 -6.21 -1.17 9.27
N VAL A 105 -6.86 -0.90 8.17
CA VAL A 105 -7.88 0.14 8.11
C VAL A 105 -8.98 -0.22 7.15
N THR A 106 -10.19 0.15 7.51
CA THR A 106 -11.29 0.12 6.59
C THR A 106 -12.24 1.27 6.89
N SER A 107 -12.01 2.38 6.19
CA SER A 107 -12.81 3.59 6.28
C SER A 107 -12.22 4.64 5.36
N PRO A 108 -13.04 5.44 4.67
CA PRO A 108 -12.53 6.47 3.76
C PRO A 108 -11.58 7.43 4.47
N ASP A 109 -11.99 7.92 5.63
CA ASP A 109 -11.23 8.94 6.37
C ASP A 109 -9.84 8.45 6.77
N GLU A 110 -9.74 7.23 7.27
CA GLU A 110 -8.44 6.68 7.65
C GLU A 110 -7.56 6.44 6.43
N ALA A 111 -8.17 6.03 5.34
CA ALA A 111 -7.43 5.70 4.13
C ALA A 111 -6.82 6.98 3.55
N LYS A 112 -7.59 8.05 3.64
CA LYS A 112 -7.11 9.36 3.23
C LYS A 112 -5.98 9.82 4.13
N ARG A 113 -6.17 9.65 5.43
CA ARG A 113 -5.24 10.15 6.43
C ARG A 113 -3.85 9.55 6.26
N TRP A 114 -3.75 8.22 6.32
CA TRP A 114 -2.45 7.56 6.34
C TRP A 114 -1.68 7.76 5.03
N ILE A 115 -2.38 7.66 3.90
CA ILE A 115 -1.77 7.88 2.60
C ILE A 115 -1.24 9.32 2.47
N LYS A 116 -2.03 10.27 2.96
CA LYS A 116 -1.66 11.68 2.88
C LYS A 116 -0.55 11.98 3.87
N GLU A 117 -0.69 11.43 5.07
CA GLU A 117 0.30 11.57 6.12
C GLU A 117 1.67 11.09 5.65
N PHE A 118 1.69 9.91 5.04
CA PHE A 118 2.93 9.29 4.57
C PHE A 118 3.64 10.19 3.55
N SER A 119 2.87 10.83 2.70
CA SER A 119 3.44 11.64 1.62
C SER A 119 3.63 13.09 2.04
N GLU A 120 2.96 13.49 3.12
CA GLU A 120 3.00 14.87 3.59
C GLU A 120 4.43 15.30 3.92
N GLU A 121 5.13 14.46 4.65
CA GLU A 121 6.50 14.75 5.03
C GLU A 121 7.41 13.57 4.73
#